data_8QY4
#
_entry.id   8QY4
#
_cell.length_a   1.00
_cell.length_b   1.00
_cell.length_c   1.00
_cell.angle_alpha   90.00
_cell.angle_beta   90.00
_cell.angle_gamma   90.00
#
_symmetry.space_group_name_H-M   'P 1'
#
loop_
_entity.id
_entity.type
_entity.pdbx_description
1 polymer Interleukin-11
2 polymer 'Interleukin-6 receptor subunit beta'
3 polymer 'Interleukin-11 receptor subunit alpha'
4 branched 2-acetamido-2-deoxy-beta-D-glucopyranose-(1-4)-2-acetamido-2-deoxy-beta-D-glucopyranose
5 non-polymer 2-acetamido-2-deoxy-beta-D-glucopyranose
#
loop_
_entity_poly.entity_id
_entity_poly.type
_entity_poly.pdbx_seq_one_letter_code
_entity_poly.pdbx_strand_id
1 'polypeptide(L)'
;MNCVCRLVLVVLSLWPDTAVAPGPPPGPPRVSPDPRAELDSTVLLTRSLLADTRQLAAQLRDKFPADGDHNLDSLPTLAM
SAGALGALQLPGVLTRLRADLLSYLRHVQWLRRAGGSSLKTLEPELGTLQARLDRLLRRLQLLMSRLALPQPPPDPPAPP
LAPPSSAWGGIRAAHAILGGLHLTLDWAVRGLLLLKTRL
;
A,D
2 'polypeptide(L)'
;MSAPRIWLAQALLFFLTTESIGQLLEPCGYIYPEFPVVQRGSNFTAICVLKEACLQHYYVNASYIVWKTNHAAVPREQVT
VINRTTSSVTFTDVVLPSVQLTCNILSFGQIEQNVYGVTMLSGFPPDKPTNLTCIVNEGKNMLCQWDPGRETYLETNYTL
KSEWATEKFPDCQSKHGTSCMVSYMPTYYVNIEVWVEAENALGKVSSESINFDPVDKVKPTPPYNLSVTNSEELSSILKL
SWVSSGLGGLLDLKSDIQYRTKDASTWIQVPLEDTMSPRTSFTVQDLKPFTEYVFRIRSIKDSGKGYWSDWSEEASGTTY
EDRPSRPPSFWYKTNPSHGQEYRSVRLIWKALPLSEANGKILDYEVILTQSKSVSQTYTVTGTELTVNLTNDRYVASLAA
RNKVGKSAAAVLTIPSPHVTAAYSVVNLKAFPKDNLLWVEWTPPPKPVSKYILEWCVLSENAPCVEDWQQEDATVNRTHL
RGRLLESKCYQITVTLVFATGPGGSESLKAYLKQAAPARGPTVRTKKVGKNEAVLAWDQIPVDDQNGFIRNYSISYRTSV
GKEMVVHVDSSHTEYTLSSLSSDTLYMVRMAAYTDEGGKDGPEFTFTTPKFAQGEIEAIVVPVCLAFLLTTLLGVLFCFN
KRDLIKKHIWPNVPDPSKSHIAQWSPHTPPRHNFNSKDQMYSDGNFTDVSVVEIEANNKKPCPDDLKSVDLFKKEKVSTE
GHSSGIGGSSCMSSSRPSISSNEENESAQSTASTVQYSTVVHSGYRHQVPSVQVFSRSESTQPLLDSEERPEDLQLVDSV
DGGDEILPRQPYFKQNCSQPEACPEISHFERSNQVLSGNEEDFVRLKQQQVSDHISQPYGSEQRRLFQEGSTADALGTGA
DGQMERFESVGMETTIDEEIPKSYLPQTVRQGGYMPQ
;
C,F
3 'polypeptide(L)'
;MSSSCSGLSRVLVAVATALVSASSPCPQAWGPPGVQYGQPGRSVKLCCPGVTAGDPVSWFRDGEPKLLQGPDSGLGHELV
LAQADSTDEGTYICQTLDGALGGTVTLQLGYPPARPVVSCQAADYENFSCTWSPSQISGLPTRYLTSYRKKTVLGADSQR
RSPSTGPWPCPQDPLGAARCVVHGAEFWSQYRINVTEVNPLGASTRLLDVSLQSILRPDPPQGLRVESVPGYPRRLRASW
TYPASWPCQPHFLLKFRLQYRPAQHPAWSTVEPAGLEEVITDAVAGLPHAVRVSARDFLDAGTWSTWSPEAWGTPSTGTI
PKEIPAWGQLHTQPEVEPQVDSPAPPRPSLQPHPRLLDHRDSVEQVAVLASLGILSFLGLVAGALALGLWLRLRRGGKDG
SPKPGFLASVIPVDRRPGAPNL
;
B,E
#
loop_
_chem_comp.id
_chem_comp.type
_chem_comp.name
_chem_comp.formula
NAG D-saccharide, beta linking 2-acetamido-2-deoxy-beta-D-glucopyranose 'C8 H15 N O6'
#
# COMPACT_ATOMS: atom_id res chain seq x y z
N PRO A 35 49.99 -17.38 -18.28
CA PRO A 35 49.32 -17.37 -16.98
C PRO A 35 48.96 -15.96 -16.52
N ARG A 36 49.10 -14.98 -17.41
CA ARG A 36 48.91 -13.58 -17.01
C ARG A 36 47.50 -13.33 -16.52
N ALA A 37 46.49 -13.96 -17.13
CA ALA A 37 45.15 -13.87 -16.58
C ALA A 37 45.05 -14.49 -15.20
N GLU A 38 45.83 -15.54 -14.95
CA GLU A 38 45.90 -16.09 -13.60
C GLU A 38 46.54 -15.08 -12.65
N LEU A 39 47.59 -14.40 -13.11
CA LEU A 39 48.29 -13.46 -12.24
C LEU A 39 47.44 -12.25 -11.89
N ASP A 40 46.85 -11.58 -12.89
CA ASP A 40 45.97 -10.44 -12.59
C ASP A 40 44.75 -10.86 -11.78
N SER A 41 44.15 -12.03 -12.07
CA SER A 41 43.06 -12.51 -11.23
C SER A 41 43.50 -12.66 -9.78
N THR A 42 44.64 -13.31 -9.55
CA THR A 42 45.12 -13.50 -8.18
C THR A 42 45.38 -12.16 -7.52
N VAL A 43 46.03 -11.25 -8.22
CA VAL A 43 46.26 -9.89 -7.73
C VAL A 43 44.96 -9.26 -7.24
N LEU A 44 43.94 -9.21 -8.12
CA LEU A 44 42.69 -8.56 -7.75
C LEU A 44 42.03 -9.25 -6.56
N LEU A 45 42.04 -10.58 -6.54
CA LEU A 45 41.49 -11.29 -5.38
C LEU A 45 42.24 -10.96 -4.10
N THR A 46 43.57 -10.84 -4.17
CA THR A 46 44.32 -10.49 -2.97
C THR A 46 44.07 -9.05 -2.55
N ARG A 47 43.84 -8.15 -3.50
CA ARG A 47 43.49 -6.77 -3.18
C ARG A 47 42.16 -6.71 -2.44
N SER A 48 41.13 -7.36 -2.99
CA SER A 48 39.85 -7.50 -2.30
C SER A 48 40.02 -8.02 -0.87
N LEU A 49 40.78 -9.12 -0.72
CA LEU A 49 41.02 -9.69 0.61
C LEU A 49 41.74 -8.71 1.53
N LEU A 50 42.73 -8.00 1.00
CA LEU A 50 43.44 -6.96 1.75
C LEU A 50 42.48 -5.91 2.27
N ALA A 51 41.71 -5.30 1.37
CA ALA A 51 40.69 -4.34 1.78
C ALA A 51 39.75 -4.87 2.85
N ASP A 52 39.09 -6.02 2.62
CA ASP A 52 38.26 -6.57 3.70
C ASP A 52 39.01 -6.72 5.03
N THR A 53 40.16 -7.38 5.01
CA THR A 53 40.99 -7.49 6.20
C THR A 53 41.18 -6.15 6.90
N ARG A 54 41.56 -5.12 6.14
CA ARG A 54 41.69 -3.77 6.67
C ARG A 54 40.42 -3.31 7.38
N GLN A 55 39.28 -3.43 6.70
CA GLN A 55 38.03 -2.99 7.30
C GLN A 55 37.78 -3.70 8.63
N LEU A 56 37.89 -5.03 8.62
CA LEU A 56 37.67 -5.83 9.82
C LEU A 56 38.61 -5.43 10.95
N ALA A 57 39.90 -5.29 10.64
CA ALA A 57 40.87 -4.81 11.61
C ALA A 57 40.44 -3.49 12.24
N ALA A 58 40.07 -2.52 11.41
CA ALA A 58 39.61 -1.23 11.94
C ALA A 58 38.40 -1.40 12.84
N GLN A 59 37.42 -2.19 12.39
CA GLN A 59 36.22 -2.46 13.17
C GLN A 59 36.56 -2.99 14.55
N LEU A 60 37.38 -4.04 14.59
CA LEU A 60 37.87 -4.62 15.83
C LEU A 60 38.56 -3.56 16.69
N ARG A 61 39.55 -2.87 16.11
CA ARG A 61 40.26 -1.82 16.84
C ARG A 61 39.30 -0.83 17.46
N ASP A 62 38.17 -0.56 16.80
CA ASP A 62 37.30 0.52 17.26
C ASP A 62 36.28 0.05 18.28
N LYS A 63 35.78 -1.19 18.15
CA LYS A 63 34.89 -1.72 19.17
C LYS A 63 35.65 -2.38 20.32
N PHE A 64 36.84 -2.90 20.08
CA PHE A 64 37.69 -3.47 21.13
C PHE A 64 39.07 -2.82 21.13
N PRO A 65 39.15 -1.50 21.33
CA PRO A 65 40.44 -0.84 21.54
C PRO A 65 41.36 -1.61 22.48
N ALA A 66 42.52 -1.97 21.94
CA ALA A 66 43.58 -2.70 22.62
C ALA A 66 44.88 -2.07 22.19
N ASP A 67 45.73 -1.71 23.14
CA ASP A 67 46.85 -0.83 22.85
C ASP A 67 48.19 -1.57 22.95
N GLY A 68 49.15 -1.07 22.18
CA GLY A 68 50.46 -1.69 22.09
C GLY A 68 50.54 -2.90 21.17
N ASP A 69 51.48 -3.78 21.49
CA ASP A 69 51.83 -4.93 20.67
C ASP A 69 51.14 -6.19 21.19
N HIS A 70 50.20 -6.71 20.40
CA HIS A 70 49.65 -8.04 20.56
C HIS A 70 50.19 -8.95 19.46
N ASN A 71 51.11 -9.84 19.82
CA ASN A 71 51.79 -10.72 18.89
C ASN A 71 51.66 -12.15 19.37
N LEU A 72 51.55 -13.09 18.42
CA LEU A 72 51.67 -14.51 18.68
C LEU A 72 53.01 -15.01 18.15
N ASP A 73 53.76 -15.69 19.01
CA ASP A 73 55.03 -16.29 18.63
C ASP A 73 54.88 -17.32 17.51
N SER A 74 53.69 -17.88 17.33
CA SER A 74 53.47 -18.91 16.33
C SER A 74 53.16 -18.36 14.95
N LEU A 75 52.86 -17.07 14.84
CA LEU A 75 52.64 -16.45 13.56
C LEU A 75 53.94 -16.33 12.75
N PRO A 76 53.88 -16.50 11.43
CA PRO A 76 55.08 -16.24 10.61
C PRO A 76 55.50 -14.78 10.68
N THR A 77 56.81 -14.56 10.55
CA THR A 77 57.38 -13.21 10.59
C THR A 77 57.94 -12.84 9.21
N LEU A 78 57.51 -11.69 8.71
CA LEU A 78 58.18 -11.03 7.59
C LEU A 78 59.43 -10.31 8.08
N ALA A 79 60.57 -10.62 7.48
CA ALA A 79 61.85 -10.06 7.88
C ALA A 79 62.73 -9.81 6.66
N MET A 80 62.14 -9.26 5.59
CA MET A 80 62.91 -8.95 4.39
C MET A 80 62.67 -7.50 3.99
N SER A 81 63.74 -6.90 3.47
CA SER A 81 63.77 -5.52 3.00
C SER A 81 62.90 -5.32 1.77
N ALA A 82 62.45 -4.08 1.58
CA ALA A 82 61.88 -3.69 0.30
C ALA A 82 62.81 -4.04 -0.87
N GLY A 83 64.11 -3.82 -0.70
CA GLY A 83 65.06 -4.18 -1.75
C GLY A 83 65.22 -5.67 -1.95
N ALA A 84 64.94 -6.47 -0.92
CA ALA A 84 65.06 -7.93 -1.03
C ALA A 84 63.88 -8.56 -1.76
N LEU A 85 62.67 -8.11 -1.46
CA LEU A 85 61.50 -8.50 -2.23
C LEU A 85 61.78 -8.42 -3.73
N GLY A 86 62.28 -7.27 -4.18
CA GLY A 86 62.63 -7.10 -5.58
C GLY A 86 63.62 -8.10 -6.13
N ALA A 87 64.36 -8.81 -5.29
CA ALA A 87 65.34 -9.76 -5.80
C ALA A 87 64.89 -11.22 -5.78
N LEU A 88 63.78 -11.53 -5.12
CA LEU A 88 63.33 -12.92 -5.02
C LEU A 88 62.94 -13.50 -6.38
N GLN A 89 62.80 -14.83 -6.38
CA GLN A 89 62.50 -15.65 -7.55
C GLN A 89 61.26 -16.49 -7.28
N LEU A 90 60.55 -16.86 -8.36
CA LEU A 90 59.22 -17.44 -8.19
C LEU A 90 59.11 -18.51 -7.11
N PRO A 91 59.92 -19.56 -7.10
CA PRO A 91 59.75 -20.59 -6.06
C PRO A 91 59.70 -20.10 -4.62
N GLY A 92 60.68 -19.31 -4.19
CA GLY A 92 60.66 -18.81 -2.82
C GLY A 92 59.48 -17.90 -2.54
N VAL A 93 59.20 -16.98 -3.45
CA VAL A 93 58.03 -16.11 -3.33
C VAL A 93 56.78 -16.94 -3.03
N LEU A 94 56.43 -17.83 -3.96
CA LEU A 94 55.17 -18.56 -3.86
C LEU A 94 55.16 -19.54 -2.70
N THR A 95 56.30 -20.16 -2.38
CA THR A 95 56.41 -21.02 -1.21
C THR A 95 56.09 -20.25 0.07
N ARG A 96 56.84 -19.18 0.34
CA ARG A 96 56.55 -18.34 1.48
C ARG A 96 55.09 -17.91 1.50
N LEU A 97 54.58 -17.41 0.37
CA LEU A 97 53.20 -16.93 0.35
C LEU A 97 52.22 -18.00 0.82
N ARG A 98 52.34 -19.20 0.25
CA ARG A 98 51.47 -20.31 0.62
C ARG A 98 51.60 -20.69 2.08
N ALA A 99 52.84 -20.80 2.57
CA ALA A 99 53.07 -21.16 3.97
C ALA A 99 52.40 -20.16 4.90
N ASP A 100 52.61 -18.87 4.62
CA ASP A 100 52.10 -17.78 5.43
C ASP A 100 50.58 -17.80 5.45
N LEU A 101 49.98 -17.75 4.26
CA LEU A 101 48.53 -17.71 4.15
C LEU A 101 47.87 -18.93 4.77
N LEU A 102 48.52 -20.09 4.65
CA LEU A 102 47.96 -21.32 5.19
C LEU A 102 48.01 -21.37 6.70
N SER A 103 49.13 -20.97 7.29
CA SER A 103 49.18 -20.87 8.74
C SER A 103 48.18 -19.84 9.27
N TYR A 104 48.02 -18.73 8.56
CA TYR A 104 46.99 -17.77 8.94
C TYR A 104 45.60 -18.39 8.85
N LEU A 105 45.33 -19.18 7.80
CA LEU A 105 44.04 -19.85 7.73
C LEU A 105 43.82 -20.72 8.96
N ARG A 106 44.84 -21.46 9.38
CA ARG A 106 44.76 -22.25 10.60
C ARG A 106 44.44 -21.37 11.82
N HIS A 107 45.16 -20.27 12.00
CA HIS A 107 44.89 -19.38 13.14
C HIS A 107 43.49 -18.79 13.09
N VAL A 108 43.04 -18.37 11.91
CA VAL A 108 41.67 -17.86 11.77
C VAL A 108 40.66 -18.91 12.20
N GLN A 109 40.74 -20.12 11.63
CA GLN A 109 39.84 -21.18 12.06
C GLN A 109 39.86 -21.34 13.58
N TRP A 110 41.07 -21.40 14.15
CA TRP A 110 41.23 -21.48 15.59
C TRP A 110 40.52 -20.35 16.33
N LEU A 111 40.66 -19.11 15.86
CA LEU A 111 39.90 -18.03 16.48
C LEU A 111 38.42 -18.34 16.48
N ARG A 112 37.87 -18.59 15.28
CA ARG A 112 36.42 -18.68 15.14
C ARG A 112 35.86 -19.80 16.00
N ARG A 113 36.50 -20.96 16.00
CA ARG A 113 36.09 -22.02 16.92
C ARG A 113 36.25 -21.61 18.37
N ALA A 114 37.44 -21.13 18.77
CA ALA A 114 37.85 -21.18 20.16
C ALA A 114 37.75 -19.86 20.91
N GLY A 115 37.87 -18.71 20.21
CA GLY A 115 37.80 -17.42 20.86
C GLY A 115 36.54 -17.16 21.67
N GLY A 116 35.53 -18.01 21.51
CA GLY A 116 34.22 -17.90 22.11
C GLY A 116 33.35 -16.76 21.59
N SER A 117 32.40 -16.39 22.44
CA SER A 117 31.37 -15.40 22.15
C SER A 117 31.84 -14.21 21.32
N SER A 118 32.84 -13.49 21.84
CA SER A 118 33.17 -12.15 21.36
C SER A 118 33.22 -12.07 19.83
N LEU A 119 33.80 -13.08 19.18
CA LEU A 119 34.13 -12.93 17.77
C LEU A 119 32.88 -12.82 16.90
N LYS A 120 31.77 -13.42 17.34
CA LYS A 120 30.51 -13.29 16.61
C LYS A 120 30.17 -11.83 16.34
N THR A 121 30.61 -10.92 17.21
CA THR A 121 30.50 -9.48 16.92
C THR A 121 31.03 -9.13 15.53
N LEU A 122 31.95 -9.93 15.00
CA LEU A 122 32.63 -9.64 13.75
C LEU A 122 32.22 -10.59 12.63
N GLU A 123 31.08 -11.26 12.79
CA GLU A 123 30.56 -12.23 11.84
C GLU A 123 29.39 -11.64 11.06
N PRO A 124 29.19 -12.03 9.79
CA PRO A 124 29.88 -13.10 9.04
C PRO A 124 31.29 -12.74 8.55
N GLU A 125 31.75 -11.52 8.82
CA GLU A 125 32.98 -11.02 8.19
C GLU A 125 34.16 -11.97 8.38
N LEU A 126 34.32 -12.53 9.57
CA LEU A 126 35.41 -13.49 9.79
C LEU A 126 35.32 -14.66 8.82
N GLY A 127 34.21 -15.39 8.85
CA GLY A 127 34.03 -16.52 7.94
C GLY A 127 34.19 -16.15 6.47
N THR A 128 33.67 -14.99 6.07
CA THR A 128 33.94 -14.48 4.72
C THR A 128 35.43 -14.38 4.43
N LEU A 129 36.16 -13.71 5.32
CA LEU A 129 37.62 -13.63 5.25
C LEU A 129 38.22 -15.00 4.98
N GLN A 130 37.89 -15.94 5.88
CA GLN A 130 38.44 -17.29 5.83
C GLN A 130 38.15 -17.99 4.51
N ALA A 131 36.90 -17.92 4.06
CA ALA A 131 36.51 -18.61 2.84
C ALA A 131 37.16 -18.00 1.59
N ARG A 132 37.30 -16.67 1.55
CA ARG A 132 38.06 -16.05 0.46
C ARG A 132 39.52 -16.44 0.57
N LEU A 133 39.98 -16.65 1.79
CA LEU A 133 41.39 -17.01 2.00
C LEU A 133 41.67 -18.41 1.47
N ASP A 134 40.75 -19.34 1.72
CA ASP A 134 40.90 -20.68 1.15
C ASP A 134 40.72 -20.66 -0.37
N ARG A 135 39.77 -19.86 -0.88
CA ARG A 135 39.72 -19.58 -2.31
C ARG A 135 41.05 -19.06 -2.86
N LEU A 136 41.67 -18.09 -2.20
CA LEU A 136 42.95 -17.58 -2.67
C LEU A 136 44.05 -18.63 -2.62
N LEU A 137 44.09 -19.44 -1.57
CA LEU A 137 45.05 -20.54 -1.52
C LEU A 137 44.87 -21.53 -2.65
N ARG A 138 43.62 -21.89 -2.97
CA ARG A 138 43.38 -22.71 -4.16
C ARG A 138 43.87 -22.02 -5.42
N ARG A 139 43.54 -20.73 -5.60
CA ARG A 139 44.01 -20.01 -6.76
C ARG A 139 45.53 -20.05 -6.87
N LEU A 140 46.23 -19.87 -5.75
CA LEU A 140 47.69 -19.92 -5.76
C LEU A 140 48.21 -21.29 -6.13
N GLN A 141 47.62 -22.35 -5.56
CA GLN A 141 48.01 -23.71 -5.94
C GLN A 141 47.83 -23.93 -7.44
N LEU A 142 46.68 -23.51 -7.98
CA LEU A 142 46.45 -23.65 -9.41
C LEU A 142 47.47 -22.86 -10.21
N LEU A 143 47.78 -21.63 -9.78
CA LEU A 143 48.81 -20.85 -10.45
C LEU A 143 50.14 -21.60 -10.46
N MET A 144 50.55 -22.11 -9.30
CA MET A 144 51.77 -22.92 -9.26
C MET A 144 51.71 -24.07 -10.26
N SER A 145 50.54 -24.69 -10.41
CA SER A 145 50.43 -25.77 -11.39
C SER A 145 50.63 -25.23 -12.81
N ARG A 146 50.04 -24.07 -13.11
CA ARG A 146 50.18 -23.50 -14.45
C ARG A 146 51.61 -23.07 -14.72
N LEU A 147 52.32 -22.60 -13.69
CA LEU A 147 53.72 -22.29 -13.88
C LEU A 147 54.60 -23.53 -13.97
N ALA A 148 54.04 -24.70 -13.65
CA ALA A 148 54.75 -25.98 -13.70
C ALA A 148 55.97 -25.97 -12.78
N LEU A 149 55.91 -25.16 -11.74
CA LEU A 149 56.91 -25.18 -10.68
C LEU A 149 56.83 -26.50 -9.90
N PRO A 150 57.92 -26.90 -9.24
CA PRO A 150 57.81 -27.96 -8.24
C PRO A 150 56.69 -27.70 -7.23
N GLN A 151 55.71 -28.61 -7.26
CA GLN A 151 54.52 -28.49 -6.44
C GLN A 151 54.92 -28.48 -4.96
N PRO A 152 54.26 -27.67 -4.12
CA PRO A 152 54.77 -27.47 -2.78
C PRO A 152 54.82 -28.78 -2.01
N PRO A 153 55.78 -28.91 -1.09
CA PRO A 153 55.85 -30.11 -0.26
C PRO A 153 54.55 -30.36 0.48
N PRO A 154 54.21 -31.64 0.74
CA PRO A 154 53.16 -32.02 1.69
C PRO A 154 53.55 -31.87 3.15
N ASP A 155 53.71 -30.63 3.60
CA ASP A 155 54.02 -30.34 4.99
C ASP A 155 53.05 -31.08 5.92
N PRO A 156 53.54 -31.85 6.90
CA PRO A 156 52.65 -32.41 7.90
C PRO A 156 51.94 -31.30 8.66
N PRO A 157 50.72 -31.56 9.12
CA PRO A 157 49.94 -30.50 9.81
C PRO A 157 50.63 -29.99 11.06
N ALA A 158 50.50 -28.69 11.29
CA ALA A 158 50.99 -28.09 12.53
C ALA A 158 50.26 -28.70 13.73
N PRO A 159 50.94 -28.83 14.87
CA PRO A 159 50.26 -29.26 16.09
C PRO A 159 49.09 -28.35 16.40
N PRO A 160 48.01 -28.90 16.96
CA PRO A 160 46.83 -28.07 17.26
C PRO A 160 47.17 -26.94 18.22
N LEU A 161 46.75 -25.73 17.86
CA LEU A 161 46.92 -24.56 18.73
C LEU A 161 46.17 -24.73 20.04
N ALA A 162 46.91 -24.60 21.14
CA ALA A 162 46.33 -24.51 22.48
C ALA A 162 45.22 -23.46 22.50
N PRO A 163 44.01 -23.79 22.96
CA PRO A 163 42.95 -22.80 22.94
C PRO A 163 43.35 -21.55 23.71
N PRO A 164 42.81 -20.39 23.34
CA PRO A 164 43.13 -19.16 24.07
C PRO A 164 42.77 -19.24 25.54
N SER A 165 43.63 -18.65 26.37
CA SER A 165 43.41 -18.63 27.81
C SER A 165 42.05 -18.08 28.19
N SER A 166 41.57 -17.06 27.47
CA SER A 166 40.31 -16.38 27.80
C SER A 166 39.85 -15.53 26.63
N ALA A 167 38.60 -15.10 26.70
CA ALA A 167 38.04 -14.19 25.70
C ALA A 167 38.96 -13.02 25.41
N TRP A 168 39.52 -12.41 26.46
CA TRP A 168 40.51 -11.36 26.25
C TRP A 168 41.68 -11.86 25.40
N GLY A 169 42.26 -12.99 25.77
CA GLY A 169 43.28 -13.58 24.94
C GLY A 169 42.81 -13.85 23.52
N GLY A 170 41.53 -14.19 23.36
CA GLY A 170 40.99 -14.32 22.01
C GLY A 170 41.02 -13.03 21.22
N ILE A 171 40.52 -11.94 21.80
CA ILE A 171 40.62 -10.62 21.17
C ILE A 171 42.06 -10.27 20.82
N ARG A 172 42.97 -10.40 21.78
CA ARG A 172 44.39 -10.20 21.53
C ARG A 172 44.83 -10.97 20.29
N ALA A 173 44.45 -12.25 20.24
CA ALA A 173 44.76 -13.10 19.11
C ALA A 173 44.21 -12.49 17.82
N ALA A 174 42.97 -12.03 17.88
CA ALA A 174 42.30 -11.38 16.76
C ALA A 174 43.16 -10.26 16.19
N HIS A 175 43.49 -9.27 17.04
CA HIS A 175 44.41 -8.21 16.62
C HIS A 175 45.67 -8.77 15.96
N ALA A 176 46.43 -9.58 16.70
CA ALA A 176 47.69 -10.09 16.16
C ALA A 176 47.51 -10.75 14.80
N ILE A 177 46.56 -11.68 14.71
CA ILE A 177 46.29 -12.39 13.46
C ILE A 177 45.96 -11.43 12.33
N LEU A 178 44.99 -10.54 12.56
CA LEU A 178 44.53 -9.69 11.48
C LEU A 178 45.61 -8.73 10.99
N GLY A 179 46.38 -8.15 11.92
CA GLY A 179 47.53 -7.34 11.53
C GLY A 179 48.57 -8.12 10.75
N GLY A 180 48.94 -9.31 11.22
CA GLY A 180 49.86 -10.12 10.46
C GLY A 180 49.34 -10.50 9.07
N LEU A 181 48.05 -10.82 8.98
CA LEU A 181 47.41 -11.08 7.69
C LEU A 181 47.48 -9.86 6.77
N HIS A 182 47.14 -8.70 7.31
CA HIS A 182 47.26 -7.45 6.57
C HIS A 182 48.66 -7.28 5.96
N LEU A 183 49.69 -7.35 6.80
CA LEU A 183 51.06 -7.22 6.28
C LEU A 183 51.39 -8.32 5.27
N THR A 184 51.01 -9.57 5.58
CA THR A 184 51.19 -10.69 4.67
C THR A 184 50.61 -10.41 3.28
N LEU A 185 49.38 -9.92 3.22
CA LEU A 185 48.72 -9.63 1.95
C LEU A 185 49.30 -8.42 1.23
N ASP A 186 49.74 -7.40 1.97
CA ASP A 186 50.52 -6.33 1.34
C ASP A 186 51.75 -6.89 0.65
N TRP A 187 52.58 -7.64 1.39
CA TRP A 187 53.74 -8.28 0.80
C TRP A 187 53.36 -9.15 -0.41
N ALA A 188 52.33 -9.97 -0.26
CA ALA A 188 51.83 -10.81 -1.34
C ALA A 188 51.55 -10.04 -2.61
N VAL A 189 50.61 -9.09 -2.51
CA VAL A 189 50.27 -8.18 -3.61
C VAL A 189 51.52 -7.61 -4.27
N ARG A 190 52.35 -6.92 -3.48
CA ARG A 190 53.54 -6.31 -4.07
C ARG A 190 54.41 -7.32 -4.80
N GLY A 191 54.71 -8.45 -4.16
CA GLY A 191 55.53 -9.47 -4.80
C GLY A 191 54.92 -10.05 -6.07
N LEU A 192 53.63 -10.32 -6.06
CA LEU A 192 52.96 -10.82 -7.26
C LEU A 192 53.04 -9.80 -8.40
N LEU A 193 52.88 -8.52 -8.09
CA LEU A 193 53.05 -7.48 -9.09
C LEU A 193 54.47 -7.48 -9.64
N LEU A 194 55.45 -7.57 -8.74
CA LEU A 194 56.84 -7.73 -9.16
C LEU A 194 56.99 -8.88 -10.15
N LEU A 195 56.50 -10.06 -9.77
CA LEU A 195 56.53 -11.22 -10.65
C LEU A 195 56.00 -10.90 -12.03
N LYS A 196 54.83 -10.25 -12.07
CA LYS A 196 54.16 -9.99 -13.33
C LYS A 196 55.04 -9.22 -14.30
N THR A 197 55.81 -8.25 -13.79
CA THR A 197 56.80 -7.58 -14.64
C THR A 197 57.88 -8.53 -15.14
N ARG A 198 58.24 -9.57 -14.38
CA ARG A 198 59.15 -10.56 -14.94
C ARG A 198 58.50 -11.35 -16.07
N LEU A 199 57.22 -11.69 -15.92
CA LEU A 199 56.51 -12.46 -16.94
C LEU A 199 55.46 -11.62 -17.65
N LEU B 25 -4.22 -64.80 1.96
CA LEU B 25 -4.51 -64.35 0.61
C LEU B 25 -3.92 -62.98 0.31
N GLU B 26 -2.85 -62.99 -0.48
CA GLU B 26 -2.17 -61.78 -0.89
C GLU B 26 -3.01 -60.97 -1.88
N PRO B 27 -2.68 -59.68 -2.06
CA PRO B 27 -3.36 -58.84 -3.07
C PRO B 27 -3.74 -59.58 -4.35
N CYS B 28 -5.04 -59.54 -4.62
CA CYS B 28 -5.68 -60.37 -5.65
C CYS B 28 -4.93 -60.33 -6.98
N GLY B 29 -4.12 -59.31 -7.21
CA GLY B 29 -3.41 -59.15 -8.47
C GLY B 29 -2.55 -57.90 -8.44
N TYR B 30 -1.89 -57.66 -9.56
CA TYR B 30 -1.07 -56.46 -9.78
C TYR B 30 -1.24 -56.00 -11.22
N ILE B 31 -1.26 -54.68 -11.41
CA ILE B 31 -1.38 -54.06 -12.73
C ILE B 31 0.00 -53.84 -13.32
N TYR B 32 0.18 -54.19 -14.59
CA TYR B 32 1.46 -54.00 -15.24
C TYR B 32 1.35 -53.05 -16.42
N PRO B 33 2.21 -52.03 -16.54
CA PRO B 33 3.20 -51.52 -15.56
C PRO B 33 2.61 -50.74 -14.40
N GLU B 34 3.36 -50.69 -13.29
CA GLU B 34 2.89 -50.10 -12.05
C GLU B 34 2.90 -48.58 -12.08
N PHE B 35 3.89 -47.97 -12.74
CA PHE B 35 4.12 -46.52 -12.67
C PHE B 35 4.16 -45.92 -14.08
N PRO B 36 3.17 -46.23 -14.91
CA PRO B 36 3.22 -45.83 -16.32
C PRO B 36 3.29 -44.31 -16.50
N VAL B 37 4.39 -43.86 -17.09
CA VAL B 37 4.56 -42.48 -17.52
C VAL B 37 4.35 -42.48 -19.03
N VAL B 38 3.26 -41.87 -19.48
CA VAL B 38 2.79 -41.96 -20.85
C VAL B 38 3.15 -40.66 -21.55
N GLN B 39 3.88 -40.74 -22.67
CA GLN B 39 4.09 -39.54 -23.47
C GLN B 39 2.76 -39.05 -24.03
N ARG B 40 2.40 -37.83 -23.62
CA ARG B 40 1.07 -37.27 -23.86
C ARG B 40 0.67 -37.39 -25.33
N GLY B 41 -0.57 -37.86 -25.55
CA GLY B 41 -1.10 -38.12 -26.88
C GLY B 41 -0.73 -39.46 -27.46
N SER B 42 0.17 -40.21 -26.84
CA SER B 42 0.40 -41.59 -27.22
C SER B 42 -0.62 -42.52 -26.56
N ASN B 43 -0.61 -43.76 -27.02
CA ASN B 43 -1.41 -44.86 -26.49
C ASN B 43 -0.69 -45.57 -25.35
N PHE B 44 -1.48 -46.26 -24.53
CA PHE B 44 -0.95 -46.98 -23.38
C PHE B 44 -1.81 -48.21 -23.13
N THR B 45 -1.14 -49.34 -22.86
CA THR B 45 -1.80 -50.58 -22.45
C THR B 45 -1.46 -50.90 -21.01
N ALA B 46 -2.50 -51.11 -20.20
CA ALA B 46 -2.35 -51.65 -18.86
C ALA B 46 -2.95 -53.06 -18.81
N ILE B 47 -2.34 -53.94 -18.03
CA ILE B 47 -2.82 -55.31 -17.86
C ILE B 47 -3.01 -55.58 -16.38
N CYS B 48 -4.15 -56.18 -16.03
CA CYS B 48 -4.45 -56.61 -14.67
C CYS B 48 -4.50 -58.12 -14.63
N VAL B 49 -3.61 -58.72 -13.84
CA VAL B 49 -3.51 -60.17 -13.73
C VAL B 49 -3.97 -60.59 -12.34
N LEU B 50 -4.98 -61.45 -12.28
CA LEU B 50 -5.50 -61.98 -11.03
C LEU B 50 -4.84 -63.31 -10.69
N LYS B 51 -4.58 -63.52 -9.40
CA LYS B 51 -4.09 -64.82 -8.94
C LYS B 51 -5.22 -65.83 -8.85
N GLU B 52 -4.97 -67.02 -9.39
CA GLU B 52 -5.87 -68.16 -9.35
C GLU B 52 -6.65 -68.24 -8.04
N ALA B 53 -5.97 -68.00 -6.92
CA ALA B 53 -6.63 -68.11 -5.62
C ALA B 53 -7.74 -67.08 -5.48
N CYS B 54 -7.50 -65.85 -5.94
CA CYS B 54 -8.55 -64.84 -5.92
C CYS B 54 -9.76 -65.28 -6.74
N LEU B 55 -9.52 -65.79 -7.95
CA LEU B 55 -10.57 -66.36 -8.77
C LEU B 55 -11.39 -67.38 -8.00
N GLN B 56 -10.75 -68.49 -7.61
CA GLN B 56 -11.49 -69.56 -6.95
C GLN B 56 -12.13 -69.13 -5.64
N HIS B 57 -11.61 -68.10 -4.98
CA HIS B 57 -12.23 -67.63 -3.75
C HIS B 57 -13.49 -66.83 -4.04
N TYR B 58 -13.43 -65.93 -5.01
CA TYR B 58 -14.57 -65.09 -5.37
C TYR B 58 -15.43 -65.71 -6.47
N TYR B 59 -15.04 -66.86 -7.01
CA TYR B 59 -15.77 -67.53 -8.08
C TYR B 59 -16.00 -66.59 -9.27
N VAL B 60 -14.92 -65.95 -9.73
CA VAL B 60 -14.99 -65.10 -10.91
C VAL B 60 -13.84 -65.46 -11.85
N ASN B 61 -14.01 -65.09 -13.11
CA ASN B 61 -12.87 -65.03 -14.02
C ASN B 61 -12.66 -63.59 -14.49
N ALA B 62 -11.55 -63.37 -15.19
CA ALA B 62 -11.13 -62.04 -15.58
C ALA B 62 -12.20 -61.26 -16.33
N SER B 63 -13.22 -61.93 -16.86
CA SER B 63 -14.28 -61.20 -17.55
C SER B 63 -14.98 -60.21 -16.63
N TYR B 64 -14.96 -60.46 -15.32
CA TYR B 64 -15.62 -59.60 -14.35
C TYR B 64 -14.75 -58.43 -13.90
N ILE B 65 -13.55 -58.29 -14.46
CA ILE B 65 -12.73 -57.12 -14.16
C ILE B 65 -13.42 -55.87 -14.66
N VAL B 66 -13.48 -54.84 -13.80
CA VAL B 66 -14.08 -53.56 -14.13
C VAL B 66 -13.01 -52.48 -13.93
N TRP B 67 -12.74 -51.73 -14.99
CA TRP B 67 -11.71 -50.70 -14.99
C TRP B 67 -12.34 -49.33 -14.74
N LYS B 68 -11.77 -48.59 -13.78
CA LYS B 68 -12.21 -47.24 -13.48
C LYS B 68 -11.04 -46.27 -13.58
N THR B 69 -11.21 -45.23 -14.39
CA THR B 69 -10.34 -44.05 -14.33
C THR B 69 -10.88 -43.15 -13.22
N ASN B 70 -10.32 -43.27 -12.03
CA ASN B 70 -10.83 -42.62 -10.82
C ASN B 70 -12.25 -43.17 -10.60
N HIS B 71 -13.27 -42.31 -10.47
CA HIS B 71 -14.64 -42.81 -10.40
C HIS B 71 -15.14 -43.31 -11.74
N ALA B 72 -14.67 -42.74 -12.84
CA ALA B 72 -15.29 -42.99 -14.15
C ALA B 72 -14.90 -44.38 -14.65
N ALA B 73 -15.87 -45.29 -14.67
CA ALA B 73 -15.69 -46.59 -15.29
C ALA B 73 -15.31 -46.44 -16.77
N VAL B 74 -14.31 -47.20 -17.18
CA VAL B 74 -13.90 -47.31 -18.58
C VAL B 74 -15.00 -48.01 -19.37
N PRO B 75 -15.55 -47.39 -20.43
CA PRO B 75 -16.71 -47.97 -21.14
C PRO B 75 -16.34 -49.16 -22.02
N ARG B 76 -15.73 -50.16 -21.41
CA ARG B 76 -15.35 -51.40 -22.09
C ARG B 76 -14.50 -51.13 -23.33
N GLU B 77 -13.63 -50.13 -23.24
CA GLU B 77 -12.45 -50.11 -24.09
C GLU B 77 -11.59 -51.34 -23.86
N GLN B 78 -11.61 -51.88 -22.65
CA GLN B 78 -10.76 -53.02 -22.32
C GLN B 78 -11.18 -54.28 -23.08
N VAL B 79 -10.21 -55.17 -23.24
CA VAL B 79 -10.40 -56.46 -23.87
C VAL B 79 -9.82 -57.54 -22.96
N THR B 80 -10.44 -58.72 -22.97
CA THR B 80 -10.17 -59.75 -21.97
C THR B 80 -9.83 -61.08 -22.63
N VAL B 81 -9.58 -61.10 -23.94
CA VAL B 81 -9.30 -62.36 -24.61
C VAL B 81 -7.99 -62.95 -24.14
N ILE B 82 -7.13 -62.15 -23.49
CA ILE B 82 -5.74 -62.55 -23.26
C ILE B 82 -5.68 -63.93 -22.64
N ASN B 83 -6.29 -64.10 -21.48
CA ASN B 83 -6.58 -65.41 -20.94
C ASN B 83 -7.53 -65.26 -19.76
N ARG B 84 -8.01 -66.41 -19.27
CA ARG B 84 -8.95 -66.49 -18.16
C ARG B 84 -8.62 -65.57 -17.00
N THR B 85 -7.34 -65.39 -16.69
CA THR B 85 -6.95 -64.62 -15.51
C THR B 85 -6.55 -63.18 -15.83
N THR B 86 -6.64 -62.75 -17.09
CA THR B 86 -5.97 -61.52 -17.51
C THR B 86 -6.91 -60.63 -18.28
N SER B 87 -6.90 -59.33 -17.96
CA SER B 87 -7.65 -58.33 -18.69
C SER B 87 -6.72 -57.18 -19.05
N SER B 88 -6.96 -56.56 -20.20
CA SER B 88 -6.15 -55.44 -20.67
C SER B 88 -7.05 -54.29 -21.07
N VAL B 89 -6.71 -53.09 -20.60
CA VAL B 89 -7.37 -51.85 -21.01
C VAL B 89 -6.41 -51.11 -21.94
N THR B 90 -6.94 -50.61 -23.05
CA THR B 90 -6.18 -49.76 -23.97
C THR B 90 -6.80 -48.37 -23.96
N PHE B 91 -5.98 -47.36 -23.68
CA PHE B 91 -6.37 -45.97 -23.82
C PHE B 91 -5.72 -45.36 -25.07
N THR B 92 -6.52 -44.61 -25.82
CA THR B 92 -6.05 -43.81 -26.93
C THR B 92 -6.05 -42.33 -26.57
N ASP B 93 -4.98 -41.63 -26.92
CA ASP B 93 -4.86 -40.20 -26.66
C ASP B 93 -5.10 -39.90 -25.18
N VAL B 94 -4.27 -40.52 -24.35
CA VAL B 94 -4.32 -40.28 -22.91
C VAL B 94 -3.98 -38.82 -22.66
N VAL B 95 -4.94 -38.06 -22.13
CA VAL B 95 -4.81 -36.62 -22.03
C VAL B 95 -4.68 -36.15 -20.59
N LEU B 96 -5.46 -36.71 -19.68
CA LEU B 96 -5.41 -36.27 -18.30
C LEU B 96 -4.02 -36.50 -17.72
N PRO B 97 -3.43 -35.52 -17.01
CA PRO B 97 -2.05 -35.75 -16.57
C PRO B 97 -1.91 -36.81 -15.49
N SER B 98 -2.95 -37.05 -14.69
CA SER B 98 -2.86 -37.97 -13.55
C SER B 98 -4.21 -38.66 -13.33
N VAL B 99 -4.24 -39.96 -13.59
CA VAL B 99 -5.44 -40.78 -13.53
C VAL B 99 -5.15 -41.96 -12.61
N GLN B 100 -5.85 -42.02 -11.48
CA GLN B 100 -5.88 -43.20 -10.60
C GLN B 100 -6.65 -44.33 -11.27
N LEU B 101 -5.99 -45.04 -12.17
CA LEU B 101 -6.56 -46.23 -12.78
C LEU B 101 -6.60 -47.37 -11.77
N THR B 102 -7.78 -47.95 -11.56
CA THR B 102 -7.96 -49.03 -10.59
C THR B 102 -8.59 -50.25 -11.27
N CYS B 103 -8.07 -51.43 -10.95
CA CYS B 103 -8.61 -52.70 -11.40
C CYS B 103 -9.50 -53.28 -10.32
N ASN B 104 -10.78 -53.44 -10.63
CA ASN B 104 -11.77 -54.00 -9.72
C ASN B 104 -12.32 -55.29 -10.29
N ILE B 105 -12.87 -56.13 -9.42
CA ILE B 105 -13.64 -57.29 -9.85
C ILE B 105 -15.03 -57.24 -9.23
N LEU B 106 -16.05 -57.53 -10.04
CA LEU B 106 -17.41 -57.83 -9.59
C LEU B 106 -17.44 -59.18 -8.89
N SER B 107 -17.02 -59.18 -7.63
CA SER B 107 -17.08 -60.38 -6.81
C SER B 107 -18.47 -61.01 -6.86
N PHE B 108 -18.52 -62.32 -7.10
CA PHE B 108 -19.76 -63.05 -7.31
C PHE B 108 -20.62 -62.41 -8.41
N GLY B 109 -20.02 -61.58 -9.25
CA GLY B 109 -20.76 -60.84 -10.25
C GLY B 109 -21.59 -59.69 -9.73
N GLN B 110 -21.39 -59.28 -8.47
CA GLN B 110 -22.24 -58.28 -7.85
C GLN B 110 -21.45 -57.22 -7.12
N ILE B 111 -20.60 -57.64 -6.19
CA ILE B 111 -19.87 -56.74 -5.30
C ILE B 111 -18.53 -56.42 -5.93
N GLU B 112 -18.38 -55.18 -6.40
CA GLU B 112 -17.13 -54.71 -7.01
C GLU B 112 -16.03 -54.63 -5.96
N GLN B 113 -15.07 -55.55 -6.02
CA GLN B 113 -13.89 -55.55 -5.15
C GLN B 113 -12.70 -54.94 -5.89
N ASN B 114 -12.10 -53.91 -5.30
CA ASN B 114 -10.84 -53.37 -5.78
C ASN B 114 -9.72 -54.41 -5.73
N VAL B 115 -8.97 -54.53 -6.82
CA VAL B 115 -7.77 -55.36 -6.87
C VAL B 115 -6.52 -54.51 -6.68
N TYR B 116 -6.33 -53.54 -7.57
CA TYR B 116 -5.09 -52.76 -7.61
C TYR B 116 -5.36 -51.40 -8.25
N GLY B 117 -4.47 -50.45 -7.99
CA GLY B 117 -4.54 -49.15 -8.62
C GLY B 117 -3.21 -48.46 -8.85
N VAL B 118 -3.07 -47.79 -10.00
CA VAL B 118 -1.83 -47.14 -10.40
C VAL B 118 -2.15 -45.73 -10.89
N THR B 119 -1.39 -44.74 -10.40
CA THR B 119 -1.47 -43.38 -10.90
C THR B 119 -0.83 -43.24 -12.28
N MET B 120 -1.63 -43.42 -13.33
CA MET B 120 -1.19 -43.13 -14.69
C MET B 120 -0.78 -41.65 -14.86
N LEU B 121 0.51 -41.40 -15.04
CA LEU B 121 1.04 -40.07 -15.32
C LEU B 121 1.22 -39.87 -16.81
N SER B 122 0.95 -38.66 -17.30
CA SER B 122 1.27 -38.32 -18.68
C SER B 122 1.86 -36.91 -18.74
N GLY B 123 2.79 -36.70 -19.66
CA GLY B 123 3.42 -35.41 -19.81
C GLY B 123 4.40 -35.38 -20.96
N PHE B 124 5.32 -34.41 -20.91
CA PHE B 124 6.35 -34.23 -21.91
C PHE B 124 7.73 -34.20 -21.25
N PRO B 125 8.77 -34.70 -21.92
CA PRO B 125 10.11 -34.52 -21.41
C PRO B 125 10.53 -33.07 -21.50
N PRO B 126 11.32 -32.57 -20.54
CA PRO B 126 11.57 -31.13 -20.47
C PRO B 126 12.27 -30.60 -21.71
N ASP B 127 11.90 -29.38 -22.11
CA ASP B 127 12.70 -28.65 -23.07
C ASP B 127 14.05 -28.27 -22.46
N LYS B 128 15.09 -28.31 -23.28
CA LYS B 128 16.42 -27.81 -22.93
C LYS B 128 16.32 -26.32 -22.64
N PRO B 129 16.57 -25.87 -21.41
CA PRO B 129 16.39 -24.43 -21.13
C PRO B 129 17.36 -23.55 -21.90
N THR B 130 16.82 -22.52 -22.53
CA THR B 130 17.57 -21.54 -23.29
C THR B 130 17.63 -20.21 -22.54
N ASN B 131 18.48 -19.31 -23.05
CA ASN B 131 18.66 -17.97 -22.49
C ASN B 131 19.02 -18.00 -21.01
N LEU B 132 19.87 -18.96 -20.62
CA LEU B 132 20.42 -18.96 -19.27
C LEU B 132 21.22 -17.69 -19.02
N THR B 133 20.70 -16.81 -18.17
CA THR B 133 21.32 -15.52 -17.89
C THR B 133 21.34 -15.29 -16.38
N CYS B 134 22.48 -14.84 -15.85
CA CYS B 134 22.63 -14.60 -14.42
C CYS B 134 22.99 -13.15 -14.17
N ILE B 135 22.54 -12.63 -13.02
CA ILE B 135 22.78 -11.26 -12.62
C ILE B 135 23.09 -11.24 -11.13
N VAL B 136 24.10 -10.48 -10.76
CA VAL B 136 24.56 -10.32 -9.38
C VAL B 136 24.11 -8.97 -8.85
N ASN B 137 22.91 -8.92 -8.30
CA ASN B 137 22.47 -7.77 -7.51
C ASN B 137 23.50 -7.46 -6.43
N GLU B 138 24.10 -6.27 -6.52
CA GLU B 138 25.11 -5.83 -5.57
C GLU B 138 24.71 -6.13 -4.14
N GLY B 139 25.54 -6.90 -3.45
CA GLY B 139 25.26 -7.32 -2.09
C GLY B 139 24.29 -8.47 -1.96
N LYS B 140 24.04 -9.21 -3.04
CA LYS B 140 23.19 -10.38 -3.00
C LYS B 140 23.86 -11.51 -3.76
N ASN B 141 23.43 -12.73 -3.45
CA ASN B 141 23.83 -13.90 -4.22
C ASN B 141 23.50 -13.77 -5.70
N MET B 142 24.27 -14.51 -6.52
CA MET B 142 24.04 -14.59 -7.95
C MET B 142 22.69 -15.22 -8.27
N LEU B 143 21.87 -14.50 -9.02
CA LEU B 143 20.60 -14.99 -9.55
C LEU B 143 20.73 -15.39 -11.01
N CYS B 144 20.30 -16.60 -11.35
CA CYS B 144 20.25 -17.06 -12.74
C CYS B 144 18.84 -17.48 -13.12
N GLN B 145 18.50 -17.22 -14.38
CA GLN B 145 17.17 -17.47 -14.90
C GLN B 145 17.27 -18.07 -16.30
N TRP B 146 16.20 -18.77 -16.68
CA TRP B 146 16.13 -19.48 -17.95
C TRP B 146 14.69 -19.53 -18.43
N ASP B 147 14.53 -19.75 -19.72
CA ASP B 147 13.25 -20.14 -20.29
C ASP B 147 12.97 -21.60 -19.94
N PRO B 148 11.87 -21.92 -19.26
CA PRO B 148 11.56 -23.34 -19.01
C PRO B 148 11.15 -24.09 -20.27
N GLY B 149 10.67 -23.40 -21.30
CA GLY B 149 10.13 -24.10 -22.45
C GLY B 149 8.64 -24.35 -22.42
N ARG B 150 8.19 -25.39 -23.11
CA ARG B 150 6.81 -25.82 -23.02
C ARG B 150 6.45 -26.27 -21.62
N GLU B 151 5.16 -26.26 -21.33
CA GLU B 151 4.63 -26.90 -20.12
C GLU B 151 4.87 -28.41 -20.19
N THR B 152 5.47 -28.96 -19.14
CA THR B 152 5.72 -30.39 -19.07
C THR B 152 4.60 -31.16 -18.39
N TYR B 153 3.78 -30.50 -17.58
CA TYR B 153 2.73 -31.12 -16.77
C TYR B 153 3.26 -32.11 -15.74
N LEU B 154 4.58 -32.18 -15.59
CA LEU B 154 5.24 -33.03 -14.60
C LEU B 154 6.18 -32.17 -13.77
N GLU B 155 6.31 -32.55 -12.50
CA GLU B 155 7.29 -31.88 -11.63
C GLU B 155 8.70 -32.08 -12.15
N THR B 156 9.40 -30.97 -12.38
CA THR B 156 10.74 -30.98 -12.95
C THR B 156 11.69 -30.30 -11.97
N ASN B 157 12.71 -31.04 -11.52
CA ASN B 157 13.70 -30.54 -10.58
C ASN B 157 14.80 -29.81 -11.36
N TYR B 158 14.48 -28.60 -11.82
CA TYR B 158 15.47 -27.78 -12.48
C TYR B 158 16.61 -27.47 -11.52
N THR B 159 17.78 -28.07 -11.73
CA THR B 159 18.94 -27.83 -10.88
C THR B 159 19.94 -26.94 -11.60
N LEU B 160 20.25 -25.79 -10.98
CA LEU B 160 21.31 -24.89 -11.40
C LEU B 160 22.64 -25.45 -10.91
N LYS B 161 23.36 -26.16 -11.78
CA LYS B 161 24.70 -26.60 -11.41
C LYS B 161 25.70 -25.47 -11.57
N SER B 162 26.70 -25.45 -10.70
CA SER B 162 27.82 -24.53 -10.84
C SER B 162 29.08 -25.16 -10.29
N GLU B 163 30.21 -24.79 -10.89
CA GLU B 163 31.53 -25.30 -10.52
C GLU B 163 32.57 -24.31 -11.01
N TRP B 164 33.79 -24.43 -10.48
CA TRP B 164 34.96 -23.91 -11.16
C TRP B 164 36.10 -24.94 -11.07
N ALA B 165 37.24 -24.57 -11.64
CA ALA B 165 38.33 -25.52 -11.91
C ALA B 165 38.73 -26.38 -10.72
N THR B 166 38.38 -26.02 -9.48
CA THR B 166 38.82 -26.80 -8.33
C THR B 166 37.70 -27.35 -7.47
N GLU B 167 36.49 -26.80 -7.55
CA GLU B 167 35.43 -27.21 -6.64
C GLU B 167 34.07 -26.98 -7.30
N LYS B 168 33.09 -27.77 -6.89
CA LYS B 168 31.70 -27.55 -7.29
C LYS B 168 30.95 -26.89 -6.16
N PHE B 169 30.24 -25.82 -6.47
CA PHE B 169 29.44 -25.12 -5.47
C PHE B 169 28.16 -25.89 -5.15
N PRO B 170 27.56 -25.62 -4.00
CA PRO B 170 26.27 -26.23 -3.67
C PRO B 170 25.24 -26.02 -4.78
N ASP B 171 24.49 -27.08 -5.07
CA ASP B 171 23.45 -27.00 -6.09
C ASP B 171 22.31 -26.12 -5.60
N CYS B 172 21.95 -25.12 -6.40
CA CYS B 172 20.77 -24.30 -6.16
C CYS B 172 19.59 -24.92 -6.90
N GLN B 173 18.49 -25.16 -6.19
CA GLN B 173 17.30 -25.77 -6.76
C GLN B 173 16.15 -24.76 -6.79
N SER B 174 15.63 -24.53 -7.99
CA SER B 174 14.56 -23.56 -8.20
C SER B 174 13.26 -24.05 -7.57
N LYS B 175 12.57 -23.15 -6.85
CA LYS B 175 11.26 -23.50 -6.31
C LYS B 175 10.22 -23.57 -7.41
N HIS B 176 10.22 -22.61 -8.33
CA HIS B 176 9.21 -22.51 -9.38
C HIS B 176 9.76 -22.84 -10.77
N GLY B 177 11.05 -23.10 -10.89
CA GLY B 177 11.61 -23.56 -12.15
C GLY B 177 12.00 -22.50 -13.14
N THR B 178 12.02 -21.23 -12.74
CA THR B 178 12.39 -20.14 -13.64
C THR B 178 13.60 -19.35 -13.15
N SER B 179 13.91 -19.39 -11.86
CA SER B 179 15.09 -18.71 -11.34
C SER B 179 15.52 -19.42 -10.06
N CYS B 180 16.83 -19.39 -9.80
CA CYS B 180 17.34 -19.87 -8.52
C CYS B 180 18.39 -18.89 -8.05
N MET B 181 18.31 -18.50 -6.79
CA MET B 181 19.37 -17.73 -6.12
C MET B 181 20.27 -18.68 -5.34
N VAL B 182 21.53 -18.79 -5.78
CA VAL B 182 22.47 -19.66 -5.10
C VAL B 182 22.67 -19.17 -3.66
N SER B 183 23.11 -20.09 -2.81
CA SER B 183 23.44 -19.75 -1.43
C SER B 183 24.83 -19.15 -1.28
N TYR B 184 25.80 -19.61 -2.06
CA TYR B 184 27.18 -19.20 -1.85
C TYR B 184 27.40 -17.76 -2.30
N MET B 185 28.36 -17.11 -1.62
CA MET B 185 28.75 -15.76 -1.98
C MET B 185 29.21 -15.70 -3.43
N PRO B 186 28.84 -14.66 -4.18
CA PRO B 186 29.39 -14.49 -5.53
C PRO B 186 30.91 -14.57 -5.58
N THR B 187 31.42 -15.55 -6.31
CA THR B 187 32.86 -15.84 -6.37
C THR B 187 33.51 -14.95 -7.42
N TYR B 188 33.59 -13.66 -7.09
CA TYR B 188 34.20 -12.70 -7.99
C TYR B 188 35.58 -13.14 -8.44
N TYR B 189 35.99 -12.65 -9.61
CA TYR B 189 37.31 -12.80 -10.20
C TYR B 189 37.66 -14.23 -10.54
N VAL B 190 36.67 -15.12 -10.56
CA VAL B 190 36.87 -16.53 -10.92
C VAL B 190 35.89 -16.88 -12.03
N ASN B 191 36.40 -17.50 -13.09
CA ASN B 191 35.55 -18.02 -14.15
C ASN B 191 34.79 -19.25 -13.67
N ILE B 192 33.57 -19.06 -13.19
CA ILE B 192 32.68 -20.17 -12.89
C ILE B 192 32.05 -20.71 -14.17
N GLU B 193 31.68 -21.99 -14.14
CA GLU B 193 30.89 -22.62 -15.19
C GLU B 193 29.59 -23.10 -14.56
N VAL B 194 28.46 -22.66 -15.09
CA VAL B 194 27.15 -23.00 -14.56
C VAL B 194 26.25 -23.48 -15.69
N TRP B 195 25.38 -24.43 -15.36
CA TRP B 195 24.37 -24.96 -16.29
C TRP B 195 23.15 -25.43 -15.52
N VAL B 196 22.01 -25.43 -16.21
CA VAL B 196 20.75 -25.90 -15.66
C VAL B 196 20.53 -27.34 -16.10
N GLU B 197 20.27 -28.22 -15.13
CA GLU B 197 19.82 -29.57 -15.41
C GLU B 197 18.34 -29.69 -15.08
N ALA B 198 17.53 -30.00 -16.09
CA ALA B 198 16.11 -30.25 -15.92
C ALA B 198 15.87 -31.75 -15.94
N GLU B 199 15.19 -32.25 -14.91
CA GLU B 199 14.89 -33.67 -14.79
C GLU B 199 13.42 -33.89 -14.53
N ASN B 200 12.81 -34.77 -15.30
CA ASN B 200 11.55 -35.40 -14.92
C ASN B 200 11.60 -36.86 -15.31
N ALA B 201 10.54 -37.59 -14.96
CA ALA B 201 10.51 -39.03 -15.18
C ALA B 201 10.67 -39.40 -16.66
N LEU B 202 10.19 -38.56 -17.57
CA LEU B 202 10.30 -38.87 -18.99
C LEU B 202 11.72 -38.68 -19.52
N GLY B 203 12.47 -37.72 -18.99
CA GLY B 203 13.84 -37.54 -19.46
C GLY B 203 14.55 -36.40 -18.75
N LYS B 204 15.87 -36.42 -18.88
CA LYS B 204 16.79 -35.47 -18.26
C LYS B 204 17.59 -34.77 -19.35
N VAL B 205 17.67 -33.45 -19.28
CA VAL B 205 18.36 -32.64 -20.27
C VAL B 205 19.08 -31.49 -19.56
N SER B 206 20.28 -31.17 -20.04
CA SER B 206 21.10 -30.10 -19.49
C SER B 206 21.22 -28.96 -20.48
N SER B 207 21.04 -27.74 -19.99
CA SER B 207 21.34 -26.54 -20.78
C SER B 207 22.81 -26.54 -21.22
N GLU B 208 23.11 -25.68 -22.18
CA GLU B 208 24.48 -25.21 -22.38
C GLU B 208 25.06 -24.60 -21.10
N SER B 209 26.30 -24.96 -20.81
CA SER B 209 27.06 -24.27 -19.78
C SER B 209 27.50 -22.88 -20.28
N ILE B 210 27.33 -21.88 -19.42
CA ILE B 210 27.85 -20.54 -19.65
C ILE B 210 29.06 -20.33 -18.75
N ASN B 211 30.15 -19.84 -19.33
CA ASN B 211 31.43 -19.66 -18.64
C ASN B 211 31.70 -18.16 -18.51
N PHE B 212 31.61 -17.64 -17.28
CA PHE B 212 31.63 -16.19 -17.11
C PHE B 212 32.19 -15.83 -15.75
N ASP B 213 32.79 -14.64 -15.66
CA ASP B 213 33.21 -14.05 -14.39
C ASP B 213 32.05 -13.25 -13.81
N PRO B 214 31.48 -13.65 -12.67
CA PRO B 214 30.34 -12.90 -12.12
C PRO B 214 30.56 -11.39 -11.98
N VAL B 215 31.78 -10.97 -11.66
CA VAL B 215 32.09 -9.54 -11.55
C VAL B 215 31.59 -8.76 -12.76
N ASP B 216 31.73 -9.32 -13.97
CA ASP B 216 31.22 -8.66 -15.17
C ASP B 216 29.70 -8.53 -15.18
N LYS B 217 28.99 -9.23 -14.31
CA LYS B 217 27.53 -9.28 -14.34
C LYS B 217 26.86 -8.50 -13.22
N VAL B 218 27.64 -7.86 -12.36
CA VAL B 218 27.07 -7.17 -11.20
C VAL B 218 26.20 -6.03 -11.67
N LYS B 219 25.02 -5.91 -11.07
CA LYS B 219 24.23 -4.68 -11.17
C LYS B 219 24.45 -3.76 -9.98
N PRO B 220 25.11 -2.62 -10.16
CA PRO B 220 25.30 -1.71 -9.02
C PRO B 220 24.00 -1.11 -8.52
N THR B 221 23.92 -0.93 -7.21
CA THR B 221 22.84 -0.15 -6.63
C THR B 221 22.87 1.28 -7.17
N PRO B 222 21.73 1.95 -7.24
CA PRO B 222 21.74 3.34 -7.71
C PRO B 222 22.52 4.22 -6.76
N PRO B 223 23.12 5.30 -7.28
CA PRO B 223 23.76 6.28 -6.39
C PRO B 223 22.79 6.84 -5.37
N TYR B 224 23.33 7.23 -4.22
CA TYR B 224 22.53 7.69 -3.10
C TYR B 224 23.16 8.95 -2.50
N ASN B 225 22.39 9.61 -1.65
CA ASN B 225 22.69 10.97 -1.18
C ASN B 225 23.01 11.88 -2.35
N LEU B 226 22.28 11.72 -3.45
CA LEU B 226 22.34 12.68 -4.54
C LEU B 226 22.05 14.09 -4.02
N SER B 227 22.90 15.04 -4.38
CA SER B 227 22.81 16.42 -3.95
C SER B 227 23.28 17.37 -5.04
N VAL B 228 22.74 18.59 -5.00
CA VAL B 228 23.09 19.64 -5.95
C VAL B 228 23.46 20.91 -5.22
N THR B 229 24.43 21.65 -5.77
CA THR B 229 24.81 22.96 -5.28
C THR B 229 24.92 23.92 -6.48
N ASN B 230 24.55 25.16 -6.24
CA ASN B 230 24.67 26.21 -7.25
C ASN B 230 25.93 27.03 -7.01
N SER B 231 26.34 27.77 -8.05
CA SER B 231 27.48 28.68 -7.98
C SER B 231 26.98 30.11 -7.90
N GLU B 232 27.24 30.77 -6.77
CA GLU B 232 26.91 32.18 -6.65
C GLU B 232 27.62 33.02 -7.70
N GLU B 233 28.87 32.66 -8.02
CA GLU B 233 29.57 33.32 -9.13
C GLU B 233 28.87 33.07 -10.46
N LEU B 234 28.42 31.84 -10.69
CA LEU B 234 28.04 31.34 -12.01
C LEU B 234 26.62 30.80 -11.99
N SER B 235 25.66 31.71 -12.16
CA SER B 235 24.25 31.33 -12.21
C SER B 235 24.02 30.13 -13.11
N SER B 236 24.64 30.13 -14.28
CA SER B 236 24.34 29.13 -15.31
C SER B 236 24.74 27.71 -14.92
N ILE B 237 25.46 27.54 -13.82
CA ILE B 237 26.12 26.28 -13.49
C ILE B 237 25.56 25.72 -12.20
N LEU B 238 25.26 24.42 -12.21
CA LEU B 238 24.92 23.65 -11.03
C LEU B 238 25.95 22.53 -10.87
N LYS B 239 26.35 22.24 -9.64
CA LYS B 239 27.31 21.15 -9.41
C LYS B 239 26.53 19.98 -8.84
N LEU B 240 26.51 18.86 -9.56
CA LEU B 240 26.01 17.62 -9.02
C LEU B 240 27.03 16.96 -8.10
N SER B 241 26.54 16.25 -7.09
CA SER B 241 27.39 15.35 -6.32
C SER B 241 26.57 14.17 -5.83
N TRP B 242 27.24 13.03 -5.68
CA TRP B 242 26.57 11.81 -5.26
C TRP B 242 27.57 10.91 -4.54
N VAL B 243 27.03 9.95 -3.80
CA VAL B 243 27.82 8.89 -3.17
C VAL B 243 27.54 7.60 -3.91
N SER B 244 28.60 6.94 -4.39
CA SER B 244 28.47 5.66 -5.07
C SER B 244 28.99 4.57 -4.14
N SER B 245 28.23 3.49 -3.97
CA SER B 245 28.75 2.42 -3.13
C SER B 245 30.04 1.84 -3.71
N GLY B 246 30.02 1.51 -5.00
CA GLY B 246 31.14 0.88 -5.66
C GLY B 246 31.72 -0.32 -4.94
N LEU B 247 30.91 -0.98 -4.11
CA LEU B 247 31.38 -2.14 -3.34
C LEU B 247 32.60 -1.80 -2.49
N GLY B 248 32.59 -0.61 -1.90
CA GLY B 248 33.81 -0.01 -1.39
C GLY B 248 34.79 0.42 -2.46
N GLY B 249 34.28 1.09 -3.49
CA GLY B 249 35.08 1.41 -4.66
C GLY B 249 35.73 0.23 -5.34
N LEU B 250 35.28 -1.00 -5.03
CA LEU B 250 35.78 -2.16 -5.75
C LEU B 250 35.58 -2.01 -7.25
N LEU B 251 34.38 -1.62 -7.66
CA LEU B 251 34.07 -1.34 -9.06
C LEU B 251 34.28 0.14 -9.37
N ASP B 252 35.19 0.42 -10.31
CA ASP B 252 35.20 1.68 -11.03
C ASP B 252 33.90 1.85 -11.81
N LEU B 253 33.00 2.70 -11.33
CA LEU B 253 31.69 2.89 -11.94
C LEU B 253 31.65 4.21 -12.69
N LYS B 254 31.30 4.14 -13.98
CA LYS B 254 30.86 5.28 -14.76
C LYS B 254 29.35 5.45 -14.64
N SER B 255 28.88 6.64 -15.02
CA SER B 255 27.49 7.01 -14.77
C SER B 255 26.88 7.69 -15.99
N ASP B 256 25.56 7.67 -16.05
CA ASP B 256 24.76 8.32 -17.08
C ASP B 256 23.82 9.29 -16.39
N ILE B 257 23.95 10.58 -16.71
CA ILE B 257 23.29 11.65 -15.98
C ILE B 257 22.27 12.31 -16.91
N GLN B 258 21.02 12.39 -16.45
CA GLN B 258 19.95 13.07 -17.14
C GLN B 258 19.31 14.13 -16.26
N TYR B 259 18.87 15.21 -16.90
CA TYR B 259 18.36 16.36 -16.18
C TYR B 259 17.30 17.03 -17.05
N ARG B 260 16.41 17.78 -16.42
CA ARG B 260 15.38 18.50 -17.16
C ARG B 260 14.96 19.74 -16.38
N THR B 261 14.50 20.75 -17.11
CA THR B 261 13.73 21.81 -16.46
C THR B 261 12.57 21.18 -15.72
N LYS B 262 12.33 21.65 -14.48
CA LYS B 262 11.32 21.03 -13.63
C LYS B 262 9.99 20.84 -14.36
N ASP B 263 9.58 21.82 -15.17
CA ASP B 263 8.31 21.71 -15.87
C ASP B 263 8.38 20.71 -17.02
N ALA B 264 9.45 20.73 -17.80
CA ALA B 264 9.58 19.85 -18.94
C ALA B 264 9.75 18.41 -18.47
N SER B 265 8.91 17.52 -18.99
CA SER B 265 9.05 16.09 -18.68
C SER B 265 10.22 15.47 -19.43
N THR B 266 10.55 15.98 -20.62
CA THR B 266 11.55 15.36 -21.47
C THR B 266 12.93 15.44 -20.82
N TRP B 267 13.43 14.29 -20.37
CA TRP B 267 14.77 14.23 -19.79
C TRP B 267 15.83 14.57 -20.82
N ILE B 268 16.57 15.65 -20.57
CA ILE B 268 17.82 15.86 -21.29
C ILE B 268 18.88 14.92 -20.74
N GLN B 269 19.77 14.46 -21.63
CA GLN B 269 20.86 13.57 -21.28
C GLN B 269 22.19 14.30 -21.42
N VAL B 270 22.99 14.25 -20.34
CA VAL B 270 24.36 14.74 -20.41
C VAL B 270 25.14 13.91 -21.43
N PRO B 271 25.93 14.53 -22.32
CA PRO B 271 26.70 13.74 -23.28
C PRO B 271 27.43 12.57 -22.63
N LEU B 272 27.04 11.35 -23.00
CA LEU B 272 27.47 10.18 -22.25
C LEU B 272 28.98 10.01 -22.24
N GLU B 273 29.67 10.52 -23.26
CA GLU B 273 31.12 10.43 -23.30
C GLU B 273 31.82 11.25 -22.23
N ASP B 274 31.13 12.24 -21.65
CA ASP B 274 31.72 13.06 -20.60
C ASP B 274 31.78 12.36 -19.25
N THR B 275 30.92 11.36 -19.04
CA THR B 275 30.87 10.62 -17.79
C THR B 275 31.55 9.26 -17.89
N MET B 276 32.46 9.09 -18.84
CA MET B 276 33.02 7.78 -19.15
C MET B 276 34.00 7.27 -18.11
N SER B 277 34.33 8.07 -17.10
CA SER B 277 35.33 7.73 -16.11
C SER B 277 34.75 7.89 -14.71
N PRO B 278 35.30 7.19 -13.72
CA PRO B 278 34.78 7.30 -12.34
C PRO B 278 34.85 8.73 -11.84
N ARG B 279 33.70 9.26 -11.41
CA ARG B 279 33.65 10.57 -10.80
C ARG B 279 32.47 10.62 -9.83
N THR B 280 32.54 11.56 -8.90
CA THR B 280 31.46 11.79 -7.93
C THR B 280 30.74 13.10 -8.14
N SER B 281 31.24 13.98 -9.00
CA SER B 281 30.62 15.28 -9.24
C SER B 281 30.74 15.65 -10.71
N PHE B 282 29.72 16.34 -11.21
CA PHE B 282 29.72 16.78 -12.60
C PHE B 282 29.12 18.18 -12.66
N THR B 283 29.72 19.04 -13.48
CA THR B 283 29.36 20.46 -13.55
C THR B 283 28.51 20.66 -14.79
N VAL B 284 27.19 20.73 -14.61
CA VAL B 284 26.29 21.00 -15.72
C VAL B 284 26.32 22.49 -16.05
N GLN B 285 26.44 22.80 -17.34
CA GLN B 285 26.60 24.17 -17.83
C GLN B 285 25.47 24.52 -18.80
N ASP B 286 25.37 25.82 -19.07
CA ASP B 286 24.38 26.37 -20.01
C ASP B 286 22.97 26.24 -19.47
N LEU B 287 22.83 26.17 -18.15
CA LEU B 287 21.52 26.22 -17.52
C LEU B 287 20.95 27.64 -17.58
N LYS B 288 19.63 27.71 -17.59
CA LYS B 288 18.95 29.00 -17.57
C LYS B 288 19.33 29.77 -16.30
N PRO B 289 19.48 31.10 -16.39
CA PRO B 289 20.13 31.83 -15.29
C PRO B 289 19.38 31.77 -13.97
N PHE B 290 18.06 31.59 -13.99
CA PHE B 290 17.29 31.38 -12.76
C PHE B 290 16.12 30.46 -13.08
N THR B 291 16.37 29.16 -12.94
CA THR B 291 15.39 28.13 -13.27
C THR B 291 15.64 26.93 -12.36
N GLU B 292 14.56 26.25 -11.98
CA GLU B 292 14.66 25.03 -11.18
C GLU B 292 14.80 23.82 -12.09
N TYR B 293 15.77 22.96 -11.77
CA TYR B 293 16.07 21.76 -12.54
C TYR B 293 15.97 20.52 -11.67
N VAL B 294 15.68 19.40 -12.32
CA VAL B 294 15.60 18.09 -11.69
C VAL B 294 16.66 17.20 -12.34
N PHE B 295 17.35 16.41 -11.53
CA PHE B 295 18.44 15.56 -11.98
C PHE B 295 18.22 14.13 -11.50
N ARG B 296 18.67 13.18 -12.32
CA ARG B 296 18.75 11.79 -11.92
C ARG B 296 19.98 11.16 -12.56
N ILE B 297 20.48 10.08 -11.94
CA ILE B 297 21.72 9.44 -12.36
C ILE B 297 21.61 7.94 -12.17
N ARG B 298 22.35 7.19 -13.00
CA ARG B 298 22.52 5.76 -12.84
C ARG B 298 23.97 5.42 -13.19
N SER B 299 24.45 4.28 -12.71
CA SER B 299 25.85 3.92 -12.81
C SER B 299 26.03 2.51 -13.35
N ILE B 300 27.20 2.28 -13.95
CA ILE B 300 27.62 0.96 -14.44
C ILE B 300 29.13 0.87 -14.33
N LYS B 301 29.62 -0.37 -14.29
CA LYS B 301 31.06 -0.63 -14.37
C LYS B 301 31.70 0.18 -15.50
N ASP B 302 32.81 0.83 -15.19
CA ASP B 302 33.56 1.64 -16.14
C ASP B 302 33.69 0.97 -17.50
N SER B 303 33.95 -0.34 -17.51
CA SER B 303 34.11 -1.05 -18.78
C SER B 303 32.81 -1.21 -19.55
N GLY B 304 31.68 -0.87 -18.93
CA GLY B 304 30.39 -1.05 -19.55
C GLY B 304 29.90 -2.48 -19.60
N LYS B 305 30.67 -3.44 -19.08
CA LYS B 305 30.15 -4.76 -18.82
C LYS B 305 29.07 -4.72 -17.74
N GLY B 306 28.28 -5.79 -17.68
CA GLY B 306 27.16 -5.83 -16.77
C GLY B 306 25.98 -4.99 -17.23
N TYR B 307 25.20 -4.53 -16.25
CA TYR B 307 23.93 -3.86 -16.48
C TYR B 307 23.91 -2.52 -15.77
N TRP B 308 23.37 -1.51 -16.45
CA TRP B 308 23.11 -0.22 -15.82
C TRP B 308 22.28 -0.40 -14.56
N SER B 309 22.68 0.30 -13.51
CA SER B 309 21.88 0.38 -12.30
C SER B 309 20.51 0.98 -12.60
N ASP B 310 19.61 0.83 -11.63
CA ASP B 310 18.41 1.63 -11.61
C ASP B 310 18.78 3.11 -11.47
N TRP B 311 17.83 3.97 -11.83
CA TRP B 311 18.01 5.40 -11.64
C TRP B 311 18.01 5.74 -10.15
N SER B 312 18.85 6.69 -9.76
CA SER B 312 18.67 7.31 -8.46
C SER B 312 17.31 7.97 -8.32
N GLU B 313 17.01 8.34 -7.08
CA GLU B 313 15.98 9.33 -6.80
C GLU B 313 16.28 10.63 -7.53
N GLU B 314 15.22 11.39 -7.81
CA GLU B 314 15.39 12.72 -8.38
C GLU B 314 15.96 13.69 -7.36
N ALA B 315 16.79 14.61 -7.83
CA ALA B 315 17.30 15.72 -7.03
C ALA B 315 17.07 17.02 -7.76
N SER B 316 16.92 18.10 -7.00
CA SER B 316 16.50 19.39 -7.54
C SER B 316 17.40 20.50 -7.03
N GLY B 317 17.54 21.54 -7.84
CA GLY B 317 18.29 22.72 -7.47
C GLY B 317 17.96 23.89 -8.36
N THR B 318 18.25 25.09 -7.85
CA THR B 318 17.90 26.33 -8.53
C THR B 318 19.17 27.08 -8.91
N THR B 319 19.34 27.33 -10.20
CA THR B 319 20.38 28.24 -10.67
C THR B 319 20.31 29.57 -9.93
N TYR B 320 21.43 29.98 -9.35
CA TYR B 320 21.50 31.26 -8.66
C TYR B 320 21.02 32.40 -9.55
N GLU B 321 20.24 33.29 -8.95
CA GLU B 321 19.69 34.47 -9.63
C GLU B 321 20.79 35.29 -10.32
N ASP B 322 20.41 36.13 -11.28
CA ASP B 322 21.39 36.94 -11.99
C ASP B 322 20.84 38.34 -12.25
N ARG B 323 21.76 39.25 -12.57
CA ARG B 323 21.39 40.61 -12.96
C ARG B 323 20.25 40.56 -13.98
N PRO B 324 19.19 41.34 -13.79
CA PRO B 324 18.07 41.27 -14.74
C PRO B 324 18.49 41.77 -16.11
N SER B 325 18.16 41.00 -17.15
CA SER B 325 18.73 41.28 -18.46
C SER B 325 18.14 42.52 -19.11
N ARG B 326 16.85 42.80 -18.89
CA ARG B 326 16.19 43.90 -19.57
C ARG B 326 15.53 44.88 -18.61
N PRO B 327 15.58 46.18 -18.91
CA PRO B 327 14.88 47.17 -18.07
C PRO B 327 13.38 46.96 -18.11
N PRO B 328 12.68 47.21 -17.00
CA PRO B 328 11.22 47.10 -17.00
C PRO B 328 10.58 48.08 -17.98
N SER B 329 9.40 47.70 -18.46
CA SER B 329 8.53 48.62 -19.20
C SER B 329 8.21 49.83 -18.34
N PHE B 330 8.41 51.02 -18.88
CA PHE B 330 8.36 52.26 -18.11
C PHE B 330 7.49 53.27 -18.84
N TRP B 331 6.58 53.89 -18.11
CA TRP B 331 5.65 54.85 -18.68
C TRP B 331 5.20 55.81 -17.58
N TYR B 332 4.64 56.95 -18.00
CA TYR B 332 4.18 57.97 -17.08
C TYR B 332 2.78 58.43 -17.47
N LYS B 333 2.01 58.85 -16.48
CA LYS B 333 0.73 59.49 -16.69
C LYS B 333 0.61 60.73 -15.84
N THR B 334 -0.07 61.75 -16.39
CA THR B 334 -0.29 63.01 -15.70
C THR B 334 -1.77 63.34 -15.73
N ASN B 335 -2.35 63.58 -14.55
CA ASN B 335 -3.68 64.16 -14.48
C ASN B 335 -3.60 65.63 -14.85
N PRO B 336 -4.52 66.15 -15.67
CA PRO B 336 -4.38 67.56 -16.07
C PRO B 336 -4.46 68.48 -14.86
N SER B 337 -3.36 69.20 -14.61
CA SER B 337 -3.26 70.05 -13.43
C SER B 337 -3.01 71.47 -13.90
N HIS B 338 -3.81 71.94 -14.85
CA HIS B 338 -3.70 73.32 -15.32
C HIS B 338 -3.78 74.29 -14.15
N GLY B 339 -2.97 75.35 -14.22
CA GLY B 339 -2.98 76.39 -13.22
C GLY B 339 -2.20 76.10 -11.97
N GLN B 340 -1.37 75.04 -11.97
CA GLN B 340 -0.48 74.73 -10.87
C GLN B 340 0.95 74.70 -11.36
N GLU B 341 1.86 75.24 -10.53
CA GLU B 341 3.28 75.14 -10.85
C GLU B 341 3.79 73.70 -10.76
N TYR B 342 3.10 72.85 -10.01
CA TYR B 342 3.48 71.45 -9.87
C TYR B 342 2.39 70.55 -10.44
N ARG B 343 2.83 69.49 -11.10
CA ARG B 343 1.98 68.49 -11.74
C ARG B 343 2.24 67.10 -11.15
N SER B 344 1.18 66.43 -10.74
CA SER B 344 1.29 65.08 -10.18
C SER B 344 1.49 64.07 -11.32
N VAL B 345 2.70 63.54 -11.42
CA VAL B 345 3.05 62.58 -12.46
C VAL B 345 3.06 61.19 -11.83
N ARG B 346 2.15 60.33 -12.30
CA ARG B 346 2.08 58.94 -11.82
C ARG B 346 2.99 58.08 -12.70
N LEU B 347 4.23 57.92 -12.26
CA LEU B 347 5.13 56.99 -12.92
C LEU B 347 4.69 55.56 -12.63
N ILE B 348 4.65 54.73 -13.67
CA ILE B 348 4.19 53.35 -13.57
C ILE B 348 5.04 52.43 -14.44
N TRP B 349 5.32 51.23 -13.92
CA TRP B 349 6.09 50.23 -14.62
C TRP B 349 5.52 48.86 -14.31
N LYS B 350 5.83 47.89 -15.17
CA LYS B 350 5.39 46.51 -15.00
C LYS B 350 6.56 45.63 -14.60
N ALA B 351 6.35 44.77 -13.60
CA ALA B 351 7.44 43.94 -13.10
C ALA B 351 8.03 43.09 -14.21
N LEU B 352 9.34 42.88 -14.11
CA LEU B 352 10.05 42.03 -15.05
C LEU B 352 9.61 40.59 -14.89
N PRO B 353 9.25 39.89 -15.97
CA PRO B 353 9.04 38.44 -15.86
C PRO B 353 10.30 37.74 -15.37
N LEU B 354 10.09 36.54 -14.82
CA LEU B 354 11.22 35.79 -14.26
C LEU B 354 12.32 35.62 -15.31
N SER B 355 11.94 35.35 -16.55
CA SER B 355 12.96 35.20 -17.60
C SER B 355 13.76 36.48 -17.80
N GLU B 356 13.27 37.61 -17.29
CA GLU B 356 14.00 38.88 -17.29
C GLU B 356 14.40 39.32 -15.89
N ALA B 357 13.55 39.09 -14.90
CA ALA B 357 13.98 39.31 -13.53
C ALA B 357 15.18 38.44 -13.19
N ASN B 358 15.18 37.19 -13.67
CA ASN B 358 16.31 36.30 -13.39
C ASN B 358 16.63 36.19 -11.91
N GLY B 359 15.68 36.55 -11.05
CA GLY B 359 15.94 36.58 -9.62
C GLY B 359 14.87 37.35 -8.88
N LYS B 360 15.11 37.47 -7.57
CA LYS B 360 14.18 38.15 -6.66
C LYS B 360 14.31 39.66 -6.85
N ILE B 361 13.30 40.26 -7.46
CA ILE B 361 13.23 41.72 -7.59
C ILE B 361 13.03 42.31 -6.20
N LEU B 362 14.08 42.94 -5.66
CA LEU B 362 13.97 43.48 -4.31
C LEU B 362 13.33 44.86 -4.31
N ASP B 363 13.78 45.74 -5.20
CA ASP B 363 13.24 47.09 -5.26
C ASP B 363 13.53 47.68 -6.62
N TYR B 364 12.75 48.71 -6.97
CA TYR B 364 13.00 49.52 -8.15
C TYR B 364 13.55 50.87 -7.72
N GLU B 365 14.61 51.33 -8.38
CA GLU B 365 15.19 52.64 -8.12
C GLU B 365 14.76 53.61 -9.23
N VAL B 366 14.07 54.68 -8.85
CA VAL B 366 13.63 55.70 -9.78
C VAL B 366 14.48 56.95 -9.56
N ILE B 367 15.13 57.40 -10.63
CA ILE B 367 15.94 58.62 -10.61
C ILE B 367 15.27 59.66 -11.51
N LEU B 368 15.09 60.87 -10.98
CA LEU B 368 14.48 61.97 -11.72
C LEU B 368 15.52 63.07 -11.88
N THR B 369 15.80 63.44 -13.13
CA THR B 369 16.79 64.46 -13.44
C THR B 369 16.09 65.65 -14.07
N GLN B 370 16.12 66.79 -13.39
CA GLN B 370 15.55 68.03 -13.92
C GLN B 370 16.59 68.70 -14.81
N SER B 371 16.78 68.14 -16.01
CA SER B 371 17.74 68.67 -16.96
C SER B 371 19.14 68.76 -16.34
N LYS B 372 19.57 69.97 -15.98
CA LYS B 372 20.90 70.20 -15.44
C LYS B 372 20.94 70.17 -13.92
N SER B 373 19.79 70.25 -13.26
CA SER B 373 19.75 70.29 -11.80
C SER B 373 20.16 68.95 -11.21
N VAL B 374 20.33 68.95 -9.89
CA VAL B 374 20.60 67.71 -9.16
C VAL B 374 19.51 66.70 -9.48
N SER B 375 19.93 65.46 -9.73
CA SER B 375 18.99 64.39 -10.04
C SER B 375 18.38 63.87 -8.75
N GLN B 376 17.05 63.87 -8.66
CA GLN B 376 16.42 63.26 -7.50
C GLN B 376 16.46 61.74 -7.63
N THR B 377 16.52 61.07 -6.48
CA THR B 377 16.56 59.61 -6.44
C THR B 377 15.50 59.11 -5.46
N TYR B 378 14.75 58.10 -5.88
CA TYR B 378 13.76 57.47 -5.03
C TYR B 378 13.85 55.96 -5.18
N THR B 379 13.62 55.25 -4.07
CA THR B 379 13.55 53.79 -4.05
C THR B 379 12.13 53.33 -3.73
N VAL B 380 11.56 52.54 -4.62
CA VAL B 380 10.14 52.18 -4.57
C VAL B 380 10.02 50.66 -4.71
N THR B 381 9.27 50.05 -3.80
CA THR B 381 8.97 48.63 -3.90
C THR B 381 7.72 48.35 -4.73
N GLY B 382 6.76 49.28 -4.74
CA GLY B 382 5.61 49.13 -5.60
C GLY B 382 5.92 49.42 -7.06
N THR B 383 4.90 49.21 -7.88
CA THR B 383 4.99 49.35 -9.33
C THR B 383 4.59 50.72 -9.84
N GLU B 384 4.41 51.70 -8.96
CA GLU B 384 3.96 53.03 -9.37
C GLU B 384 4.62 54.03 -8.44
N LEU B 385 4.87 55.24 -8.95
CA LEU B 385 5.39 56.32 -8.12
C LEU B 385 4.70 57.61 -8.53
N THR B 386 4.05 58.28 -7.59
CA THR B 386 3.44 59.57 -7.80
C THR B 386 4.35 60.66 -7.25
N VAL B 387 4.78 61.58 -8.13
CA VAL B 387 5.69 62.65 -7.75
C VAL B 387 5.12 63.96 -8.30
N ASN B 388 5.11 65.00 -7.46
CA ASN B 388 4.66 66.33 -7.86
C ASN B 388 5.79 67.04 -8.58
N LEU B 389 5.91 66.81 -9.88
CA LEU B 389 6.92 67.48 -10.66
C LEU B 389 6.49 68.91 -10.99
N THR B 390 7.48 69.77 -11.24
CA THR B 390 7.22 71.06 -11.83
C THR B 390 6.82 70.92 -13.29
N ASN B 391 6.41 72.04 -13.89
CA ASN B 391 6.12 72.07 -15.32
C ASN B 391 7.37 72.06 -16.18
N ASP B 392 8.56 72.00 -15.59
CA ASP B 392 9.78 71.92 -16.37
C ASP B 392 9.87 70.56 -17.07
N ARG B 393 10.75 70.47 -18.06
CA ARG B 393 10.99 69.18 -18.68
C ARG B 393 11.82 68.31 -17.75
N TYR B 394 11.41 67.05 -17.61
CA TYR B 394 12.14 66.07 -16.81
C TYR B 394 12.57 64.86 -17.61
N VAL B 395 13.67 64.26 -17.16
CA VAL B 395 14.16 62.97 -17.59
C VAL B 395 13.93 61.99 -16.45
N ALA B 396 13.07 61.00 -16.69
CA ALA B 396 12.88 59.90 -15.76
C ALA B 396 13.83 58.76 -16.08
N SER B 397 14.26 58.07 -15.02
CA SER B 397 15.09 56.88 -15.17
C SER B 397 14.59 55.80 -14.22
N LEU B 398 14.53 54.57 -14.71
CA LEU B 398 14.06 53.43 -13.93
C LEU B 398 15.01 52.26 -14.10
N ALA B 399 15.43 51.68 -12.97
CA ALA B 399 16.23 50.47 -12.97
C ALA B 399 15.67 49.48 -11.96
N ALA B 400 15.79 48.20 -12.28
CA ALA B 400 15.34 47.12 -11.42
C ALA B 400 16.54 46.53 -10.68
N ARG B 401 16.50 46.53 -9.36
CA ARG B 401 17.58 46.02 -8.52
C ARG B 401 17.17 44.68 -7.93
N ASN B 402 18.00 43.66 -8.16
CA ASN B 402 17.89 42.40 -7.46
C ASN B 402 19.10 42.23 -6.53
N LYS B 403 19.19 41.04 -5.94
CA LYS B 403 20.32 40.69 -5.09
C LYS B 403 21.66 41.09 -5.72
N VAL B 404 21.82 40.79 -7.01
CA VAL B 404 23.12 40.93 -7.64
C VAL B 404 23.40 42.39 -8.02
N GLY B 405 22.44 43.06 -8.65
CA GLY B 405 22.63 44.45 -8.99
C GLY B 405 21.47 45.00 -9.77
N LYS B 406 21.60 46.27 -10.13
CA LYS B 406 20.58 46.95 -10.93
C LYS B 406 20.61 46.48 -12.37
N SER B 407 19.43 46.34 -12.96
CA SER B 407 19.30 46.19 -14.40
C SER B 407 19.79 47.44 -15.12
N ALA B 408 19.84 47.34 -16.45
CA ALA B 408 19.93 48.53 -17.28
C ALA B 408 18.79 49.49 -16.95
N ALA B 409 19.04 50.78 -17.17
CA ALA B 409 18.09 51.82 -16.78
C ALA B 409 17.17 52.14 -17.95
N ALA B 410 15.86 52.00 -17.73
CA ALA B 410 14.87 52.58 -18.63
C ALA B 410 14.87 54.09 -18.51
N VAL B 411 14.73 54.77 -19.65
CA VAL B 411 14.80 56.23 -19.72
C VAL B 411 13.51 56.74 -20.36
N LEU B 412 12.93 57.77 -19.77
CA LEU B 412 11.63 58.30 -20.20
C LEU B 412 11.64 59.82 -20.03
N THR B 413 11.81 60.52 -21.15
CA THR B 413 11.76 61.98 -21.18
C THR B 413 10.33 62.46 -20.92
N ILE B 414 10.11 63.10 -19.78
CA ILE B 414 8.83 63.72 -19.46
C ILE B 414 8.83 65.13 -20.06
N PRO B 415 8.10 65.39 -21.13
CA PRO B 415 8.07 66.74 -21.70
C PRO B 415 7.36 67.72 -20.80
N SER B 416 7.70 69.00 -20.97
CA SER B 416 6.94 70.04 -20.32
C SER B 416 5.52 70.07 -20.90
N PRO B 417 4.51 70.41 -20.10
CA PRO B 417 3.13 70.36 -20.60
C PRO B 417 2.89 71.20 -21.85
N HIS B 418 3.64 72.29 -22.05
CA HIS B 418 3.32 73.14 -23.19
C HIS B 418 3.87 72.60 -24.51
N VAL B 419 4.77 71.62 -24.47
CA VAL B 419 5.39 71.09 -25.67
C VAL B 419 4.32 70.28 -26.42
N THR B 420 3.88 70.78 -27.57
CA THR B 420 2.93 70.07 -28.39
C THR B 420 3.59 68.91 -29.13
N ALA B 421 2.93 67.76 -29.14
CA ALA B 421 3.43 66.62 -29.90
C ALA B 421 3.50 66.95 -31.39
N ALA B 422 4.68 66.69 -31.98
CA ALA B 422 4.92 67.05 -33.37
C ALA B 422 4.52 65.95 -34.35
N TYR B 423 4.56 64.69 -33.93
CA TYR B 423 4.30 63.56 -34.82
C TYR B 423 3.44 62.49 -34.15
N SER B 424 2.48 61.95 -34.91
CA SER B 424 1.62 60.88 -34.45
C SER B 424 1.62 59.75 -35.47
N VAL B 425 1.19 58.57 -35.02
CA VAL B 425 1.01 57.44 -35.94
C VAL B 425 -0.03 57.79 -37.02
N VAL B 426 0.08 57.09 -38.14
CA VAL B 426 -0.87 57.21 -39.23
C VAL B 426 -1.26 55.81 -39.70
N ASN B 427 -2.43 55.73 -40.33
CA ASN B 427 -2.97 54.47 -40.85
C ASN B 427 -3.06 53.42 -39.74
N LEU B 428 -3.34 53.87 -38.52
CA LEU B 428 -3.54 52.96 -37.41
C LEU B 428 -4.76 52.08 -37.65
N LYS B 429 -4.58 50.76 -37.46
CA LYS B 429 -5.68 49.82 -37.56
C LYS B 429 -5.61 48.81 -36.43
N ALA B 430 -6.76 48.24 -36.10
CA ALA B 430 -6.83 47.12 -35.16
C ALA B 430 -7.88 46.14 -35.65
N PHE B 431 -7.60 44.84 -35.49
CA PHE B 431 -8.47 43.78 -35.96
C PHE B 431 -8.25 42.54 -35.10
N PRO B 432 -9.30 41.78 -34.79
CA PRO B 432 -9.10 40.51 -34.09
C PRO B 432 -8.65 39.40 -35.02
N LYS B 433 -7.66 38.64 -34.56
CA LYS B 433 -7.16 37.47 -35.26
C LYS B 433 -6.64 36.47 -34.24
N ASP B 434 -6.93 35.18 -34.47
CA ASP B 434 -6.48 34.11 -33.59
C ASP B 434 -6.98 34.34 -32.18
N ASN B 435 -8.20 34.87 -32.06
CA ASN B 435 -8.80 35.26 -30.79
C ASN B 435 -7.98 36.33 -30.08
N LEU B 436 -7.18 37.10 -30.82
CA LEU B 436 -6.34 38.14 -30.25
C LEU B 436 -6.64 39.45 -30.96
N LEU B 437 -6.68 40.54 -30.20
CA LEU B 437 -6.91 41.87 -30.76
C LEU B 437 -5.57 42.45 -31.19
N TRP B 438 -5.28 42.39 -32.48
CA TRP B 438 -4.04 42.93 -33.02
C TRP B 438 -4.21 44.39 -33.41
N VAL B 439 -3.12 45.15 -33.31
CA VAL B 439 -3.08 46.55 -33.70
C VAL B 439 -1.85 46.76 -34.60
N GLU B 440 -2.04 47.49 -35.69
CA GLU B 440 -0.97 47.78 -36.63
C GLU B 440 -0.99 49.26 -37.00
N TRP B 441 0.21 49.79 -37.27
CA TRP B 441 0.37 51.19 -37.60
C TRP B 441 1.61 51.36 -38.48
N THR B 442 1.68 52.51 -39.16
CA THR B 442 2.86 52.89 -39.93
C THR B 442 3.83 53.70 -39.06
N PRO B 443 5.09 53.29 -38.96
CA PRO B 443 6.07 54.09 -38.21
C PRO B 443 6.18 55.49 -38.77
N PRO B 444 6.36 56.50 -37.93
CA PRO B 444 6.63 57.85 -38.42
C PRO B 444 7.94 57.90 -39.18
N PRO B 445 8.18 58.95 -39.96
CA PRO B 445 9.46 59.06 -40.67
C PRO B 445 10.63 59.33 -39.74
N LYS B 446 10.37 59.80 -38.52
CA LYS B 446 11.40 60.02 -37.52
C LYS B 446 11.71 58.74 -36.75
N PRO B 447 12.92 58.60 -36.22
CA PRO B 447 13.27 57.37 -35.47
C PRO B 447 12.57 57.28 -34.12
N VAL B 448 11.52 56.46 -34.04
CA VAL B 448 10.87 56.20 -32.76
C VAL B 448 11.86 55.50 -31.83
N SER B 449 11.85 55.91 -30.55
CA SER B 449 12.61 55.19 -29.54
C SER B 449 11.84 53.98 -29.02
N LYS B 450 10.55 54.13 -28.75
CA LYS B 450 9.70 53.03 -28.35
C LYS B 450 8.25 53.44 -28.57
N TYR B 451 7.38 52.43 -28.66
CA TYR B 451 5.95 52.65 -28.73
C TYR B 451 5.30 52.23 -27.42
N ILE B 452 4.36 53.06 -26.94
CA ILE B 452 3.51 52.72 -25.81
C ILE B 452 2.08 52.64 -26.33
N LEU B 453 1.38 51.56 -25.98
CA LEU B 453 -0.02 51.39 -26.33
C LEU B 453 -0.86 51.35 -25.05
N GLU B 454 -2.03 51.97 -25.10
CA GLU B 454 -2.95 52.03 -23.97
C GLU B 454 -4.36 51.72 -24.43
N TRP B 455 -5.13 51.06 -23.57
CA TRP B 455 -6.49 50.67 -23.90
C TRP B 455 -7.34 50.63 -22.64
N CYS B 456 -8.65 50.81 -22.81
CA CYS B 456 -9.61 50.67 -21.73
C CYS B 456 -10.95 50.26 -22.31
N VAL B 457 -11.75 49.59 -21.48
CA VAL B 457 -13.12 49.26 -21.83
C VAL B 457 -13.95 50.54 -21.90
N LEU B 458 -14.59 50.78 -23.03
CA LEU B 458 -15.55 51.87 -23.14
C LEU B 458 -16.85 51.48 -22.43
N SER B 459 -17.31 52.36 -21.54
CA SER B 459 -18.53 52.10 -20.80
C SER B 459 -19.22 53.43 -20.52
N GLU B 460 -20.54 53.36 -20.35
CA GLU B 460 -21.33 54.51 -19.92
C GLU B 460 -21.63 54.50 -18.43
N ASN B 461 -21.42 53.36 -17.76
CA ASN B 461 -21.63 53.24 -16.32
C ASN B 461 -20.34 53.26 -15.52
N ALA B 462 -19.19 53.12 -16.17
CA ALA B 462 -17.91 53.05 -15.48
C ALA B 462 -16.87 53.87 -16.22
N PRO B 463 -15.85 54.35 -15.54
CA PRO B 463 -14.82 55.16 -16.20
C PRO B 463 -13.88 54.31 -17.05
N CYS B 464 -13.11 55.00 -17.88
CA CYS B 464 -12.07 54.38 -18.69
C CYS B 464 -10.88 53.98 -17.83
N VAL B 465 -10.92 52.76 -17.29
CA VAL B 465 -9.79 52.19 -16.55
C VAL B 465 -8.76 51.72 -17.58
N GLU B 466 -7.63 52.42 -17.64
CA GLU B 466 -6.64 52.18 -18.67
C GLU B 466 -5.70 51.04 -18.29
N ASP B 467 -5.24 50.33 -19.31
CA ASP B 467 -4.11 49.40 -19.22
C ASP B 467 -3.17 49.71 -20.36
N TRP B 468 -1.94 49.20 -20.27
CA TRP B 468 -0.89 49.66 -21.16
C TRP B 468 0.16 48.58 -21.35
N GLN B 469 0.92 48.71 -22.44
CA GLN B 469 2.04 47.83 -22.73
C GLN B 469 3.07 48.59 -23.55
N GLN B 470 4.32 48.13 -23.49
CA GLN B 470 5.43 48.74 -24.20
C GLN B 470 5.85 47.87 -25.38
N GLU B 471 6.11 48.51 -26.53
CA GLU B 471 6.65 47.84 -27.71
C GLU B 471 7.95 48.49 -28.14
N ASP B 472 8.88 47.68 -28.62
CA ASP B 472 10.17 48.16 -29.10
C ASP B 472 10.00 49.00 -30.37
N ALA B 473 11.01 49.85 -30.62
CA ALA B 473 11.00 50.70 -31.80
C ALA B 473 10.82 49.91 -33.09
N THR B 474 11.33 48.67 -33.13
CA THR B 474 11.23 47.87 -34.34
C THR B 474 9.83 47.29 -34.55
N VAL B 475 9.01 47.27 -33.51
CA VAL B 475 7.68 46.68 -33.59
C VAL B 475 6.73 47.65 -34.30
N ASN B 476 6.05 47.17 -35.34
CA ASN B 476 5.00 47.93 -36.00
C ASN B 476 3.64 47.27 -35.90
N ARG B 477 3.56 46.04 -35.40
CA ARG B 477 2.30 45.36 -35.18
C ARG B 477 2.43 44.50 -33.94
N THR B 478 1.41 44.50 -33.09
CA THR B 478 1.44 43.71 -31.87
C THR B 478 0.02 43.41 -31.42
N HIS B 479 -0.10 42.36 -30.61
CA HIS B 479 -1.34 42.03 -29.94
C HIS B 479 -1.37 42.66 -28.54
N LEU B 480 -2.56 43.03 -28.10
CA LEU B 480 -2.74 43.63 -26.79
C LEU B 480 -2.56 42.55 -25.72
N ARG B 481 -1.49 42.67 -24.93
CA ARG B 481 -1.17 41.70 -23.90
C ARG B 481 -2.01 42.00 -22.65
N GLY B 482 -3.18 41.39 -22.59
CA GLY B 482 -4.02 41.52 -21.40
C GLY B 482 -5.21 40.61 -21.49
N ARG B 483 -5.95 40.54 -20.38
CA ARG B 483 -7.15 39.72 -20.28
C ARG B 483 -8.36 40.44 -20.88
N LEU B 484 -8.27 40.70 -22.19
CA LEU B 484 -9.37 41.36 -22.88
C LEU B 484 -10.63 40.50 -22.82
N LEU B 485 -11.78 41.15 -22.80
CA LEU B 485 -13.07 40.50 -22.63
C LEU B 485 -13.82 40.47 -23.95
N GLU B 486 -14.43 39.33 -24.26
CA GLU B 486 -15.28 39.22 -25.44
C GLU B 486 -16.54 40.07 -25.27
N SER B 487 -17.03 40.57 -26.39
CA SER B 487 -18.29 41.34 -26.46
C SER B 487 -18.20 42.66 -25.72
N LYS B 488 -17.01 43.07 -25.29
CA LYS B 488 -16.80 44.35 -24.63
C LYS B 488 -16.05 45.28 -25.58
N CYS B 489 -16.55 46.50 -25.74
CA CYS B 489 -15.88 47.48 -26.56
C CYS B 489 -14.67 48.03 -25.82
N TYR B 490 -13.50 47.95 -26.45
CA TYR B 490 -12.27 48.55 -25.95
C TYR B 490 -11.92 49.76 -26.79
N GLN B 491 -11.72 50.91 -26.14
CA GLN B 491 -10.97 51.98 -26.75
C GLN B 491 -9.49 51.64 -26.74
N ILE B 492 -8.82 51.92 -27.85
CA ILE B 492 -7.39 51.65 -28.01
C ILE B 492 -6.68 52.95 -28.30
N THR B 493 -5.52 53.13 -27.69
CA THR B 493 -4.72 54.33 -27.86
C THR B 493 -3.27 53.94 -28.13
N VAL B 494 -2.64 54.64 -29.06
CA VAL B 494 -1.25 54.42 -29.41
C VAL B 494 -0.53 55.76 -29.30
N THR B 495 0.55 55.79 -28.53
CA THR B 495 1.35 56.99 -28.32
C THR B 495 2.78 56.69 -28.69
N LEU B 496 3.31 57.43 -29.66
CA LEU B 496 4.73 57.35 -29.99
C LEU B 496 5.58 58.03 -28.93
N VAL B 497 6.72 57.42 -28.62
CA VAL B 497 7.66 57.95 -27.64
C VAL B 497 8.97 58.25 -28.38
N PHE B 498 9.29 59.53 -28.51
CA PHE B 498 10.57 59.97 -29.04
C PHE B 498 11.51 60.34 -27.89
N ALA B 499 12.79 60.49 -28.23
CA ALA B 499 13.75 61.00 -27.25
C ALA B 499 13.25 62.29 -26.63
N THR B 500 12.57 63.12 -27.42
CA THR B 500 11.98 64.36 -26.91
C THR B 500 10.75 64.12 -26.06
N GLY B 501 10.21 62.90 -26.05
CA GLY B 501 9.01 62.59 -25.32
C GLY B 501 7.94 61.96 -26.18
N PRO B 502 6.75 61.76 -25.62
CA PRO B 502 5.65 61.17 -26.39
C PRO B 502 5.21 62.05 -27.55
N GLY B 503 4.89 61.40 -28.67
CA GLY B 503 4.22 62.04 -29.77
C GLY B 503 2.71 62.09 -29.59
N GLY B 504 2.03 62.47 -30.67
CA GLY B 504 0.58 62.53 -30.64
C GLY B 504 -0.03 61.15 -30.55
N SER B 505 -1.09 61.03 -29.76
CA SER B 505 -1.75 59.76 -29.49
C SER B 505 -2.98 59.63 -30.39
N GLU B 506 -2.91 58.70 -31.34
CA GLU B 506 -4.08 58.31 -32.12
C GLU B 506 -4.87 57.24 -31.38
N SER B 507 -6.19 57.28 -31.53
CA SER B 507 -7.07 56.32 -30.87
C SER B 507 -8.12 55.82 -31.86
N LEU B 508 -8.55 54.57 -31.64
CA LEU B 508 -9.66 53.99 -32.37
C LEU B 508 -10.38 53.01 -31.44
N LYS B 509 -11.48 52.44 -31.94
CA LYS B 509 -12.28 51.49 -31.19
C LYS B 509 -12.30 50.13 -31.89
N ALA B 510 -12.31 49.06 -31.09
CA ALA B 510 -12.30 47.71 -31.64
C ALA B 510 -12.91 46.76 -30.62
N TYR B 511 -13.28 45.58 -31.10
CA TYR B 511 -13.73 44.48 -30.26
C TYR B 511 -12.80 43.29 -30.42
N LEU B 512 -12.48 42.63 -29.31
CA LEU B 512 -11.80 41.34 -29.39
C LEU B 512 -12.71 40.31 -30.06
N LYS B 513 -13.97 40.26 -29.65
CA LYS B 513 -14.95 39.37 -30.24
C LYS B 513 -16.33 39.99 -30.03
N GLN B 514 -17.24 39.72 -30.97
CA GLN B 514 -18.57 40.31 -30.96
C GLN B 514 -19.61 39.27 -30.55
N ALA B 515 -20.80 39.76 -30.24
CA ALA B 515 -21.98 38.92 -30.05
C ALA B 515 -23.21 39.73 -30.39
N ALA B 516 -24.35 39.03 -30.47
CA ALA B 516 -25.61 39.71 -30.68
C ALA B 516 -25.86 40.72 -29.56
N PRO B 517 -26.53 41.84 -29.86
CA PRO B 517 -26.75 42.85 -28.81
C PRO B 517 -27.53 42.29 -27.63
N ALA B 518 -27.18 42.76 -26.44
CA ALA B 518 -27.89 42.33 -25.25
C ALA B 518 -29.33 42.83 -25.23
N ARG B 519 -29.59 43.97 -25.85
CA ARG B 519 -30.94 44.50 -25.99
C ARG B 519 -31.11 45.09 -27.38
N GLY B 520 -32.32 44.99 -27.92
CA GLY B 520 -32.66 45.66 -29.15
C GLY B 520 -32.89 47.14 -28.94
N PRO B 521 -32.99 47.86 -30.06
CA PRO B 521 -33.22 49.30 -29.98
C PRO B 521 -34.65 49.63 -29.57
N THR B 522 -34.80 50.78 -28.91
CA THR B 522 -36.11 51.29 -28.50
C THR B 522 -36.60 52.29 -29.55
N VAL B 523 -37.78 52.04 -30.10
CA VAL B 523 -38.34 52.83 -31.18
C VAL B 523 -39.33 53.85 -30.62
N ARG B 524 -39.26 55.07 -31.12
CA ARG B 524 -40.20 56.12 -30.77
C ARG B 524 -40.54 56.93 -32.02
N THR B 525 -41.80 57.33 -32.14
CA THR B 525 -42.23 58.12 -33.29
C THR B 525 -41.88 59.59 -33.09
N LYS B 526 -41.20 60.17 -34.07
CA LYS B 526 -40.94 61.60 -34.09
C LYS B 526 -42.09 62.38 -34.74
N LYS B 527 -42.69 61.81 -35.79
CA LYS B 527 -43.81 62.45 -36.46
C LYS B 527 -44.72 61.36 -37.01
N VAL B 528 -46.01 61.67 -37.07
CA VAL B 528 -47.01 60.80 -37.69
C VAL B 528 -47.85 61.64 -38.65
N GLY B 529 -48.11 61.09 -39.83
CA GLY B 529 -48.92 61.78 -40.82
C GLY B 529 -50.06 60.91 -41.34
N LYS B 530 -50.79 61.43 -42.33
CA LYS B 530 -51.91 60.67 -42.87
C LYS B 530 -51.45 59.37 -43.52
N ASN B 531 -50.27 59.37 -44.14
CA ASN B 531 -49.76 58.18 -44.80
C ASN B 531 -48.29 57.94 -44.51
N GLU B 532 -47.74 58.56 -43.46
CA GLU B 532 -46.32 58.45 -43.17
C GLU B 532 -46.11 58.57 -41.66
N ALA B 533 -44.96 58.06 -41.21
CA ALA B 533 -44.56 58.20 -39.82
C ALA B 533 -43.04 58.23 -39.74
N VAL B 534 -42.51 59.27 -39.11
CA VAL B 534 -41.07 59.41 -38.91
C VAL B 534 -40.72 58.69 -37.61
N LEU B 535 -40.14 57.50 -37.74
CA LEU B 535 -39.65 56.77 -36.59
C LEU B 535 -38.33 57.36 -36.10
N ALA B 536 -38.12 57.28 -34.79
CA ALA B 536 -36.85 57.68 -34.17
C ALA B 536 -36.45 56.64 -33.14
N TRP B 537 -35.15 56.49 -32.95
CA TRP B 537 -34.63 55.54 -31.99
C TRP B 537 -33.32 56.06 -31.40
N ASP B 538 -33.03 55.64 -30.17
CA ASP B 538 -31.80 55.98 -29.50
C ASP B 538 -30.82 54.81 -29.61
N GLN B 539 -29.58 55.11 -29.96
CA GLN B 539 -28.59 54.06 -30.16
C GLN B 539 -28.45 53.23 -28.90
N ILE B 540 -28.29 51.92 -29.09
CA ILE B 540 -28.16 51.01 -27.95
C ILE B 540 -26.95 51.43 -27.13
N PRO B 541 -27.02 51.45 -25.79
CA PRO B 541 -25.83 51.79 -25.01
C PRO B 541 -24.67 50.87 -25.33
N VAL B 542 -23.46 51.45 -25.34
CA VAL B 542 -22.28 50.68 -25.66
C VAL B 542 -22.08 49.55 -24.66
N ASP B 543 -22.60 49.71 -23.44
CA ASP B 543 -22.58 48.62 -22.47
C ASP B 543 -23.45 47.45 -22.90
N ASP B 544 -24.34 47.65 -23.87
CA ASP B 544 -25.23 46.60 -24.34
C ASP B 544 -24.99 46.19 -25.78
N GLN B 545 -24.43 47.07 -26.62
CA GLN B 545 -23.88 46.63 -27.90
C GLN B 545 -22.72 45.68 -27.68
N ASN B 546 -22.89 44.41 -28.06
CA ASN B 546 -21.86 43.41 -27.95
C ASN B 546 -20.97 43.35 -29.18
N GLY B 547 -21.11 44.29 -30.10
CA GLY B 547 -20.32 44.28 -31.32
C GLY B 547 -20.58 45.54 -32.12
N PHE B 548 -19.97 45.56 -33.31
CA PHE B 548 -20.19 46.66 -34.25
C PHE B 548 -21.60 46.55 -34.84
N ILE B 549 -22.43 47.56 -34.59
CA ILE B 549 -23.76 47.61 -35.17
C ILE B 549 -23.62 47.93 -36.65
N ARG B 550 -23.96 46.97 -37.50
CA ARG B 550 -23.83 47.15 -38.94
C ARG B 550 -25.07 47.77 -39.57
N ASN B 551 -26.26 47.35 -39.15
CA ASN B 551 -27.50 47.89 -39.69
C ASN B 551 -28.63 47.57 -38.72
N TYR B 552 -29.77 48.20 -38.95
CA TYR B 552 -31.02 47.86 -38.28
C TYR B 552 -32.05 47.42 -39.31
N SER B 553 -32.83 46.41 -38.95
CA SER B 553 -34.04 46.05 -39.68
C SER B 553 -35.25 46.63 -38.94
N ILE B 554 -36.10 47.34 -39.67
CA ILE B 554 -37.37 47.82 -39.15
C ILE B 554 -38.48 46.98 -39.76
N SER B 555 -39.25 46.33 -38.90
CA SER B 555 -40.43 45.58 -39.32
C SER B 555 -41.67 46.21 -38.72
N TYR B 556 -42.71 46.34 -39.54
CA TYR B 556 -43.95 46.97 -39.10
C TYR B 556 -45.12 46.30 -39.82
N ARG B 557 -46.24 46.21 -39.11
CA ARG B 557 -47.42 45.52 -39.63
C ARG B 557 -48.66 46.11 -39.00
N THR B 558 -49.78 45.96 -39.70
CA THR B 558 -51.09 46.27 -39.15
C THR B 558 -51.63 45.06 -38.41
N SER B 559 -52.85 45.19 -37.88
CA SER B 559 -53.47 44.06 -37.18
C SER B 559 -53.76 42.90 -38.11
N VAL B 560 -53.82 43.14 -39.42
CA VAL B 560 -54.10 42.07 -40.38
C VAL B 560 -53.13 42.05 -41.56
N GLY B 561 -52.46 43.16 -41.89
CA GLY B 561 -51.64 43.19 -43.07
C GLY B 561 -50.35 42.40 -42.92
N LYS B 562 -49.78 42.05 -44.07
CA LYS B 562 -48.49 41.36 -44.07
C LYS B 562 -47.41 42.27 -43.49
N GLU B 563 -46.50 41.67 -42.72
CA GLU B 563 -45.42 42.43 -42.10
C GLU B 563 -44.37 42.79 -43.15
N MET B 564 -44.15 44.09 -43.33
CA MET B 564 -43.07 44.59 -44.18
C MET B 564 -41.79 44.74 -43.36
N VAL B 565 -40.66 44.67 -44.06
CA VAL B 565 -39.35 44.78 -43.44
C VAL B 565 -38.50 45.77 -44.23
N VAL B 566 -37.82 46.65 -43.50
CA VAL B 566 -36.92 47.64 -44.09
C VAL B 566 -35.58 47.55 -43.39
N HIS B 567 -34.50 47.58 -44.17
CA HIS B 567 -33.14 47.57 -43.64
C HIS B 567 -32.56 48.98 -43.69
N VAL B 568 -31.98 49.41 -42.58
CA VAL B 568 -31.44 50.76 -42.45
C VAL B 568 -29.99 50.65 -41.97
N ASP B 569 -29.09 51.37 -42.63
CA ASP B 569 -27.69 51.39 -42.23
C ASP B 569 -27.56 51.95 -40.82
N SER B 570 -26.65 51.36 -40.04
CA SER B 570 -26.56 51.70 -38.62
C SER B 570 -26.18 53.16 -38.39
N SER B 571 -25.62 53.83 -39.39
CA SER B 571 -25.29 55.25 -39.22
C SER B 571 -26.54 56.09 -38.99
N HIS B 572 -27.68 55.68 -39.53
CA HIS B 572 -28.91 56.44 -39.40
C HIS B 572 -29.51 56.29 -38.02
N THR B 573 -30.17 57.36 -37.56
CA THR B 573 -30.92 57.33 -36.31
C THR B 573 -32.41 57.55 -36.49
N GLU B 574 -32.87 57.81 -37.71
CA GLU B 574 -34.30 58.03 -37.96
C GLU B 574 -34.65 57.47 -39.33
N TYR B 575 -35.89 57.04 -39.48
CA TYR B 575 -36.41 56.59 -40.76
C TYR B 575 -37.88 56.97 -40.86
N THR B 576 -38.31 57.33 -42.07
CA THR B 576 -39.68 57.74 -42.34
C THR B 576 -40.40 56.62 -43.06
N LEU B 577 -41.27 55.91 -42.33
CA LEU B 577 -42.18 54.96 -42.97
C LEU B 577 -43.10 55.70 -43.93
N SER B 578 -43.28 55.14 -45.13
CA SER B 578 -44.01 55.80 -46.20
C SER B 578 -45.08 54.85 -46.74
N SER B 579 -46.06 55.44 -47.42
CA SER B 579 -47.16 54.70 -48.02
C SER B 579 -47.97 53.94 -46.97
N LEU B 580 -48.05 54.47 -45.75
CA LEU B 580 -48.86 53.86 -44.72
C LEU B 580 -50.35 54.13 -44.98
N SER B 581 -51.19 53.22 -44.52
CA SER B 581 -52.63 53.43 -44.58
C SER B 581 -53.05 54.43 -43.52
N SER B 582 -53.95 55.34 -43.90
CA SER B 582 -54.49 56.30 -42.94
C SER B 582 -55.46 55.60 -41.99
N ASP B 583 -55.65 56.21 -40.81
CA ASP B 583 -56.61 55.74 -39.82
C ASP B 583 -56.40 54.26 -39.52
N THR B 584 -55.14 53.85 -39.46
CA THR B 584 -54.77 52.44 -39.31
C THR B 584 -53.77 52.31 -38.17
N LEU B 585 -54.02 51.37 -37.27
CA LEU B 585 -53.08 51.07 -36.20
C LEU B 585 -51.93 50.24 -36.76
N TYR B 586 -50.70 50.74 -36.59
CA TYR B 586 -49.51 50.05 -37.03
C TYR B 586 -48.70 49.60 -35.82
N MET B 587 -48.21 48.36 -35.87
CA MET B 587 -47.27 47.84 -34.88
C MET B 587 -45.89 47.85 -35.53
N VAL B 588 -44.90 48.34 -34.81
CA VAL B 588 -43.53 48.44 -35.31
C VAL B 588 -42.61 47.65 -34.39
N ARG B 589 -41.72 46.87 -34.99
CA ARG B 589 -40.62 46.24 -34.28
C ARG B 589 -39.31 46.60 -34.98
N MET B 590 -38.24 46.70 -34.19
CA MET B 590 -36.93 47.07 -34.71
C MET B 590 -35.86 46.24 -34.04
N ALA B 591 -34.91 45.75 -34.84
CA ALA B 591 -33.80 44.95 -34.36
C ALA B 591 -32.49 45.54 -34.87
N ALA B 592 -31.45 45.45 -34.05
CA ALA B 592 -30.10 45.88 -34.41
C ALA B 592 -29.22 44.64 -34.54
N TYR B 593 -28.34 44.64 -35.55
CA TYR B 593 -27.56 43.47 -35.90
C TYR B 593 -26.07 43.78 -35.87
N THR B 594 -25.30 42.85 -35.34
CA THR B 594 -23.84 42.85 -35.39
C THR B 594 -23.38 41.81 -36.41
N ASP B 595 -22.06 41.62 -36.49
CA ASP B 595 -21.52 40.53 -37.31
C ASP B 595 -21.96 39.16 -36.79
N GLU B 596 -22.44 39.08 -35.55
CA GLU B 596 -22.82 37.83 -34.93
C GLU B 596 -24.34 37.70 -34.74
N GLY B 597 -25.12 38.41 -35.56
CA GLY B 597 -26.56 38.42 -35.41
C GLY B 597 -27.05 39.64 -34.67
N GLY B 598 -28.38 39.68 -34.48
CA GLY B 598 -29.03 40.85 -33.92
C GLY B 598 -30.06 40.46 -32.87
N LYS B 599 -30.59 41.49 -32.22
CA LYS B 599 -31.55 41.33 -31.13
C LYS B 599 -32.76 42.20 -31.40
N ASP B 600 -33.95 41.60 -31.36
CA ASP B 600 -35.18 42.36 -31.52
C ASP B 600 -35.38 43.29 -30.32
N GLY B 601 -35.79 44.53 -30.62
CA GLY B 601 -36.20 45.45 -29.58
C GLY B 601 -37.64 45.24 -29.18
N PRO B 602 -38.07 46.04 -28.19
CA PRO B 602 -39.49 46.01 -27.82
C PRO B 602 -40.39 46.45 -28.97
N GLU B 603 -41.56 45.83 -29.03
CA GLU B 603 -42.56 46.22 -30.01
C GLU B 603 -43.13 47.60 -29.67
N PHE B 604 -43.38 48.40 -30.70
CA PHE B 604 -43.97 49.72 -30.55
C PHE B 604 -45.18 49.83 -31.46
N THR B 605 -46.15 50.65 -31.04
CA THR B 605 -47.40 50.81 -31.76
C THR B 605 -47.74 52.29 -31.91
N PHE B 606 -48.28 52.64 -33.08
CA PHE B 606 -48.74 54.00 -33.33
C PHE B 606 -49.94 53.94 -34.26
N THR B 607 -50.74 55.01 -34.24
CA THR B 607 -51.92 55.11 -35.08
C THR B 607 -51.71 56.15 -36.17
N PRO C 35 -14.75 -37.24 39.12
CA PRO C 35 -14.05 -37.32 37.83
C PRO C 35 -14.91 -36.85 36.66
N ARG C 36 -16.07 -36.27 36.96
CA ARG C 36 -17.00 -35.91 35.90
C ARG C 36 -16.41 -34.91 34.92
N ALA C 37 -15.61 -33.96 35.41
CA ALA C 37 -14.89 -33.09 34.48
C ALA C 37 -13.90 -33.87 33.63
N GLU C 38 -13.32 -34.93 34.18
CA GLU C 38 -12.47 -35.79 33.36
C GLU C 38 -13.31 -36.51 32.31
N LEU C 39 -14.51 -36.95 32.69
CA LEU C 39 -15.34 -37.70 31.76
C LEU C 39 -15.84 -36.83 30.61
N ASP C 40 -16.43 -35.66 30.91
CA ASP C 40 -16.87 -34.77 29.84
C ASP C 40 -15.71 -34.27 28.99
N SER C 41 -14.56 -33.97 29.60
CA SER C 41 -13.39 -33.61 28.80
C SER C 41 -13.01 -34.72 27.83
N THR C 42 -12.93 -35.96 28.32
CA THR C 42 -12.56 -37.07 27.46
C THR C 42 -13.59 -37.25 26.34
N VAL C 43 -14.87 -37.18 26.69
CA VAL C 43 -15.95 -37.23 25.70
C VAL C 43 -15.72 -36.22 24.59
N LEU C 44 -15.56 -34.95 24.95
CA LEU C 44 -15.40 -33.91 23.93
C LEU C 44 -14.14 -34.13 23.08
N LEU C 45 -13.04 -34.53 23.72
CA LEU C 45 -11.83 -34.84 22.95
C LEU C 45 -12.07 -36.00 21.98
N THR C 46 -12.80 -37.02 22.40
CA THR C 46 -13.07 -38.13 21.50
C THR C 46 -14.02 -37.73 20.38
N ARG C 47 -14.95 -36.83 20.64
CA ARG C 47 -15.83 -36.30 19.60
C ARG C 47 -15.03 -35.55 18.54
N SER C 48 -14.19 -34.61 18.98
CA SER C 48 -13.25 -33.93 18.07
C SER C 48 -12.46 -34.92 17.22
N LEU C 49 -11.86 -35.92 17.86
CA LEU C 49 -11.09 -36.92 17.14
C LEU C 49 -11.95 -37.71 16.15
N LEU C 50 -13.16 -38.07 16.55
CA LEU C 50 -14.11 -38.73 15.66
C LEU C 50 -14.38 -37.90 14.41
N ALA C 51 -14.80 -36.64 14.61
CA ALA C 51 -15.01 -35.74 13.49
C ALA C 51 -13.79 -35.64 12.56
N ASP C 52 -12.60 -35.30 13.10
CA ASP C 52 -11.43 -35.29 12.24
C ASP C 52 -11.24 -36.60 11.46
N THR C 53 -11.24 -37.73 12.17
CA THR C 53 -11.14 -39.03 11.51
C THR C 53 -12.13 -39.15 10.35
N ARG C 54 -13.39 -38.81 10.59
CA ARG C 54 -14.41 -38.81 9.54
C ARG C 54 -13.98 -37.98 8.34
N GLN C 55 -13.57 -36.73 8.59
CA GLN C 55 -13.16 -35.87 7.48
C GLN C 55 -12.05 -36.51 6.67
N LEU C 56 -11.00 -36.97 7.35
CA LEU C 56 -9.86 -37.60 6.69
C LEU C 56 -10.28 -38.82 5.88
N ALA C 57 -11.09 -39.69 6.48
CA ALA C 57 -11.64 -40.84 5.77
C ALA C 57 -12.34 -40.41 4.48
N ALA C 58 -13.23 -39.43 4.56
CA ALA C 58 -13.92 -38.95 3.37
C ALA C 58 -12.93 -38.43 2.33
N GLN C 59 -11.96 -37.63 2.76
CA GLN C 59 -10.94 -37.10 1.88
C GLN C 59 -10.22 -38.21 1.12
N LEU C 60 -9.72 -39.19 1.86
CA LEU C 60 -9.10 -40.37 1.28
C LEU C 60 -10.01 -41.06 0.29
N ARG C 61 -11.22 -41.40 0.74
CA ARG C 61 -12.19 -42.05 -0.14
C ARG C 61 -12.38 -41.28 -1.44
N ASP C 62 -12.28 -39.95 -1.38
CA ASP C 62 -12.64 -39.17 -2.55
C ASP C 62 -11.46 -38.95 -3.48
N LYS C 63 -10.24 -38.82 -2.94
CA LYS C 63 -9.07 -38.73 -3.80
C LYS C 63 -8.51 -40.10 -4.17
N PHE C 64 -8.70 -41.11 -3.34
CA PHE C 64 -8.30 -42.49 -3.65
C PHE C 64 -9.48 -43.45 -3.53
N PRO C 65 -10.54 -43.24 -4.30
CA PRO C 65 -11.63 -44.23 -4.38
C PRO C 65 -11.12 -45.66 -4.47
N ALA C 66 -11.53 -46.46 -3.50
CA ALA C 66 -11.20 -47.87 -3.36
C ALA C 66 -12.47 -48.57 -2.90
N ASP C 67 -12.87 -49.64 -3.58
CA ASP C 67 -14.20 -50.18 -3.40
C ASP C 67 -14.18 -51.52 -2.70
N GLY C 68 -15.28 -51.81 -2.01
CA GLY C 68 -15.41 -53.02 -1.21
C GLY C 68 -14.73 -52.96 0.14
N ASP C 69 -14.34 -54.14 0.60
CA ASP C 69 -13.80 -54.36 1.94
C ASP C 69 -12.27 -54.39 1.91
N HIS C 70 -11.65 -53.37 2.50
CA HIS C 70 -10.23 -53.37 2.84
C HIS C 70 -10.08 -53.52 4.35
N ASN C 71 -9.65 -54.71 4.78
CA ASN C 71 -9.54 -55.07 6.19
C ASN C 71 -8.13 -55.59 6.45
N LEU C 72 -7.60 -55.29 7.63
CA LEU C 72 -6.40 -55.92 8.16
C LEU C 72 -6.77 -56.91 9.25
N ASP C 73 -6.28 -58.14 9.12
CA ASP C 73 -6.51 -59.16 10.13
C ASP C 73 -5.93 -58.78 11.49
N SER C 74 -4.97 -57.86 11.53
CA SER C 74 -4.31 -57.49 12.78
C SER C 74 -5.06 -56.40 13.53
N LEU C 75 -6.02 -55.74 12.90
CA LEU C 75 -6.84 -54.75 13.58
C LEU C 75 -7.79 -55.39 14.59
N PRO C 76 -8.04 -54.75 15.73
CA PRO C 76 -9.07 -55.26 16.65
C PRO C 76 -10.45 -55.24 16.03
N THR C 77 -11.28 -56.20 16.43
CA THR C 77 -12.65 -56.31 15.95
C THR C 77 -13.64 -56.00 17.05
N LEU C 78 -14.56 -55.07 16.77
CA LEU C 78 -15.77 -54.90 17.58
C LEU C 78 -16.79 -55.97 17.23
N ALA C 79 -17.24 -56.71 18.24
CA ALA C 79 -18.19 -57.81 18.04
C ALA C 79 -19.18 -57.86 19.19
N MET C 80 -19.70 -56.71 19.61
CA MET C 80 -20.68 -56.66 20.68
C MET C 80 -21.91 -55.87 20.24
N SER C 81 -23.06 -56.32 20.71
CA SER C 81 -24.36 -55.74 20.43
C SER C 81 -24.50 -54.36 21.06
N ALA C 82 -25.39 -53.55 20.47
CA ALA C 82 -25.84 -52.34 21.14
C ALA C 82 -26.34 -52.64 22.55
N GLY C 83 -27.08 -53.73 22.72
CA GLY C 83 -27.54 -54.11 24.06
C GLY C 83 -26.45 -54.56 25.00
N ALA C 84 -25.33 -55.05 24.46
CA ALA C 84 -24.22 -55.50 25.30
C ALA C 84 -23.37 -54.35 25.81
N LEU C 85 -23.08 -53.37 24.96
CA LEU C 85 -22.47 -52.13 25.42
C LEU C 85 -23.13 -51.61 26.68
N GLY C 86 -24.45 -51.48 26.65
CA GLY C 86 -25.19 -51.04 27.82
C GLY C 86 -25.00 -51.86 29.07
N ALA C 87 -24.48 -53.09 28.97
CA ALA C 87 -24.31 -53.92 30.15
C ALA C 87 -22.88 -53.95 30.69
N LEU C 88 -21.90 -53.44 29.95
CA LEU C 88 -20.51 -53.51 30.41
C LEU C 88 -20.28 -52.69 31.67
N GLN C 89 -19.11 -52.93 32.27
CA GLN C 89 -18.66 -52.35 33.53
C GLN C 89 -17.30 -51.69 33.32
N LEU C 90 -17.00 -50.68 34.15
CA LEU C 90 -15.84 -49.81 33.87
C LEU C 90 -14.57 -50.55 33.47
N PRO C 91 -14.08 -51.53 34.24
CA PRO C 91 -12.82 -52.19 33.83
C PRO C 91 -12.76 -52.70 32.40
N GLY C 92 -13.73 -53.51 31.98
CA GLY C 92 -13.71 -54.02 30.62
C GLY C 92 -13.83 -52.93 29.57
N VAL C 93 -14.74 -52.00 29.77
CA VAL C 93 -14.88 -50.84 28.88
C VAL C 93 -13.52 -50.19 28.65
N LEU C 94 -12.92 -49.69 29.73
CA LEU C 94 -11.69 -48.90 29.59
C LEU C 94 -10.50 -49.74 29.12
N THR C 95 -10.43 -51.01 29.53
CA THR C 95 -9.40 -51.91 29.01
C THR C 95 -9.49 -52.06 27.51
N ARG C 96 -10.65 -52.52 27.01
CA ARG C 96 -10.85 -52.60 25.57
C ARG C 96 -10.53 -51.28 24.89
N LEU C 97 -11.05 -50.17 25.41
CA LEU C 97 -10.81 -48.89 24.74
C LEU C 97 -9.33 -48.61 24.57
N ARG C 98 -8.56 -48.76 25.65
CA ARG C 98 -7.12 -48.53 25.61
C ARG C 98 -6.42 -49.47 24.65
N ALA C 99 -6.75 -50.76 24.70
CA ALA C 99 -6.11 -51.72 23.81
C ALA C 99 -6.35 -51.36 22.35
N ASP C 100 -7.60 -51.04 22.02
CA ASP C 100 -8.02 -50.70 20.67
C ASP C 100 -7.29 -49.46 20.18
N LEU C 101 -7.42 -48.37 20.92
CA LEU C 101 -6.82 -47.10 20.52
C LEU C 101 -5.30 -47.20 20.41
N LEU C 102 -4.68 -48.01 21.28
CA LEU C 102 -3.23 -48.14 21.26
C LEU C 102 -2.75 -48.94 20.06
N SER C 103 -3.42 -50.05 19.75
CA SER C 103 -3.08 -50.77 18.53
C SER C 103 -3.29 -49.92 17.29
N TYR C 104 -4.36 -49.13 17.28
CA TYR C 104 -4.55 -48.19 16.18
C TYR C 104 -3.43 -47.17 16.11
N LEU C 105 -2.98 -46.66 17.25
CA LEU C 105 -1.84 -45.75 17.23
C LEU C 105 -0.64 -46.40 16.57
N ARG C 106 -0.37 -47.66 16.92
CA ARG C 106 0.70 -48.41 16.27
C ARG C 106 0.51 -48.50 14.76
N HIS C 107 -0.69 -48.88 14.31
CA HIS C 107 -0.93 -48.96 12.87
C HIS C 107 -0.79 -47.61 12.17
N VAL C 108 -1.31 -46.55 12.78
CA VAL C 108 -1.14 -45.21 12.23
C VAL C 108 0.34 -44.87 12.05
N GLN C 109 1.13 -45.00 13.13
CA GLN C 109 2.56 -44.76 13.01
C GLN C 109 3.15 -45.57 11.86
N TRP C 110 2.81 -46.86 11.81
CA TRP C 110 3.26 -47.73 10.72
C TRP C 110 2.89 -47.18 9.34
N LEU C 111 1.64 -46.73 9.16
CA LEU C 111 1.29 -46.10 7.90
C LEU C 111 2.25 -44.96 7.58
N ARG C 112 2.33 -43.99 8.50
CA ARG C 112 3.03 -42.75 8.19
C ARG C 112 4.48 -43.01 7.86
N ARG C 113 5.15 -43.87 8.63
CA ARG C 113 6.50 -44.28 8.27
C ARG C 113 6.55 -45.02 6.93
N ALA C 114 5.72 -46.03 6.75
CA ALA C 114 6.00 -47.09 5.77
C ALA C 114 5.18 -47.00 4.50
N GLY C 115 3.98 -46.43 4.55
CA GLY C 115 3.13 -46.35 3.36
C GLY C 115 3.75 -45.62 2.18
N GLY C 116 4.87 -44.94 2.39
CA GLY C 116 5.58 -44.13 1.44
C GLY C 116 4.87 -42.84 1.04
N SER C 117 5.26 -42.36 -0.14
CA SER C 117 4.84 -41.09 -0.71
C SER C 117 3.38 -40.74 -0.46
N SER C 118 2.48 -41.62 -0.93
CA SER C 118 1.06 -41.28 -1.07
C SER C 118 0.50 -40.55 0.15
N LEU C 119 0.87 -41.00 1.35
CA LEU C 119 0.14 -40.54 2.54
C LEU C 119 0.36 -39.06 2.79
N LYS C 120 1.52 -38.52 2.37
CA LYS C 120 1.76 -37.09 2.50
C LYS C 120 0.63 -36.26 1.90
N THR C 121 -0.06 -36.79 0.89
CA THR C 121 -1.29 -36.17 0.40
C THR C 121 -2.26 -35.82 1.53
N LEU C 122 -2.20 -36.55 2.64
CA LEU C 122 -3.14 -36.42 3.74
C LEU C 122 -2.51 -35.80 4.98
N GLU C 123 -1.38 -35.12 4.81
CA GLU C 123 -0.63 -34.49 5.88
C GLU C 123 -0.82 -32.98 5.87
N PRO C 124 -0.80 -32.31 7.02
CA PRO C 124 -0.47 -32.80 8.37
C PRO C 124 -1.57 -33.63 9.05
N GLU C 125 -2.71 -33.81 8.39
CA GLU C 125 -3.88 -34.38 9.03
C GLU C 125 -3.58 -35.69 9.73
N LEU C 126 -2.83 -36.58 9.08
CA LEU C 126 -2.47 -37.84 9.72
C LEU C 126 -1.76 -37.62 11.05
N GLY C 127 -0.62 -36.92 11.01
CA GLY C 127 0.10 -36.64 12.24
C GLY C 127 -0.74 -35.96 13.32
N THR C 128 -1.57 -35.00 12.92
CA THR C 128 -2.54 -34.42 13.85
C THR C 128 -3.41 -35.49 14.52
N LEU C 129 -4.04 -36.34 13.70
CA LEU C 129 -4.79 -37.48 14.18
C LEU C 129 -4.02 -38.24 15.26
N GLN C 130 -2.82 -38.66 14.88
CA GLN C 130 -1.96 -39.48 15.75
C GLN C 130 -1.65 -38.78 17.07
N ALA C 131 -1.27 -37.51 17.00
CA ALA C 131 -0.91 -36.78 18.21
C ALA C 131 -2.09 -36.53 19.13
N ARG C 132 -3.27 -36.26 18.57
CA ARG C 132 -4.48 -36.18 19.40
C ARG C 132 -4.81 -37.55 19.97
N LEU C 133 -4.47 -38.59 19.22
CA LEU C 133 -4.75 -39.95 19.67
C LEU C 133 -3.89 -40.32 20.86
N ASP C 134 -2.61 -39.94 20.83
CA ASP C 134 -1.75 -40.15 21.99
C ASP C 134 -2.16 -39.26 23.16
N ARG C 135 -2.54 -38.01 22.88
CA ARG C 135 -3.20 -37.19 23.89
C ARG C 135 -4.41 -37.86 24.53
N LEU C 136 -5.30 -38.43 23.70
CA LEU C 136 -6.46 -39.12 24.25
C LEU C 136 -6.09 -40.35 25.08
N LEU C 137 -5.11 -41.13 24.62
CA LEU C 137 -4.63 -42.25 25.41
C LEU C 137 -4.07 -41.81 26.77
N ARG C 138 -3.29 -40.73 26.80
CA ARG C 138 -2.87 -40.18 28.09
C ARG C 138 -4.07 -39.77 28.94
N ARG C 139 -5.03 -39.06 28.35
CA ARG C 139 -6.21 -38.67 29.09
C ARG C 139 -6.92 -39.89 29.69
N LEU C 140 -7.04 -40.96 28.91
CA LEU C 140 -7.69 -42.18 29.41
C LEU C 140 -6.90 -42.80 30.55
N GLN C 141 -5.58 -42.90 30.41
CA GLN C 141 -4.75 -43.41 31.50
C GLN C 141 -4.95 -42.59 32.77
N LEU C 142 -4.92 -41.26 32.64
CA LEU C 142 -5.15 -40.40 33.79
C LEU C 142 -6.53 -40.63 34.39
N LEU C 143 -7.56 -40.76 33.55
CA LEU C 143 -8.89 -41.06 34.04
C LEU C 143 -8.89 -42.37 34.84
N MET C 144 -8.30 -43.42 34.28
CA MET C 144 -8.18 -44.67 35.03
C MET C 144 -7.50 -44.45 36.36
N SER C 145 -6.50 -43.58 36.43
CA SER C 145 -5.86 -43.30 37.70
C SER C 145 -6.84 -42.63 38.67
N ARG C 146 -7.62 -41.68 38.17
CA ARG C 146 -8.57 -40.97 39.01
C ARG C 146 -9.67 -41.91 39.49
N LEU C 147 -10.08 -42.87 38.64
CA LEU C 147 -11.04 -43.85 39.10
C LEU C 147 -10.46 -44.87 40.05
N ALA C 148 -9.13 -44.89 40.18
CA ALA C 148 -8.42 -45.81 41.07
C ALA C 148 -8.69 -47.27 40.71
N LEU C 149 -9.02 -47.50 39.44
CA LEU C 149 -9.14 -48.85 38.92
C LEU C 149 -7.77 -49.54 38.89
N PRO C 150 -7.73 -50.88 38.89
CA PRO C 150 -6.48 -51.57 38.55
C PRO C 150 -5.87 -51.05 37.26
N GLN C 151 -4.67 -50.49 37.40
CA GLN C 151 -3.97 -49.87 36.30
C GLN C 151 -3.70 -50.92 35.22
N PRO C 152 -3.80 -50.56 33.94
CA PRO C 152 -3.78 -51.59 32.90
C PRO C 152 -2.48 -52.37 32.92
N PRO C 153 -2.53 -53.65 32.55
CA PRO C 153 -1.31 -54.44 32.48
C PRO C 153 -0.27 -53.82 31.57
N PRO C 154 1.03 -54.01 31.89
CA PRO C 154 2.13 -53.71 30.96
C PRO C 154 2.28 -54.71 29.82
N ASP C 155 1.33 -54.71 28.90
CA ASP C 155 1.38 -55.57 27.73
C ASP C 155 2.72 -55.43 27.01
N PRO C 156 3.44 -56.53 26.75
CA PRO C 156 4.62 -56.45 25.92
C PRO C 156 4.27 -55.91 24.54
N PRO C 157 5.20 -55.20 23.89
CA PRO C 157 4.89 -54.61 22.58
C PRO C 157 4.54 -55.65 21.53
N ALA C 158 3.59 -55.29 20.67
CA ALA C 158 3.26 -56.12 19.53
C ALA C 158 4.48 -56.28 18.62
N PRO C 159 4.63 -57.44 17.97
CA PRO C 159 5.68 -57.59 16.97
C PRO C 159 5.57 -56.52 15.90
N PRO C 160 6.70 -56.06 15.37
CA PRO C 160 6.64 -55.01 14.35
C PRO C 160 5.85 -55.45 13.12
N LEU C 161 4.93 -54.58 12.69
CA LEU C 161 4.16 -54.81 11.48
C LEU C 161 5.05 -54.90 10.25
N ALA C 162 4.95 -56.00 9.52
CA ALA C 162 5.55 -56.15 8.21
C ALA C 162 5.20 -54.95 7.32
N PRO C 163 6.18 -54.28 6.72
CA PRO C 163 5.85 -53.10 5.92
C PRO C 163 4.87 -53.46 4.82
N PRO C 164 4.03 -52.52 4.38
CA PRO C 164 3.10 -52.79 3.30
C PRO C 164 3.79 -53.25 2.02
N SER C 165 3.15 -54.20 1.34
CA SER C 165 3.69 -54.71 0.08
C SER C 165 3.99 -53.62 -0.93
N SER C 166 3.14 -52.59 -0.99
CA SER C 166 3.27 -51.53 -1.98
C SER C 166 2.41 -50.33 -1.59
N ALA C 167 2.66 -49.21 -2.27
CA ALA C 167 1.85 -48.00 -2.07
C ALA C 167 0.37 -48.30 -2.11
N TRP C 168 -0.08 -49.10 -3.08
CA TRP C 168 -1.47 -49.53 -3.09
C TRP C 168 -1.87 -50.21 -1.79
N GLY C 169 -1.09 -51.20 -1.36
CA GLY C 169 -1.33 -51.79 -0.07
C GLY C 169 -1.33 -50.78 1.06
N GLY C 170 -0.50 -49.75 0.96
CA GLY C 170 -0.56 -48.68 1.94
C GLY C 170 -1.90 -47.95 1.98
N ILE C 171 -2.39 -47.52 0.81
CA ILE C 171 -3.72 -46.91 0.72
C ILE C 171 -4.79 -47.85 1.29
N ARG C 172 -4.80 -49.11 0.85
CA ARG C 172 -5.71 -50.10 1.43
C ARG C 172 -5.66 -50.07 2.94
N ALA C 173 -4.43 -50.09 3.48
CA ALA C 173 -4.23 -50.03 4.92
C ALA C 173 -4.88 -48.78 5.50
N ALA C 174 -4.67 -47.65 4.83
CA ALA C 174 -5.24 -46.36 5.21
C ALA C 174 -6.75 -46.48 5.40
N HIS C 175 -7.46 -46.90 4.35
CA HIS C 175 -8.90 -47.16 4.46
C HIS C 175 -9.22 -48.04 5.67
N ALA C 176 -8.67 -49.25 5.71
CA ALA C 176 -9.00 -50.17 6.79
C ALA C 176 -8.80 -49.54 8.16
N ILE C 177 -7.62 -48.96 8.39
CA ILE C 177 -7.28 -48.34 9.66
C ILE C 177 -8.27 -47.23 10.01
N LEU C 178 -8.50 -46.30 9.09
CA LEU C 178 -9.33 -45.14 9.41
C LEU C 178 -10.78 -45.54 9.68
N GLY C 179 -11.33 -46.46 8.89
CA GLY C 179 -12.64 -47.00 9.19
C GLY C 179 -12.73 -47.70 10.53
N GLY C 180 -11.77 -48.55 10.84
CA GLY C 180 -11.76 -49.17 12.16
C GLY C 180 -11.64 -48.18 13.29
N LEU C 181 -10.80 -47.16 13.12
CA LEU C 181 -10.69 -46.07 14.09
C LEU C 181 -12.02 -45.34 14.26
N HIS C 182 -12.66 -44.99 13.15
CA HIS C 182 -13.99 -44.38 13.19
C HIS C 182 -14.96 -45.19 14.05
N LEU C 183 -15.11 -46.48 13.74
CA LEU C 183 -16.02 -47.31 14.53
C LEU C 183 -15.58 -47.39 15.99
N THR C 184 -14.28 -47.58 16.22
CA THR C 184 -13.72 -47.59 17.57
C THR C 184 -14.11 -46.36 18.38
N LEU C 185 -13.96 -45.18 17.79
CA LEU C 185 -14.29 -43.93 18.48
C LEU C 185 -15.79 -43.73 18.66
N ASP C 186 -16.61 -44.17 17.71
CA ASP C 186 -18.05 -44.20 17.94
C ASP C 186 -18.38 -45.04 19.18
N TRP C 187 -17.91 -46.29 19.20
CA TRP C 187 -18.10 -47.14 20.36
C TRP C 187 -17.58 -46.48 21.64
N ALA C 188 -16.36 -45.93 21.59
CA ALA C 188 -15.78 -45.23 22.73
C ALA C 188 -16.69 -44.14 23.29
N VAL C 189 -17.02 -43.16 22.45
CA VAL C 189 -17.94 -42.08 22.79
C VAL C 189 -19.21 -42.64 23.45
N ARG C 190 -19.92 -43.52 22.75
CA ARG C 190 -21.16 -44.04 23.31
C ARG C 190 -20.95 -44.70 24.67
N GLY C 191 -19.95 -45.56 24.80
CA GLY C 191 -19.69 -46.21 26.07
C GLY C 191 -19.32 -45.26 27.19
N LEU C 192 -18.49 -44.25 26.90
CA LEU C 192 -18.15 -43.26 27.91
C LEU C 192 -19.38 -42.48 28.37
N LEU C 193 -20.27 -42.15 27.43
CA LEU C 193 -21.53 -41.50 27.81
C LEU C 193 -22.36 -42.42 28.70
N LEU C 194 -22.45 -43.69 28.33
CA LEU C 194 -23.10 -44.67 29.19
C LEU C 194 -22.52 -44.64 30.60
N LEU C 195 -21.20 -44.75 30.71
CA LEU C 195 -20.52 -44.67 31.99
C LEU C 195 -20.97 -43.45 32.80
N LYS C 196 -20.98 -42.29 32.14
CA LYS C 196 -21.28 -41.04 32.84
C LYS C 196 -22.64 -41.09 33.53
N THR C 197 -23.63 -41.70 32.89
CA THR C 197 -24.90 -41.92 33.56
C THR C 197 -24.77 -42.82 34.78
N ARG C 198 -23.85 -43.79 34.78
CA ARG C 198 -23.62 -44.55 36.01
C ARG C 198 -23.02 -43.67 37.10
N LEU C 199 -22.10 -42.79 36.74
CA LEU C 199 -21.45 -41.91 37.70
C LEU C 199 -21.88 -40.46 37.56
N LEU D 25 56.18 -15.77 28.75
CA LEU D 25 55.52 -14.73 29.54
C LEU D 25 54.02 -14.71 29.30
N GLU D 26 53.28 -15.21 30.28
CA GLU D 26 51.83 -15.22 30.24
C GLU D 26 51.24 -13.81 30.40
N PRO D 27 49.97 -13.63 30.00
CA PRO D 27 49.28 -12.34 30.20
C PRO D 27 49.66 -11.61 31.48
N CYS D 28 50.16 -10.39 31.28
CA CYS D 28 50.81 -9.59 32.31
C CYS D 28 50.02 -9.55 33.61
N GLY D 29 48.72 -9.82 33.55
CA GLY D 29 47.86 -9.75 34.73
C GLY D 29 46.43 -10.12 34.37
N TYR D 30 45.57 -10.04 35.38
CA TYR D 30 44.14 -10.28 35.23
C TYR D 30 43.38 -9.30 36.11
N ILE D 31 42.24 -8.83 35.62
CA ILE D 31 41.38 -7.89 36.35
C ILE D 31 40.36 -8.68 37.15
N TYR D 32 40.16 -8.30 38.42
CA TYR D 32 39.21 -9.00 39.26
C TYR D 32 38.10 -8.06 39.72
N PRO D 33 36.81 -8.42 39.59
CA PRO D 33 36.24 -9.57 38.86
C PRO D 33 36.24 -9.43 37.34
N GLU D 34 36.20 -10.58 36.67
CA GLU D 34 36.31 -10.64 35.21
C GLU D 34 35.04 -10.21 34.50
N PHE D 35 33.87 -10.53 35.05
CA PHE D 35 32.59 -10.34 34.36
C PHE D 35 31.63 -9.52 35.22
N PRO D 36 32.09 -8.38 35.74
CA PRO D 36 31.28 -7.61 36.71
C PRO D 36 29.95 -7.15 36.13
N VAL D 37 28.87 -7.65 36.74
CA VAL D 37 27.52 -7.19 36.47
C VAL D 37 27.14 -6.28 37.63
N VAL D 38 27.01 -4.99 37.35
CA VAL D 38 26.87 -3.95 38.36
C VAL D 38 25.40 -3.54 38.42
N GLN D 39 24.78 -3.63 39.60
CA GLN D 39 23.45 -3.06 39.72
C GLN D 39 23.48 -1.55 39.51
N ARG D 40 22.78 -1.11 38.46
CA ARG D 40 22.86 0.27 37.98
C ARG D 40 22.69 1.28 39.11
N GLY D 41 23.58 2.27 39.12
CA GLY D 41 23.63 3.29 40.16
C GLY D 41 24.38 2.89 41.40
N SER D 42 24.78 1.63 41.55
CA SER D 42 25.68 1.25 42.61
C SER D 42 27.14 1.49 42.21
N ASN D 43 28.01 1.37 43.19
CA ASN D 43 29.47 1.46 43.05
C ASN D 43 30.07 0.11 42.69
N PHE D 44 31.27 0.16 42.11
CA PHE D 44 31.97 -1.04 41.69
C PHE D 44 33.47 -0.81 41.82
N THR D 45 34.18 -1.80 42.35
CA THR D 45 35.63 -1.80 42.43
C THR D 45 36.20 -2.89 41.52
N ALA D 46 37.11 -2.49 40.63
CA ALA D 46 37.91 -3.42 39.85
C ALA D 46 39.37 -3.34 40.30
N ILE D 47 40.06 -4.48 40.30
CA ILE D 47 41.46 -4.55 40.68
C ILE D 47 42.24 -5.20 39.54
N CYS D 48 43.37 -4.59 39.19
CA CYS D 48 44.30 -5.13 38.19
C CYS D 48 45.59 -5.54 38.89
N VAL D 49 45.92 -6.83 38.82
CA VAL D 49 47.10 -7.38 39.47
C VAL D 49 48.10 -7.79 38.40
N LEU D 50 49.29 -7.22 38.45
CA LEU D 50 50.37 -7.56 37.53
C LEU D 50 51.27 -8.65 38.11
N LYS D 51 51.73 -9.55 37.25
CA LYS D 51 52.71 -10.54 37.66
C LYS D 51 54.10 -9.93 37.72
N GLU D 52 54.79 -10.22 38.82
CA GLU D 52 56.17 -9.81 39.06
C GLU D 52 57.01 -9.83 37.80
N ALA D 53 56.86 -10.88 36.98
CA ALA D 53 57.66 -11.01 35.77
C ALA D 53 57.38 -9.87 34.79
N CYS D 54 56.11 -9.48 34.66
CA CYS D 54 55.77 -8.35 33.81
C CYS D 54 56.44 -7.08 34.31
N LEU D 55 56.37 -6.83 35.61
CA LEU D 55 57.07 -5.71 36.22
C LEU D 55 58.54 -5.70 35.85
N GLN D 56 59.28 -6.73 36.27
CA GLN D 56 60.72 -6.75 36.03
C GLN D 56 61.07 -6.74 34.55
N HIS D 57 60.18 -7.20 33.67
CA HIS D 57 60.48 -7.16 32.25
C HIS D 57 60.32 -5.75 31.70
N TYR D 58 59.23 -5.07 32.05
CA TYR D 58 58.96 -3.72 31.58
C TYR D 58 59.53 -2.65 32.50
N TYR D 59 60.13 -3.03 33.62
CA TYR D 59 60.69 -2.09 34.59
C TYR D 59 59.65 -1.06 35.04
N VAL D 60 58.47 -1.54 35.42
CA VAL D 60 57.43 -0.67 35.96
C VAL D 60 56.90 -1.26 37.25
N ASN D 61 56.27 -0.39 38.06
CA ASN D 61 55.40 -0.86 39.12
C ASN D 61 53.97 -0.40 38.87
N ALA D 62 53.05 -0.92 39.68
CA ALA D 62 51.63 -0.70 39.48
C ALA D 62 51.25 0.77 39.36
N SER D 63 52.11 1.69 39.80
CA SER D 63 51.79 3.11 39.67
C SER D 63 51.59 3.50 38.22
N TYR D 64 52.20 2.78 37.28
CA TYR D 64 52.11 3.09 35.87
C TYR D 64 50.88 2.48 35.20
N ILE D 65 50.01 1.80 35.97
CA ILE D 65 48.76 1.30 35.41
C ILE D 65 47.89 2.47 34.99
N VAL D 66 47.34 2.38 33.78
CA VAL D 66 46.46 3.40 33.23
C VAL D 66 45.14 2.73 32.88
N TRP D 67 44.05 3.24 33.45
CA TRP D 67 42.72 2.68 33.28
C TRP D 67 41.97 3.46 32.21
N LYS D 68 41.38 2.73 31.25
CA LYS D 68 40.56 3.33 30.20
C LYS D 68 39.19 2.68 30.18
N THR D 69 38.15 3.51 30.27
CA THR D 69 36.80 3.09 29.92
C THR D 69 36.65 3.26 28.41
N ASN D 70 36.86 2.17 27.68
CA ASN D 70 36.95 2.19 26.22
C ASN D 70 38.13 3.09 25.86
N HIS D 71 37.95 4.11 25.01
CA HIS D 71 39.01 5.07 24.76
C HIS D 71 39.25 6.00 25.95
N ALA D 72 38.20 6.32 26.71
CA ALA D 72 38.29 7.39 27.70
C ALA D 72 39.10 6.92 28.90
N ALA D 73 40.30 7.48 29.05
CA ALA D 73 41.09 7.26 30.26
C ALA D 73 40.34 7.72 31.50
N VAL D 74 40.36 6.88 32.54
CA VAL D 74 39.82 7.21 33.85
C VAL D 74 40.67 8.30 34.49
N PRO D 75 40.08 9.44 34.88
CA PRO D 75 40.88 10.59 35.36
C PRO D 75 41.40 10.38 36.78
N ARG D 76 42.14 9.29 36.97
CA ARG D 76 42.78 8.97 38.24
C ARG D 76 41.77 8.95 39.39
N GLU D 77 40.56 8.47 39.10
CA GLU D 77 39.72 7.91 40.16
C GLU D 77 40.41 6.75 40.85
N GLN D 78 41.24 6.02 40.12
CA GLN D 78 41.89 4.84 40.67
C GLN D 78 42.89 5.20 41.77
N VAL D 79 43.12 4.22 42.65
CA VAL D 79 44.08 4.32 43.73
C VAL D 79 44.98 3.09 43.70
N THR D 80 46.24 3.29 44.08
CA THR D 80 47.27 2.28 43.86
C THR D 80 48.01 1.95 45.15
N VAL D 81 47.50 2.39 46.31
CA VAL D 81 48.20 2.13 47.55
C VAL D 81 48.23 0.64 47.87
N ILE D 82 47.37 -0.16 47.23
CA ILE D 82 47.11 -1.52 47.68
C ILE D 82 48.42 -2.28 47.87
N ASN D 83 49.21 -2.38 46.81
CA ASN D 83 50.61 -2.77 46.92
C ASN D 83 51.30 -2.52 45.59
N ARG D 84 52.61 -2.69 45.61
CA ARG D 84 53.48 -2.49 44.45
C ARG D 84 52.92 -3.07 43.15
N THR D 85 52.28 -4.23 43.21
CA THR D 85 51.83 -4.91 42.00
C THR D 85 50.35 -4.68 41.69
N THR D 86 49.64 -3.87 42.47
CA THR D 86 48.17 -3.88 42.43
C THR D 86 47.64 -2.46 42.32
N SER D 87 46.66 -2.27 41.44
CA SER D 87 45.95 -1.00 41.30
C SER D 87 44.45 -1.27 41.32
N SER D 88 43.70 -0.33 41.89
CA SER D 88 42.26 -0.45 41.97
C SER D 88 41.60 0.81 41.45
N VAL D 89 40.59 0.63 40.59
CA VAL D 89 39.75 1.72 40.11
C VAL D 89 38.40 1.60 40.80
N THR D 90 37.88 2.72 41.30
CA THR D 90 36.54 2.78 41.86
C THR D 90 35.68 3.68 40.98
N PHE D 91 34.55 3.15 40.53
CA PHE D 91 33.54 3.93 39.83
C PHE D 91 32.35 4.18 40.76
N THR D 92 31.87 5.42 40.75
CA THR D 92 30.63 5.80 41.41
C THR D 92 29.52 6.04 40.40
N ASP D 93 28.33 5.52 40.68
CA ASP D 93 27.18 5.70 39.81
C ASP D 93 27.50 5.26 38.38
N VAL D 94 27.90 3.99 38.27
CA VAL D 94 28.17 3.40 36.96
C VAL D 94 26.88 3.41 36.16
N VAL D 95 26.87 4.16 35.06
CA VAL D 95 25.65 4.41 34.31
C VAL D 95 25.65 3.72 32.94
N LEU D 96 26.77 3.75 32.24
CA LEU D 96 26.82 3.16 30.91
C LEU D 96 26.54 1.66 30.99
N PRO D 97 25.68 1.11 30.12
CA PRO D 97 25.36 -0.31 30.32
C PRO D 97 26.50 -1.26 30.00
N SER D 98 27.44 -0.87 29.15
CA SER D 98 28.51 -1.75 28.69
C SER D 98 29.78 -0.94 28.42
N VAL D 99 30.79 -1.15 29.26
CA VAL D 99 32.04 -0.42 29.23
C VAL D 99 33.18 -1.44 29.15
N GLN D 100 33.92 -1.43 28.04
CA GLN D 100 35.17 -2.17 27.89
C GLN D 100 36.26 -1.51 28.74
N LEU D 101 36.24 -1.83 30.03
CA LEU D 101 37.31 -1.39 30.92
C LEU D 101 38.59 -2.18 30.65
N THR D 102 39.68 -1.48 30.38
CA THR D 102 40.97 -2.11 30.08
C THR D 102 42.05 -1.59 31.02
N CYS D 103 42.89 -2.51 31.50
CA CYS D 103 44.05 -2.21 32.32
C CYS D 103 45.29 -2.16 31.44
N ASN D 104 45.92 -0.99 31.36
CA ASN D 104 47.12 -0.79 30.58
C ASN D 104 48.27 -0.41 31.51
N ILE D 105 49.50 -0.62 31.04
CA ILE D 105 50.68 -0.10 31.71
C ILE D 105 51.49 0.76 30.74
N LEU D 106 51.94 1.91 31.22
CA LEU D 106 52.96 2.73 30.57
C LEU D 106 54.32 2.04 30.65
N SER D 107 54.52 1.07 29.74
CA SER D 107 55.80 0.38 29.66
C SER D 107 56.94 1.38 29.56
N PHE D 108 57.98 1.16 30.38
CA PHE D 108 59.10 2.09 30.51
C PHE D 108 58.63 3.51 30.83
N GLY D 109 57.40 3.66 31.29
CA GLY D 109 56.81 4.97 31.52
C GLY D 109 56.43 5.72 30.27
N GLN D 110 56.38 5.06 29.11
CA GLN D 110 56.16 5.75 27.84
C GLN D 110 55.14 5.02 26.97
N ILE D 111 55.38 3.75 26.69
CA ILE D 111 54.57 2.97 25.76
C ILE D 111 53.48 2.25 26.55
N GLU D 112 52.24 2.72 26.37
CA GLU D 112 51.08 2.11 27.03
C GLU D 112 50.82 0.71 26.48
N GLN D 113 51.12 -0.32 27.29
CA GLN D 113 50.83 -1.70 26.96
C GLN D 113 49.55 -2.16 27.64
N ASN D 114 48.60 -2.65 26.84
CA ASN D 114 47.40 -3.30 27.37
C ASN D 114 47.77 -4.54 28.18
N VAL D 115 47.16 -4.66 29.37
CA VAL D 115 47.28 -5.86 30.20
C VAL D 115 46.04 -6.74 30.02
N TYR D 116 44.87 -6.20 30.35
CA TYR D 116 43.64 -6.98 30.37
C TYR D 116 42.45 -6.06 30.15
N GLY D 117 41.32 -6.66 29.76
CA GLY D 117 40.09 -5.92 29.62
C GLY D 117 38.82 -6.71 29.88
N VAL D 118 37.84 -6.08 30.54
CA VAL D 118 36.59 -6.72 30.93
C VAL D 118 35.42 -5.83 30.54
N THR D 119 34.40 -6.41 29.90
CA THR D 119 33.16 -5.71 29.61
C THR D 119 32.32 -5.52 30.87
N MET D 120 32.51 -4.40 31.56
CA MET D 120 31.63 -4.02 32.67
C MET D 120 30.18 -3.86 32.21
N LEU D 121 29.30 -4.77 32.64
CA LEU D 121 27.87 -4.69 32.38
C LEU D 121 27.15 -4.05 33.57
N SER D 122 26.13 -3.24 33.28
CA SER D 122 25.25 -2.75 34.34
C SER D 122 23.79 -2.80 33.88
N GLY D 123 22.90 -3.05 34.83
CA GLY D 123 21.49 -3.13 34.51
C GLY D 123 20.65 -3.38 35.75
N PHE D 124 19.44 -3.89 35.53
CA PHE D 124 18.48 -4.20 36.59
C PHE D 124 18.03 -5.65 36.46
N PRO D 125 17.75 -6.32 37.58
CA PRO D 125 17.12 -7.63 37.50
C PRO D 125 15.70 -7.52 37.00
N PRO D 126 15.22 -8.51 36.23
CA PRO D 126 13.94 -8.34 35.55
C PRO D 126 12.78 -8.16 36.52
N ASP D 127 11.83 -7.32 36.13
CA ASP D 127 10.54 -7.30 36.80
C ASP D 127 9.79 -8.60 36.54
N LYS D 128 9.07 -9.07 37.57
CA LYS D 128 8.15 -10.19 37.46
C LYS D 128 7.05 -9.84 36.46
N PRO D 129 6.95 -10.52 35.32
CA PRO D 129 5.94 -10.11 34.32
C PRO D 129 4.52 -10.28 34.83
N THR D 130 3.72 -9.23 34.67
CA THR D 130 2.32 -9.21 35.05
C THR D 130 1.43 -9.25 33.82
N ASN D 131 0.13 -9.45 34.05
CA ASN D 131 -0.89 -9.49 33.00
C ASN D 131 -0.56 -10.53 31.92
N LEU D 132 -0.05 -11.68 32.34
CA LEU D 132 0.12 -12.80 31.42
C LEU D 132 -1.23 -13.23 30.85
N THR D 133 -1.44 -12.97 29.56
CA THR D 133 -2.71 -13.26 28.90
C THR D 133 -2.44 -13.95 27.58
N CYS D 134 -3.18 -15.02 27.28
CA CYS D 134 -3.00 -15.77 26.05
C CYS D 134 -4.29 -15.78 25.25
N ILE D 135 -4.14 -15.83 23.93
CA ILE D 135 -5.26 -15.84 23.00
C ILE D 135 -4.95 -16.82 21.88
N VAL D 136 -5.94 -17.62 21.52
CA VAL D 136 -5.85 -18.63 20.48
C VAL D 136 -6.60 -18.13 19.24
N ASN D 137 -5.89 -17.41 18.38
CA ASN D 137 -6.40 -17.12 17.04
C ASN D 137 -6.80 -18.40 16.34
N GLU D 138 -8.09 -18.52 16.03
CA GLU D 138 -8.62 -19.69 15.36
C GLU D 138 -7.75 -20.14 14.21
N GLY D 139 -7.28 -21.39 14.28
CA GLY D 139 -6.38 -21.94 13.30
C GLY D 139 -4.93 -21.53 13.45
N LYS D 140 -4.54 -21.00 14.61
CA LYS D 140 -3.15 -20.64 14.87
C LYS D 140 -2.77 -21.14 16.26
N ASN D 141 -1.46 -21.28 16.47
CA ASN D 141 -0.93 -21.57 17.79
C ASN D 141 -1.36 -20.54 18.83
N MET D 142 -1.36 -20.97 20.09
CA MET D 142 -1.64 -20.10 21.23
C MET D 142 -0.58 -19.01 21.38
N LEU D 143 -1.03 -17.76 21.36
CA LEU D 143 -0.19 -16.60 21.63
C LEU D 143 -0.39 -16.11 23.06
N CYS D 144 0.72 -15.92 23.79
CA CYS D 144 0.68 -15.33 25.13
C CYS D 144 1.56 -14.09 25.20
N GLN D 145 1.12 -13.12 25.99
CA GLN D 145 1.78 -11.84 26.12
C GLN D 145 1.80 -11.41 27.57
N TRP D 146 2.75 -10.53 27.89
CA TRP D 146 2.97 -10.05 29.25
C TRP D 146 3.53 -8.64 29.20
N ASP D 147 3.38 -7.94 30.32
CA ASP D 147 4.13 -6.72 30.56
C ASP D 147 5.57 -7.07 30.90
N PRO D 148 6.58 -6.60 30.15
CA PRO D 148 7.96 -6.85 30.55
C PRO D 148 8.38 -6.11 31.80
N GLY D 149 7.72 -5.01 32.16
CA GLY D 149 8.18 -4.20 33.26
C GLY D 149 9.09 -3.05 32.88
N ARG D 150 9.95 -2.65 33.82
CA ARG D 150 10.97 -1.66 33.52
C ARG D 150 11.97 -2.19 32.48
N GLU D 151 12.65 -1.25 31.82
CA GLU D 151 13.80 -1.60 31.00
C GLU D 151 14.91 -2.18 31.87
N THR D 152 15.41 -3.35 31.48
CA THR D 152 16.50 -3.99 32.20
C THR D 152 17.87 -3.61 31.66
N TYR D 153 17.97 -3.16 30.41
CA TYR D 153 19.22 -2.85 29.73
C TYR D 153 20.10 -4.08 29.54
N LEU D 154 19.61 -5.26 29.88
CA LEU D 154 20.31 -6.53 29.70
C LEU D 154 19.43 -7.47 28.90
N GLU D 155 20.07 -8.31 28.08
CA GLU D 155 19.35 -9.35 27.36
C GLU D 155 18.68 -10.31 28.34
N THR D 156 17.37 -10.47 28.20
CA THR D 156 16.57 -11.30 29.08
C THR D 156 15.87 -12.36 28.26
N ASN D 157 16.13 -13.63 28.59
CA ASN D 157 15.55 -14.77 27.88
C ASN D 157 14.19 -15.10 28.50
N TYR D 158 13.21 -14.26 28.20
CA TYR D 158 11.85 -14.52 28.64
C TYR D 158 11.36 -15.85 28.07
N THR D 159 11.25 -16.88 28.90
CA THR D 159 10.77 -18.19 28.46
C THR D 159 9.34 -18.41 28.93
N LEU D 160 8.45 -18.65 27.96
CA LEU D 160 7.06 -19.06 28.21
C LEU D 160 7.06 -20.55 28.50
N LYS D 161 7.04 -20.93 29.78
CA LYS D 161 6.90 -22.33 30.11
C LYS D 161 5.44 -22.76 30.01
N SER D 162 5.24 -24.01 29.61
CA SER D 162 3.90 -24.60 29.63
C SER D 162 4.00 -26.10 29.88
N GLU D 163 2.98 -26.63 30.56
CA GLU D 163 2.90 -28.04 30.91
C GLU D 163 1.44 -28.38 31.17
N TRP D 164 1.14 -29.69 31.18
CA TRP D 164 -0.05 -30.17 31.84
C TRP D 164 0.29 -31.44 32.63
N ALA D 165 -0.73 -32.00 33.28
CA ALA D 165 -0.53 -33.03 34.31
C ALA D 165 0.36 -34.19 33.89
N THR D 166 0.61 -34.41 32.59
CA THR D 166 1.41 -35.55 32.18
C THR D 166 2.66 -35.21 31.38
N GLU D 167 2.75 -34.01 30.80
CA GLU D 167 3.88 -33.69 29.93
C GLU D 167 4.10 -32.19 29.92
N LYS D 168 5.35 -31.80 29.67
CA LYS D 168 5.70 -30.39 29.45
C LYS D 168 5.85 -30.15 27.96
N PHE D 169 5.21 -29.10 27.47
CA PHE D 169 5.31 -28.74 26.07
C PHE D 169 6.65 -28.06 25.78
N PRO D 170 7.06 -28.05 24.52
CA PRO D 170 8.27 -27.31 24.14
C PRO D 170 8.24 -25.87 24.61
N ASP D 171 9.38 -25.40 25.13
CA ASP D 171 9.48 -24.02 25.59
C ASP D 171 9.44 -23.08 24.39
N CYS D 172 8.53 -22.11 24.45
CA CYS D 172 8.48 -21.02 23.48
C CYS D 172 9.31 -19.86 24.00
N GLN D 173 10.25 -19.37 23.20
CA GLN D 173 11.13 -18.27 23.58
C GLN D 173 10.82 -17.03 22.76
N SER D 174 10.49 -15.94 23.46
CA SER D 174 10.13 -14.68 22.81
C SER D 174 11.35 -14.06 22.13
N LYS D 175 11.15 -13.60 20.89
CA LYS D 175 12.23 -12.88 20.21
C LYS D 175 12.43 -11.49 20.81
N HIS D 176 11.34 -10.77 21.08
CA HIS D 176 11.40 -9.40 21.57
C HIS D 176 10.99 -9.27 23.03
N GLY D 177 10.55 -10.34 23.67
CA GLY D 177 10.28 -10.32 25.10
C GLY D 177 8.90 -9.86 25.50
N THR D 178 7.97 -9.70 24.56
CA THR D 178 6.62 -9.26 24.88
C THR D 178 5.56 -10.28 24.48
N SER D 179 5.84 -11.18 23.55
CA SER D 179 4.90 -12.22 23.16
C SER D 179 5.68 -13.41 22.60
N CYS D 180 5.13 -14.60 22.79
CA CYS D 180 5.69 -15.78 22.15
C CYS D 180 4.53 -16.61 21.63
N MET D 181 4.64 -17.05 20.37
CA MET D 181 3.73 -18.03 19.80
C MET D 181 4.33 -19.43 19.91
N VAL D 182 3.69 -20.28 20.72
CA VAL D 182 4.18 -21.63 20.88
C VAL D 182 4.14 -22.37 19.54
N SER D 183 4.97 -23.41 19.44
CA SER D 183 4.96 -24.26 18.26
C SER D 183 3.85 -25.31 18.28
N TYR D 184 3.55 -25.86 19.45
CA TYR D 184 2.62 -26.98 19.52
C TYR D 184 1.18 -26.55 19.24
N MET D 185 0.41 -27.48 18.69
CA MET D 185 -1.00 -27.25 18.43
C MET D 185 -1.72 -26.89 19.73
N PRO D 186 -2.64 -25.93 19.71
CA PRO D 186 -3.45 -25.68 20.91
C PRO D 186 -4.12 -26.93 21.46
N THR D 187 -3.78 -27.28 22.70
CA THR D 187 -4.23 -28.51 23.35
C THR D 187 -5.61 -28.28 23.98
N TYR D 188 -6.60 -28.14 23.10
CA TYR D 188 -7.97 -27.94 23.55
C TYR D 188 -8.39 -28.99 24.57
N TYR D 189 -9.35 -28.60 25.41
CA TYR D 189 -10.04 -29.44 26.38
C TYR D 189 -9.12 -29.97 27.48
N VAL D 190 -7.93 -29.40 27.61
CA VAL D 190 -6.97 -29.78 28.65
C VAL D 190 -6.57 -28.53 29.41
N ASN D 191 -6.63 -28.60 30.74
CA ASN D 191 -6.13 -27.53 31.59
C ASN D 191 -4.61 -27.49 31.56
N ILE D 192 -4.05 -26.66 30.68
CA ILE D 192 -2.62 -26.38 30.71
C ILE D 192 -2.28 -25.39 31.81
N GLU D 193 -1.04 -25.47 32.30
CA GLU D 193 -0.49 -24.47 33.20
C GLU D 193 0.73 -23.85 32.51
N VAL D 194 0.72 -22.52 32.38
CA VAL D 194 1.78 -21.80 31.69
C VAL D 194 2.25 -20.64 32.56
N TRP D 195 3.54 -20.35 32.48
CA TRP D 195 4.16 -19.22 33.17
C TRP D 195 5.36 -18.71 32.39
N VAL D 196 5.68 -17.43 32.60
CA VAL D 196 6.83 -16.79 31.98
C VAL D 196 7.99 -16.80 32.97
N GLU D 197 9.14 -17.30 32.53
CA GLU D 197 10.38 -17.19 33.27
C GLU D 197 11.27 -16.16 32.59
N ALA D 198 11.58 -15.08 33.32
CA ALA D 198 12.51 -14.06 32.85
C ALA D 198 13.86 -14.27 33.52
N GLU D 199 14.92 -14.36 32.72
CA GLU D 199 16.26 -14.58 33.22
C GLU D 199 17.21 -13.55 32.64
N ASN D 200 17.99 -12.91 33.52
CA ASN D 200 19.22 -12.24 33.10
C ASN D 200 20.28 -12.51 34.17
N ALA D 201 21.48 -12.01 33.89
CA ALA D 201 22.62 -12.27 34.76
C ALA D 201 22.39 -11.78 36.19
N LEU D 202 21.64 -10.70 36.37
CA LEU D 202 21.39 -10.19 37.71
C LEU D 202 20.40 -11.05 38.50
N GLY D 203 19.42 -11.66 37.84
CA GLY D 203 18.49 -12.50 38.57
C GLY D 203 17.43 -13.12 37.67
N LYS D 204 16.79 -14.16 38.20
CA LYS D 204 15.78 -14.94 37.52
C LYS D 204 14.47 -14.88 38.31
N VAL D 205 13.37 -14.60 37.62
CA VAL D 205 12.07 -14.47 38.27
C VAL D 205 11.01 -15.08 37.36
N SER D 206 10.03 -15.75 37.97
CA SER D 206 8.94 -16.39 37.26
C SER D 206 7.63 -15.68 37.54
N SER D 207 6.85 -15.43 36.49
CA SER D 207 5.48 -14.96 36.65
C SER D 207 4.66 -15.96 37.47
N GLU D 208 3.49 -15.49 37.92
CA GLU D 208 2.40 -16.39 38.29
C GLU D 208 2.03 -17.31 37.14
N SER D 209 1.85 -18.59 37.47
CA SER D 209 1.22 -19.53 36.53
C SER D 209 -0.27 -19.25 36.40
N ILE D 210 -0.75 -19.25 35.16
CA ILE D 210 -2.18 -19.19 34.86
C ILE D 210 -2.63 -20.57 34.40
N ASN D 211 -3.73 -21.05 34.98
CA ASN D 211 -4.26 -22.39 34.74
C ASN D 211 -5.58 -22.25 33.98
N PHE D 212 -5.59 -22.64 32.70
CA PHE D 212 -6.73 -22.33 31.86
C PHE D 212 -6.86 -23.36 30.75
N ASP D 213 -8.11 -23.56 30.30
CA ASP D 213 -8.39 -24.36 29.11
C ASP D 213 -8.33 -23.47 27.87
N PRO D 214 -7.38 -23.66 26.96
CA PRO D 214 -7.28 -22.78 25.78
C PRO D 214 -8.59 -22.60 25.01
N VAL D 215 -9.41 -23.66 24.92
CA VAL D 215 -10.70 -23.57 24.24
C VAL D 215 -11.50 -22.33 24.69
N ASP D 216 -11.48 -22.02 25.98
CA ASP D 216 -12.15 -20.82 26.47
C ASP D 216 -11.56 -19.52 25.95
N LYS D 217 -10.37 -19.56 25.35
CA LYS D 217 -9.65 -18.36 24.94
C LYS D 217 -9.65 -18.14 23.43
N VAL D 218 -10.26 -19.03 22.66
CA VAL D 218 -10.20 -18.93 21.21
C VAL D 218 -10.89 -17.66 20.76
N LYS D 219 -10.25 -16.94 19.83
CA LYS D 219 -10.91 -15.90 19.07
C LYS D 219 -11.41 -16.39 17.72
N PRO D 220 -12.72 -16.54 17.51
CA PRO D 220 -13.20 -17.00 16.21
C PRO D 220 -12.93 -15.99 15.10
N THR D 221 -12.62 -16.52 13.92
CA THR D 221 -12.58 -15.69 12.72
C THR D 221 -13.95 -15.07 12.47
N PRO D 222 -14.00 -13.89 11.84
CA PRO D 222 -15.28 -13.28 11.55
C PRO D 222 -16.09 -14.15 10.60
N PRO D 223 -17.42 -14.08 10.68
CA PRO D 223 -18.25 -14.77 9.69
C PRO D 223 -17.94 -14.30 8.27
N TYR D 224 -18.15 -15.20 7.31
CA TYR D 224 -17.81 -14.97 5.93
C TYR D 224 -18.95 -15.42 5.02
N ASN D 225 -18.87 -15.01 3.76
CA ASN D 225 -19.99 -15.12 2.81
C ASN D 225 -21.27 -14.55 3.42
N LEU D 226 -21.13 -13.46 4.17
CA LEU D 226 -22.30 -12.71 4.60
C LEU D 226 -23.15 -12.32 3.40
N SER D 227 -24.45 -12.59 3.50
CA SER D 227 -25.41 -12.33 2.43
C SER D 227 -26.76 -11.91 3.01
N VAL D 228 -27.51 -11.14 2.21
CA VAL D 228 -28.83 -10.67 2.58
C VAL D 228 -29.83 -10.98 1.49
N THR D 229 -31.06 -11.30 1.88
CA THR D 229 -32.18 -11.48 0.96
C THR D 229 -33.38 -10.73 1.50
N ASN D 230 -34.18 -10.18 0.59
CA ASN D 230 -35.41 -9.49 0.94
C ASN D 230 -36.61 -10.41 0.74
N SER D 231 -37.73 -10.04 1.35
CA SER D 231 -38.99 -10.76 1.21
C SER D 231 -39.92 -9.98 0.28
N GLU D 232 -40.23 -10.57 -0.87
CA GLU D 232 -41.20 -9.95 -1.76
C GLU D 232 -42.56 -9.80 -1.09
N GLU D 233 -42.94 -10.76 -0.26
CA GLU D 233 -44.16 -10.62 0.53
C GLU D 233 -44.05 -9.46 1.52
N LEU D 234 -42.90 -9.31 2.17
CA LEU D 234 -42.72 -8.49 3.37
C LEU D 234 -41.60 -7.48 3.15
N SER D 235 -41.96 -6.36 2.55
CA SER D 235 -41.00 -5.28 2.32
C SER D 235 -40.19 -4.98 3.57
N SER D 236 -40.83 -4.92 4.73
CA SER D 236 -40.19 -4.45 5.96
C SER D 236 -39.09 -5.37 6.46
N ILE D 237 -38.94 -6.55 5.88
CA ILE D 237 -38.11 -7.62 6.44
C ILE D 237 -36.97 -7.94 5.47
N LEU D 238 -35.77 -8.05 6.02
CA LEU D 238 -34.60 -8.57 5.34
C LEU D 238 -34.11 -9.81 6.07
N LYS D 239 -33.66 -10.83 5.34
CA LYS D 239 -33.14 -12.03 5.98
C LYS D 239 -31.63 -12.00 5.86
N LEU D 240 -30.93 -11.94 6.98
CA LEU D 240 -29.48 -12.15 6.99
C LEU D 240 -29.15 -13.63 6.88
N SER D 241 -28.01 -13.92 6.27
CA SER D 241 -27.43 -15.25 6.34
C SER D 241 -25.92 -15.13 6.26
N TRP D 242 -25.23 -16.08 6.90
CA TRP D 242 -23.78 -16.08 6.95
C TRP D 242 -23.28 -17.52 7.12
N VAL D 243 -22.00 -17.71 6.82
CA VAL D 243 -21.30 -18.96 7.06
C VAL D 243 -20.34 -18.74 8.22
N SER D 244 -20.44 -19.56 9.26
CA SER D 244 -19.52 -19.47 10.40
C SER D 244 -18.58 -20.67 10.33
N SER D 245 -17.28 -20.42 10.49
CA SER D 245 -16.37 -21.58 10.49
C SER D 245 -16.68 -22.51 11.65
N GLY D 246 -16.81 -21.96 12.85
CA GLY D 246 -17.01 -22.73 14.06
C GLY D 246 -16.08 -23.90 14.25
N LEU D 247 -14.89 -23.83 13.63
CA LEU D 247 -13.91 -24.91 13.73
C LEU D 247 -14.49 -26.25 13.26
N GLY D 248 -15.29 -26.19 12.19
CA GLY D 248 -16.19 -27.28 11.86
C GLY D 248 -17.34 -27.45 12.84
N GLY D 249 -17.99 -26.33 13.19
CA GLY D 249 -18.99 -26.32 14.23
C GLY D 249 -18.52 -26.86 15.56
N LEU D 250 -17.21 -26.99 15.77
CA LEU D 250 -16.71 -27.38 17.08
C LEU D 250 -17.21 -26.43 18.17
N LEU D 251 -17.10 -25.13 17.93
CA LEU D 251 -17.62 -24.11 18.83
C LEU D 251 -19.04 -23.72 18.43
N ASP D 252 -19.99 -23.92 19.34
CA ASP D 252 -21.26 -23.23 19.31
C ASP D 252 -21.05 -21.72 19.45
N LEU D 253 -21.17 -20.98 18.36
CA LEU D 253 -20.91 -19.55 18.35
C LEU D 253 -22.22 -18.76 18.32
N LYS D 254 -22.39 -17.87 19.28
CA LYS D 254 -23.38 -16.81 19.22
C LYS D 254 -22.78 -15.57 18.57
N SER D 255 -23.65 -14.66 18.14
CA SER D 255 -23.24 -13.53 17.31
C SER D 255 -23.90 -12.24 17.79
N ASP D 256 -23.26 -11.13 17.43
CA ASP D 256 -23.77 -9.78 17.70
C ASP D 256 -23.91 -9.08 16.35
N ILE D 257 -25.13 -8.67 16.02
CA ILE D 257 -25.48 -8.16 14.71
C ILE D 257 -25.83 -6.69 14.81
N GLN D 258 -25.17 -5.86 14.01
CA GLN D 258 -25.45 -4.44 13.90
C GLN D 258 -25.75 -4.05 12.46
N TYR D 259 -26.64 -3.07 12.31
CA TYR D 259 -27.12 -2.68 11.00
C TYR D 259 -27.46 -1.20 11.05
N ARG D 260 -27.46 -0.55 9.89
CA ARG D 260 -27.80 0.86 9.82
C ARG D 260 -28.39 1.17 8.45
N THR D 261 -29.24 2.18 8.40
CA THR D 261 -29.54 2.81 7.11
C THR D 261 -28.24 3.22 6.45
N LYS D 262 -28.13 2.95 5.14
CA LYS D 262 -26.88 3.19 4.44
C LYS D 262 -26.33 4.59 4.69
N ASP D 263 -27.21 5.60 4.73
CA ASP D 263 -26.74 6.97 4.96
C ASP D 263 -26.31 7.19 6.40
N ALA D 264 -27.08 6.69 7.37
CA ALA D 264 -26.76 6.90 8.77
C ALA D 264 -25.50 6.12 9.14
N SER D 265 -24.54 6.82 9.73
CA SER D 265 -23.34 6.16 10.22
C SER D 265 -23.60 5.38 11.51
N THR D 266 -24.55 5.83 12.34
CA THR D 266 -24.77 5.25 13.65
C THR D 266 -25.27 3.82 13.51
N TRP D 267 -24.42 2.85 13.87
CA TRP D 267 -24.81 1.45 13.84
C TRP D 267 -25.91 1.18 14.85
N ILE D 268 -27.09 0.76 14.36
CA ILE D 268 -28.07 0.12 15.23
C ILE D 268 -27.61 -1.28 15.59
N GLN D 269 -27.92 -1.70 16.81
CA GLN D 269 -27.59 -3.03 17.31
C GLN D 269 -28.85 -3.86 17.48
N VAL D 270 -28.85 -5.04 16.88
CA VAL D 270 -29.92 -6.02 17.13
C VAL D 270 -29.92 -6.39 18.62
N PRO D 271 -31.08 -6.43 19.29
CA PRO D 271 -31.10 -6.82 20.71
C PRO D 271 -30.27 -8.08 20.98
N LEU D 272 -29.20 -7.91 21.75
CA LEU D 272 -28.18 -8.96 21.84
C LEU D 272 -28.75 -10.27 22.39
N GLU D 273 -29.82 -10.18 23.20
CA GLU D 273 -30.44 -11.39 23.73
C GLU D 273 -31.10 -12.26 22.68
N ASP D 274 -31.41 -11.69 21.50
CA ASP D 274 -32.05 -12.47 20.44
C ASP D 274 -31.07 -13.37 19.70
N THR D 275 -29.77 -13.05 19.75
CA THR D 275 -28.74 -13.83 19.08
C THR D 275 -27.97 -14.73 20.04
N MET D 276 -28.55 -15.05 21.19
CA MET D 276 -27.83 -15.73 22.26
C MET D 276 -27.55 -17.20 21.97
N SER D 277 -28.04 -17.74 20.86
CA SER D 277 -27.91 -19.15 20.53
C SER D 277 -27.33 -19.31 19.13
N PRO D 278 -26.71 -20.44 18.84
CA PRO D 278 -26.13 -20.66 17.51
C PRO D 278 -27.18 -20.56 16.42
N ARG D 279 -26.94 -19.67 15.45
CA ARG D 279 -27.81 -19.56 14.30
C ARG D 279 -26.99 -19.06 13.11
N THR D 280 -27.51 -19.30 11.92
CA THR D 280 -26.89 -18.82 10.68
C THR D 280 -27.71 -17.74 9.98
N SER D 281 -28.94 -17.49 10.41
CA SER D 281 -29.79 -16.50 9.77
C SER D 281 -30.61 -15.78 10.82
N PHE D 282 -30.87 -14.50 10.57
CA PHE D 282 -31.67 -13.69 11.48
C PHE D 282 -32.56 -12.78 10.66
N THR D 283 -33.81 -12.62 11.09
CA THR D 283 -34.83 -11.90 10.35
C THR D 283 -34.98 -10.53 10.99
N VAL D 284 -34.38 -9.51 10.38
CA VAL D 284 -34.52 -8.14 10.88
C VAL D 284 -35.87 -7.58 10.43
N GLN D 285 -36.59 -6.96 11.36
CA GLN D 285 -37.95 -6.47 11.13
C GLN D 285 -38.02 -4.97 11.40
N ASP D 286 -39.13 -4.38 10.96
CA ASP D 286 -39.42 -2.95 11.14
C ASP D 286 -38.47 -2.09 10.31
N LEU D 287 -37.94 -2.65 9.23
CA LEU D 287 -37.17 -1.86 8.27
C LEU D 287 -38.09 -0.96 7.46
N LYS D 288 -37.53 0.16 7.01
CA LYS D 288 -38.28 1.07 6.15
C LYS D 288 -38.69 0.35 4.87
N PRO D 289 -39.88 0.64 4.33
CA PRO D 289 -40.45 -0.22 3.29
C PRO D 289 -39.63 -0.27 2.01
N PHE D 290 -38.87 0.78 1.70
CA PHE D 290 -37.96 0.76 0.55
C PHE D 290 -36.74 1.61 0.89
N THR D 291 -35.74 0.97 1.49
CA THR D 291 -34.54 1.66 1.94
C THR D 291 -33.39 0.67 1.88
N GLU D 292 -32.19 1.18 1.57
CA GLU D 292 -30.99 0.37 1.53
C GLU D 292 -30.34 0.35 2.91
N TYR D 293 -29.97 -0.84 3.37
CA TYR D 293 -29.37 -1.05 4.68
C TYR D 293 -28.02 -1.75 4.55
N VAL D 294 -27.16 -1.50 5.54
CA VAL D 294 -25.85 -2.11 5.65
C VAL D 294 -25.82 -2.91 6.94
N PHE D 295 -25.24 -4.11 6.88
CA PHE D 295 -25.18 -5.03 8.01
C PHE D 295 -23.75 -5.48 8.24
N ARG D 296 -23.43 -5.73 9.51
CA ARG D 296 -22.19 -6.38 9.90
C ARG D 296 -22.45 -7.26 11.12
N ILE D 297 -21.60 -8.26 11.29
CA ILE D 297 -21.78 -9.27 12.34
C ILE D 297 -20.43 -9.70 12.89
N ARG D 298 -20.42 -10.11 14.15
CA ARG D 298 -19.26 -10.74 14.78
C ARG D 298 -19.77 -11.85 15.69
N SER D 299 -18.90 -12.79 16.01
CA SER D 299 -19.29 -14.02 16.72
C SER D 299 -18.38 -14.29 17.90
N ILE D 300 -18.93 -15.02 18.88
CA ILE D 300 -18.20 -15.49 20.04
C ILE D 300 -18.79 -16.83 20.48
N LYS D 301 -17.99 -17.61 21.20
CA LYS D 301 -18.47 -18.83 21.85
C LYS D 301 -19.78 -18.57 22.58
N ASP D 302 -20.75 -19.46 22.35
CA ASP D 302 -22.07 -19.38 22.98
C ASP D 302 -22.00 -19.01 24.45
N SER D 303 -21.05 -19.58 25.18
CA SER D 303 -20.93 -19.31 26.61
C SER D 303 -20.42 -17.90 26.90
N GLY D 304 -20.00 -17.16 25.88
CA GLY D 304 -19.43 -15.84 26.05
C GLY D 304 -18.04 -15.82 26.65
N LYS D 305 -17.45 -16.98 26.93
CA LYS D 305 -16.02 -17.05 27.20
C LYS D 305 -15.22 -16.68 25.96
N GLY D 306 -13.95 -16.36 26.18
CA GLY D 306 -13.09 -15.90 25.11
C GLY D 306 -13.39 -14.46 24.70
N TYR D 307 -13.10 -14.17 23.43
CA TYR D 307 -13.13 -12.82 22.89
C TYR D 307 -14.00 -12.77 21.65
N TRP D 308 -14.79 -11.71 21.54
CA TRP D 308 -15.54 -11.44 20.32
C TRP D 308 -14.62 -11.42 19.12
N SER D 309 -15.05 -12.07 18.05
CA SER D 309 -14.36 -11.98 16.77
C SER D 309 -14.31 -10.54 16.28
N ASP D 310 -13.45 -10.31 15.29
CA ASP D 310 -13.55 -9.10 14.49
C ASP D 310 -14.90 -9.06 13.78
N TRP D 311 -15.28 -7.86 13.36
CA TRP D 311 -16.48 -7.70 12.55
C TRP D 311 -16.30 -8.33 11.18
N SER D 312 -17.36 -8.95 10.67
CA SER D 312 -17.38 -9.26 9.25
C SER D 312 -17.23 -8.02 8.37
N GLU D 313 -17.01 -8.28 7.09
CA GLU D 313 -17.26 -7.29 6.06
C GLU D 313 -18.70 -6.81 6.11
N GLU D 314 -18.92 -5.59 5.63
CA GLU D 314 -20.27 -5.07 5.50
C GLU D 314 -21.02 -5.77 4.37
N ALA D 315 -22.32 -5.97 4.57
CA ALA D 315 -23.22 -6.47 3.54
C ALA D 315 -24.43 -5.55 3.43
N SER D 316 -25.01 -5.49 2.24
CA SER D 316 -26.04 -4.52 1.92
C SER D 316 -27.22 -5.20 1.23
N GLY D 317 -28.40 -4.62 1.44
CA GLY D 317 -29.61 -5.11 0.79
C GLY D 317 -30.70 -4.07 0.85
N THR D 318 -31.66 -4.21 -0.06
CA THR D 318 -32.73 -3.24 -0.23
C THR D 318 -34.07 -3.89 0.12
N THR D 319 -34.76 -3.33 1.10
CA THR D 319 -36.15 -3.71 1.36
C THR D 319 -36.99 -3.63 0.09
N TYR D 320 -37.66 -4.74 -0.23
CA TYR D 320 -38.54 -4.77 -1.39
C TYR D 320 -39.54 -3.61 -1.37
N GLU D 321 -39.72 -3.00 -2.54
CA GLU D 321 -40.65 -1.89 -2.74
C GLU D 321 -42.06 -2.22 -2.24
N ASP D 322 -42.88 -1.21 -1.99
CA ASP D 322 -44.23 -1.45 -1.50
C ASP D 322 -45.21 -0.47 -2.14
N ARG D 323 -46.49 -0.81 -2.03
CA ARG D 323 -47.56 0.06 -2.49
C ARG D 323 -47.31 1.49 -2.01
N PRO D 324 -47.40 2.50 -2.87
CA PRO D 324 -47.11 3.87 -2.43
C PRO D 324 -48.15 4.32 -1.41
N SER D 325 -47.69 4.89 -0.30
CA SER D 325 -48.59 5.15 0.82
C SER D 325 -49.55 6.30 0.54
N ARG D 326 -49.10 7.33 -0.18
CA ARG D 326 -49.93 8.52 -0.37
C ARG D 326 -50.12 8.87 -1.85
N PRO D 327 -51.30 9.34 -2.22
CA PRO D 327 -51.54 9.78 -3.60
C PRO D 327 -50.67 10.98 -3.95
N PRO D 328 -50.20 11.08 -5.19
CA PRO D 328 -49.43 12.27 -5.59
C PRO D 328 -50.24 13.55 -5.48
N SER D 329 -49.53 14.65 -5.28
CA SER D 329 -50.12 15.98 -5.41
C SER D 329 -50.69 16.17 -6.79
N PHE D 330 -51.95 16.61 -6.87
CA PHE D 330 -52.70 16.62 -8.12
C PHE D 330 -53.36 17.97 -8.30
N TRP D 331 -53.22 18.55 -9.49
CA TRP D 331 -53.75 19.87 -9.79
C TRP D 331 -53.98 19.97 -11.29
N TYR D 332 -54.79 20.95 -11.68
CA TYR D 332 -55.14 21.17 -13.07
C TYR D 332 -54.99 22.64 -13.42
N LYS D 333 -54.66 22.91 -14.68
CA LYS D 333 -54.66 24.26 -15.22
C LYS D 333 -55.35 24.29 -16.57
N THR D 334 -56.05 25.39 -16.83
CA THR D 334 -56.77 25.60 -18.08
C THR D 334 -56.36 26.93 -18.68
N ASN D 335 -55.92 26.89 -19.93
CA ASN D 335 -55.75 28.12 -20.69
C ASN D 335 -57.13 28.65 -21.08
N PRO D 336 -57.38 29.95 -20.97
CA PRO D 336 -58.74 30.43 -21.29
C PRO D 336 -59.07 30.16 -22.74
N SER D 337 -60.11 29.34 -22.95
CA SER D 337 -60.49 28.91 -24.29
C SER D 337 -61.92 29.33 -24.53
N HIS D 338 -62.23 30.60 -24.24
CA HIS D 338 -63.57 31.12 -24.49
C HIS D 338 -63.97 30.89 -25.95
N GLY D 339 -65.24 30.55 -26.14
CA GLY D 339 -65.80 30.37 -27.46
C GLY D 339 -65.52 29.02 -28.09
N GLN D 340 -65.04 28.05 -27.32
CA GLN D 340 -64.84 26.69 -27.78
C GLN D 340 -65.65 25.73 -26.92
N GLU D 341 -66.26 24.72 -27.56
CA GLU D 341 -66.94 23.69 -26.80
C GLU D 341 -65.97 22.83 -26.01
N TYR D 342 -64.70 22.78 -26.42
CA TYR D 342 -63.68 22.00 -25.74
C TYR D 342 -62.60 22.93 -25.18
N ARG D 343 -62.15 22.59 -23.98
CA ARG D 343 -61.11 23.32 -23.25
C ARG D 343 -59.92 22.43 -22.96
N SER D 344 -58.72 22.92 -23.30
CA SER D 344 -57.49 22.16 -23.07
C SER D 344 -57.12 22.28 -21.59
N VAL D 345 -57.27 21.18 -20.86
CA VAL D 345 -56.97 21.14 -19.43
C VAL D 345 -55.63 20.43 -19.26
N ARG D 346 -54.63 21.15 -18.75
CA ARG D 346 -53.31 20.59 -18.49
C ARG D 346 -53.29 20.04 -17.07
N LEU D 347 -53.60 18.76 -16.94
CA LEU D 347 -53.47 18.07 -15.67
C LEU D 347 -51.99 17.89 -15.35
N ILE D 348 -51.61 18.20 -14.11
CA ILE D 348 -50.22 18.14 -13.66
C ILE D 348 -50.14 17.60 -12.24
N TRP D 349 -49.12 16.79 -11.99
CA TRP D 349 -48.87 16.21 -10.68
C TRP D 349 -47.37 16.14 -10.45
N LYS D 350 -46.99 16.03 -9.18
CA LYS D 350 -45.59 15.92 -8.78
C LYS D 350 -45.28 14.52 -8.31
N ALA D 351 -44.16 13.96 -8.77
CA ALA D 351 -43.83 12.58 -8.42
C ALA D 351 -43.75 12.40 -6.92
N LEU D 352 -44.16 11.21 -6.48
CA LEU D 352 -44.09 10.84 -5.08
C LEU D 352 -42.63 10.74 -4.64
N PRO D 353 -42.22 11.36 -3.54
CA PRO D 353 -40.90 11.07 -2.98
C PRO D 353 -40.75 9.60 -2.65
N LEU D 354 -39.49 9.15 -2.57
CA LEU D 354 -39.23 7.75 -2.30
C LEU D 354 -39.93 7.29 -1.02
N SER D 355 -39.93 8.14 0.00
CA SER D 355 -40.60 7.78 1.25
C SER D 355 -42.11 7.57 1.05
N GLU D 356 -42.64 8.03 -0.08
CA GLU D 356 -44.03 7.79 -0.47
C GLU D 356 -44.14 6.90 -1.69
N ALA D 357 -43.24 7.06 -2.66
CA ALA D 357 -43.20 6.09 -3.75
C ALA D 357 -42.93 4.70 -3.22
N ASN D 358 -42.05 4.57 -2.21
CA ASN D 358 -41.76 3.25 -1.64
C ASN D 358 -41.34 2.24 -2.70
N GLY D 359 -40.93 2.70 -3.87
CA GLY D 359 -40.63 1.80 -4.97
C GLY D 359 -40.54 2.53 -6.29
N LYS D 360 -40.33 1.73 -7.33
CA LYS D 360 -40.18 2.24 -8.69
C LYS D 360 -41.54 2.64 -9.24
N ILE D 361 -41.77 3.94 -9.36
CA ILE D 361 -42.97 4.48 -9.98
C ILE D 361 -42.93 4.13 -11.47
N LEU D 362 -43.76 3.18 -11.89
CA LEU D 362 -43.74 2.75 -13.28
C LEU D 362 -44.59 3.67 -14.15
N ASP D 363 -45.81 3.97 -13.72
CA ASP D 363 -46.67 4.84 -14.51
C ASP D 363 -47.74 5.44 -13.59
N TYR D 364 -48.33 6.54 -14.06
CA TYR D 364 -49.48 7.14 -13.42
C TYR D 364 -50.72 6.86 -14.26
N GLU D 365 -51.80 6.43 -13.60
CA GLU D 365 -53.08 6.20 -14.27
C GLU D 365 -54.02 7.36 -13.97
N VAL D 366 -54.47 8.04 -15.02
CA VAL D 366 -55.39 9.16 -14.91
C VAL D 366 -56.75 8.71 -15.43
N ILE D 367 -57.78 8.82 -14.58
CA ILE D 367 -59.16 8.48 -14.93
C ILE D 367 -59.96 9.76 -14.92
N LEU D 368 -60.72 9.99 -15.99
CA LEU D 368 -61.58 11.16 -16.13
C LEU D 368 -63.03 10.71 -16.20
N THR D 369 -63.86 11.18 -15.27
CA THR D 369 -65.26 10.80 -15.21
C THR D 369 -66.11 12.03 -15.50
N GLN D 370 -66.86 11.99 -16.61
CA GLN D 370 -67.78 13.08 -16.95
C GLN D 370 -69.11 12.83 -16.23
N SER D 371 -69.09 13.11 -14.93
CA SER D 371 -70.29 12.93 -14.10
C SER D 371 -70.81 11.50 -14.22
N LYS D 372 -71.90 11.31 -14.95
CA LYS D 372 -72.55 10.01 -15.08
C LYS D 372 -72.07 9.23 -16.30
N SER D 373 -71.39 9.88 -17.24
CA SER D 373 -70.95 9.21 -18.46
C SER D 373 -69.84 8.20 -18.16
N VAL D 374 -69.51 7.41 -19.17
CA VAL D 374 -68.39 6.48 -19.07
C VAL D 374 -67.14 7.24 -18.66
N SER D 375 -66.39 6.68 -17.73
CA SER D 375 -65.16 7.31 -17.24
C SER D 375 -64.04 7.03 -18.24
N GLN D 376 -63.39 8.08 -18.73
CA GLN D 376 -62.22 7.86 -19.57
C GLN D 376 -61.04 7.47 -18.72
N THR D 377 -60.15 6.67 -19.30
CA THR D 377 -58.95 6.21 -18.61
C THR D 377 -57.74 6.46 -19.49
N TYR D 378 -56.68 7.01 -18.90
CA TYR D 378 -55.42 7.23 -19.59
C TYR D 378 -54.26 6.79 -18.71
N THR D 379 -53.23 6.24 -19.33
CA THR D 379 -51.98 5.87 -18.66
C THR D 379 -50.84 6.76 -19.15
N VAL D 380 -50.19 7.44 -18.21
CA VAL D 380 -49.22 8.49 -18.53
C VAL D 380 -47.95 8.24 -17.72
N THR D 381 -46.81 8.23 -18.40
CA THR D 381 -45.53 8.13 -17.70
C THR D 381 -44.98 9.49 -17.30
N GLY D 382 -45.28 10.55 -18.04
CA GLY D 382 -44.91 11.88 -17.64
C GLY D 382 -45.74 12.41 -16.49
N THR D 383 -45.34 13.60 -16.05
CA THR D 383 -45.96 14.28 -14.90
C THR D 383 -47.07 15.24 -15.29
N GLU D 384 -47.52 15.24 -16.54
CA GLU D 384 -48.53 16.19 -16.99
C GLU D 384 -49.38 15.47 -18.03
N LEU D 385 -50.65 15.85 -18.13
CA LEU D 385 -51.52 15.31 -19.17
C LEU D 385 -52.41 16.45 -19.68
N THR D 386 -52.34 16.71 -20.99
CA THR D 386 -53.20 17.69 -21.63
C THR D 386 -54.36 16.97 -22.32
N VAL D 387 -55.59 17.29 -21.93
CA VAL D 387 -56.79 16.67 -22.46
C VAL D 387 -57.77 17.78 -22.84
N ASN D 388 -58.35 17.67 -24.03
CA ASN D 388 -59.37 18.61 -24.50
C ASN D 388 -60.72 18.22 -23.90
N LEU D 389 -60.99 18.71 -22.70
CA LEU D 389 -62.27 18.43 -22.06
C LEU D 389 -63.34 19.36 -22.64
N THR D 390 -64.60 18.90 -22.54
CA THR D 390 -65.73 19.77 -22.77
C THR D 390 -65.88 20.78 -21.64
N ASN D 391 -66.80 21.72 -21.83
CA ASN D 391 -67.14 22.68 -20.78
C ASN D 391 -67.99 22.07 -19.67
N ASP D 392 -68.31 20.77 -19.75
CA ASP D 392 -69.05 20.12 -18.68
C ASP D 392 -68.19 20.01 -17.43
N ARG D 393 -68.85 19.75 -16.30
CA ARG D 393 -68.09 19.49 -15.09
C ARG D 393 -67.47 18.11 -15.16
N TYR D 394 -66.19 18.01 -14.78
CA TYR D 394 -65.48 16.75 -14.74
C TYR D 394 -64.92 16.45 -13.35
N VAL D 395 -64.81 15.15 -13.08
CA VAL D 395 -64.10 14.60 -11.93
C VAL D 395 -62.83 13.95 -12.46
N ALA D 396 -61.68 14.50 -12.06
CA ALA D 396 -60.39 13.89 -12.34
C ALA D 396 -59.99 12.94 -11.22
N SER D 397 -59.30 11.87 -11.61
CA SER D 397 -58.75 10.93 -10.64
C SER D 397 -57.32 10.57 -11.05
N LEU D 398 -56.43 10.51 -10.06
CA LEU D 398 -55.03 10.20 -10.29
C LEU D 398 -54.56 9.16 -9.28
N ALA D 399 -53.92 8.11 -9.78
CA ALA D 399 -53.29 7.10 -8.94
C ALA D 399 -51.89 6.79 -9.46
N ALA D 400 -50.99 6.49 -8.53
CA ALA D 400 -49.61 6.13 -8.85
C ALA D 400 -49.47 4.62 -8.77
N ARG D 401 -49.03 4.00 -9.86
CA ARG D 401 -48.85 2.56 -9.95
C ARG D 401 -47.37 2.22 -9.91
N ASN D 402 -46.99 1.37 -8.96
CA ASN D 402 -45.67 0.76 -8.95
C ASN D 402 -45.81 -0.74 -9.24
N LYS D 403 -44.68 -1.44 -9.11
CA LYS D 403 -44.66 -2.89 -9.27
C LYS D 403 -45.80 -3.56 -8.54
N VAL D 404 -46.04 -3.16 -7.29
CA VAL D 404 -46.97 -3.88 -6.43
C VAL D 404 -48.42 -3.51 -6.75
N GLY D 405 -48.72 -2.22 -6.86
CA GLY D 405 -50.07 -1.83 -7.21
C GLY D 405 -50.23 -0.33 -7.20
N LYS D 406 -51.45 0.10 -7.51
CA LYS D 406 -51.78 1.52 -7.50
C LYS D 406 -51.87 2.08 -6.09
N SER D 407 -51.38 3.31 -5.92
CA SER D 407 -51.64 4.06 -4.71
C SER D 407 -53.13 4.37 -4.58
N ALA D 408 -53.49 4.94 -3.43
CA ALA D 408 -54.78 5.62 -3.31
C ALA D 408 -54.93 6.67 -4.41
N ALA D 409 -56.18 6.93 -4.79
CA ALA D 409 -56.47 7.81 -5.91
C ALA D 409 -56.68 9.24 -5.41
N ALA D 410 -55.87 10.17 -5.93
CA ALA D 410 -56.17 11.59 -5.79
C ALA D 410 -57.38 11.96 -6.63
N VAL D 411 -58.24 12.82 -6.08
CA VAL D 411 -59.50 13.21 -6.71
C VAL D 411 -59.52 14.73 -6.84
N LEU D 412 -59.92 15.21 -8.02
CA LEU D 412 -59.87 16.64 -8.34
C LEU D 412 -61.08 16.97 -9.21
N THR D 413 -62.09 17.59 -8.59
CA THR D 413 -63.28 18.05 -9.30
C THR D 413 -62.93 19.23 -10.19
N ILE D 414 -63.00 19.04 -11.51
CA ILE D 414 -62.80 20.12 -12.47
C ILE D 414 -64.16 20.80 -12.68
N PRO D 415 -64.37 22.00 -12.15
CA PRO D 415 -65.66 22.69 -12.36
C PRO D 415 -65.85 23.11 -13.80
N SER D 416 -67.12 23.27 -14.18
CA SER D 416 -67.42 23.88 -15.46
C SER D 416 -66.96 25.34 -15.45
N PRO D 417 -66.52 25.88 -16.59
CA PRO D 417 -65.99 27.25 -16.59
C PRO D 417 -66.96 28.29 -16.06
N HIS D 418 -68.27 28.08 -16.19
CA HIS D 418 -69.19 29.13 -15.78
C HIS D 418 -69.41 29.18 -14.27
N VAL D 419 -69.01 28.14 -13.54
CA VAL D 419 -69.23 28.08 -12.10
C VAL D 419 -68.31 29.09 -11.45
N THR D 420 -68.88 30.16 -10.89
CA THR D 420 -68.10 31.15 -10.18
C THR D 420 -67.69 30.64 -8.80
N ALA D 421 -66.43 30.88 -8.44
CA ALA D 421 -65.96 30.51 -7.11
C ALA D 421 -66.74 31.26 -6.04
N ALA D 422 -67.25 30.52 -5.06
CA ALA D 422 -68.09 31.10 -4.02
C ALA D 422 -67.31 31.60 -2.81
N TYR D 423 -66.15 31.01 -2.52
CA TYR D 423 -65.38 31.35 -1.33
C TYR D 423 -63.88 31.41 -1.63
N SER D 424 -63.23 32.42 -1.06
CA SER D 424 -61.80 32.60 -1.17
C SER D 424 -61.18 32.79 0.21
N VAL D 425 -59.86 32.59 0.28
CA VAL D 425 -59.14 32.88 1.52
C VAL D 425 -59.28 34.36 1.90
N VAL D 426 -59.11 34.63 3.20
CA VAL D 426 -59.10 35.98 3.72
C VAL D 426 -57.91 36.14 4.65
N ASN D 427 -57.49 37.39 4.83
CA ASN D 427 -56.37 37.73 5.71
C ASN D 427 -55.11 36.97 5.29
N LEU D 428 -54.97 36.73 3.99
CA LEU D 428 -53.76 36.08 3.46
C LEU D 428 -52.54 36.96 3.71
N LYS D 429 -51.48 36.37 4.26
CA LYS D 429 -50.22 37.05 4.45
C LYS D 429 -49.06 36.14 4.04
N ALA D 430 -47.94 36.77 3.69
CA ALA D 430 -46.70 36.06 3.45
C ALA D 430 -45.55 36.89 3.99
N PHE D 431 -44.56 36.21 4.58
CA PHE D 431 -43.43 36.86 5.21
C PHE D 431 -42.23 35.91 5.19
N PRO D 432 -41.02 36.41 4.97
CA PRO D 432 -39.83 35.55 5.08
C PRO D 432 -39.42 35.32 6.53
N LYS D 433 -39.11 34.06 6.84
CA LYS D 433 -38.60 33.67 8.14
C LYS D 433 -37.70 32.46 7.97
N ASP D 434 -36.58 32.45 8.69
CA ASP D 434 -35.62 31.34 8.65
C ASP D 434 -35.13 31.12 7.21
N ASN D 435 -34.97 32.22 6.48
CA ASN D 435 -34.61 32.20 5.06
C ASN D 435 -35.65 31.47 4.23
N LEU D 436 -36.90 31.40 4.71
CA LEU D 436 -37.97 30.72 3.99
C LEU D 436 -39.13 31.69 3.83
N LEU D 437 -39.78 31.66 2.67
CA LEU D 437 -40.94 32.49 2.41
C LEU D 437 -42.19 31.75 2.89
N TRP D 438 -42.67 32.13 4.07
CA TRP D 438 -43.87 31.52 4.65
C TRP D 438 -45.12 32.27 4.18
N VAL D 439 -46.22 31.53 4.08
CA VAL D 439 -47.53 32.08 3.73
C VAL D 439 -48.55 31.57 4.74
N GLU D 440 -49.41 32.48 5.21
CA GLU D 440 -50.45 32.13 6.17
C GLU D 440 -51.78 32.74 5.75
N TRP D 441 -52.86 32.04 6.08
CA TRP D 441 -54.20 32.46 5.72
C TRP D 441 -55.19 31.91 6.74
N THR D 442 -56.39 32.52 6.76
CA THR D 442 -57.50 32.03 7.57
C THR D 442 -58.34 31.03 6.78
N PRO D 443 -58.57 29.82 7.29
CA PRO D 443 -59.45 28.87 6.61
C PRO D 443 -60.84 29.45 6.42
N PRO D 444 -61.49 29.18 5.28
CA PRO D 444 -62.89 29.58 5.12
C PRO D 444 -63.78 28.87 6.12
N PRO D 445 -65.01 29.36 6.33
CA PRO D 445 -65.91 28.67 7.26
C PRO D 445 -66.39 27.33 6.74
N LYS D 446 -66.28 27.08 5.43
CA LYS D 446 -66.63 25.79 4.83
C LYS D 446 -65.47 24.81 4.94
N PRO D 447 -65.76 23.51 4.95
CA PRO D 447 -64.68 22.50 5.05
C PRO D 447 -63.84 22.41 3.78
N VAL D 448 -62.65 23.00 3.77
CA VAL D 448 -61.73 22.83 2.66
C VAL D 448 -61.33 21.36 2.55
N SER D 449 -61.25 20.87 1.32
CA SER D 449 -60.70 19.54 1.09
C SER D 449 -59.18 19.58 1.02
N LYS D 450 -58.62 20.55 0.31
CA LYS D 450 -57.17 20.75 0.25
C LYS D 450 -56.90 22.16 -0.23
N TYR D 451 -55.70 22.64 0.06
CA TYR D 451 -55.22 23.92 -0.45
C TYR D 451 -54.17 23.70 -1.51
N ILE D 452 -54.26 24.46 -2.59
CA ILE D 452 -53.23 24.53 -3.61
C ILE D 452 -52.65 25.93 -3.61
N LEU D 453 -51.32 26.04 -3.59
CA LEU D 453 -50.64 27.32 -3.67
C LEU D 453 -49.81 27.36 -4.95
N GLU D 454 -49.79 28.54 -5.58
CA GLU D 454 -49.06 28.76 -6.83
C GLU D 454 -48.29 30.06 -6.75
N TRP D 455 -47.11 30.08 -7.37
CA TRP D 455 -46.26 31.25 -7.34
C TRP D 455 -45.42 31.33 -8.60
N CYS D 456 -45.02 32.56 -8.96
CA CYS D 456 -44.12 32.77 -10.09
C CYS D 456 -43.33 34.05 -9.84
N VAL D 457 -42.14 34.10 -10.45
CA VAL D 457 -41.34 35.33 -10.43
C VAL D 457 -42.03 36.39 -11.26
N LEU D 458 -42.29 37.55 -10.65
CA LEU D 458 -42.76 38.70 -11.41
C LEU D 458 -41.62 39.32 -12.20
N SER D 459 -41.84 39.52 -13.50
CA SER D 459 -40.83 40.08 -14.37
C SER D 459 -41.52 40.89 -15.47
N GLU D 460 -40.79 41.87 -15.99
CA GLU D 460 -41.23 42.63 -17.14
C GLU D 460 -40.60 42.14 -18.44
N ASN D 461 -39.56 41.32 -18.36
CA ASN D 461 -38.91 40.77 -19.54
C ASN D 461 -39.28 39.31 -19.80
N ALA D 462 -39.90 38.63 -18.84
CA ALA D 462 -40.23 37.22 -18.95
C ALA D 462 -41.62 36.96 -18.42
N PRO D 463 -42.29 35.91 -18.90
CA PRO D 463 -43.64 35.62 -18.42
C PRO D 463 -43.65 35.02 -17.03
N CYS D 464 -44.84 34.99 -16.44
CA CYS D 464 -45.07 34.35 -15.15
C CYS D 464 -45.02 32.84 -15.27
N VAL D 465 -43.82 32.26 -15.13
CA VAL D 465 -43.65 30.81 -15.10
C VAL D 465 -44.08 30.33 -13.71
N GLU D 466 -45.20 29.62 -13.64
CA GLU D 466 -45.78 29.24 -12.37
C GLU D 466 -45.17 27.96 -11.83
N ASP D 467 -45.11 27.88 -10.49
CA ASP D 467 -44.85 26.65 -9.78
C ASP D 467 -45.90 26.51 -8.69
N TRP D 468 -46.03 25.31 -8.13
CA TRP D 468 -47.18 25.01 -7.30
C TRP D 468 -46.84 23.94 -6.28
N GLN D 469 -47.65 23.88 -5.23
CA GLN D 469 -47.54 22.85 -4.20
C GLN D 469 -48.90 22.61 -3.58
N GLN D 470 -49.09 21.43 -3.01
CA GLN D 470 -50.33 21.03 -2.37
C GLN D 470 -50.18 21.02 -0.85
N GLU D 471 -51.19 21.53 -0.16
CA GLU D 471 -51.26 21.49 1.30
C GLU D 471 -52.55 20.81 1.75
N ASP D 472 -52.46 20.04 2.83
CA ASP D 472 -53.62 19.36 3.38
C ASP D 472 -54.63 20.35 3.96
N ALA D 473 -55.87 19.88 4.07
CA ALA D 473 -56.95 20.72 4.61
C ALA D 473 -56.61 21.26 5.99
N THR D 474 -55.85 20.52 6.79
CA THR D 474 -55.51 20.98 8.13
C THR D 474 -54.45 22.06 8.13
N VAL D 475 -53.71 22.23 7.04
CA VAL D 475 -52.63 23.20 6.97
C VAL D 475 -53.21 24.60 6.78
N ASN D 476 -52.83 25.52 7.64
CA ASN D 476 -53.17 26.93 7.49
C ASN D 476 -51.96 27.82 7.29
N ARG D 477 -50.74 27.30 7.46
CA ARG D 477 -49.52 28.05 7.21
C ARG D 477 -48.48 27.08 6.67
N THR D 478 -47.74 27.51 5.65
CA THR D 478 -46.73 26.66 5.06
C THR D 478 -45.67 27.52 4.39
N HIS D 479 -44.49 26.94 4.21
CA HIS D 479 -43.42 27.54 3.42
C HIS D 479 -43.49 27.05 1.98
N LEU D 480 -43.09 27.93 1.05
CA LEU D 480 -43.09 27.60 -0.36
C LEU D 480 -41.96 26.63 -0.65
N ARG D 481 -42.31 25.39 -1.01
CA ARG D 481 -41.33 24.34 -1.27
C ARG D 481 -40.81 24.51 -2.70
N GLY D 482 -39.73 25.27 -2.83
CA GLY D 482 -39.08 25.41 -4.12
C GLY D 482 -37.78 26.19 -3.97
N ARG D 483 -37.05 26.24 -5.08
CA ARG D 483 -35.76 26.95 -5.14
C ARG D 483 -35.98 28.45 -5.39
N LEU D 484 -36.64 29.08 -4.43
CA LEU D 484 -36.89 30.51 -4.53
C LEU D 484 -35.57 31.28 -4.55
N LEU D 485 -35.57 32.41 -5.25
CA LEU D 485 -34.37 33.19 -5.47
C LEU D 485 -34.42 34.46 -4.63
N GLU D 486 -33.29 34.80 -4.02
CA GLU D 486 -33.16 36.05 -3.28
C GLU D 486 -33.23 37.24 -4.22
N SER D 487 -33.76 38.35 -3.71
CA SER D 487 -33.83 39.62 -4.42
C SER D 487 -34.73 39.57 -5.65
N LYS D 488 -35.48 38.48 -5.83
CA LYS D 488 -36.44 38.34 -6.92
C LYS D 488 -37.85 38.45 -6.36
N CYS D 489 -38.68 39.29 -6.99
CA CYS D 489 -40.06 39.41 -6.58
C CYS D 489 -40.85 38.21 -7.07
N TYR D 490 -41.52 37.53 -6.14
CA TYR D 490 -42.44 36.44 -6.47
C TYR D 490 -43.88 36.91 -6.26
N GLN D 491 -44.70 36.75 -7.29
CA GLN D 491 -46.14 36.72 -7.08
C GLN D 491 -46.54 35.40 -6.44
N ILE D 492 -47.44 35.47 -5.46
CA ILE D 492 -47.92 34.29 -4.76
C ILE D 492 -49.44 34.22 -4.93
N THR D 493 -49.94 33.01 -5.15
CA THR D 493 -51.35 32.77 -5.35
C THR D 493 -51.78 31.60 -4.47
N VAL D 494 -52.96 31.74 -3.85
CA VAL D 494 -53.54 30.70 -3.02
C VAL D 494 -54.94 30.42 -3.54
N THR D 495 -55.23 29.16 -3.84
CA THR D 495 -56.53 28.74 -4.35
C THR D 495 -57.06 27.64 -3.44
N LEU D 496 -58.23 27.89 -2.85
CA LEU D 496 -58.94 26.87 -2.10
C LEU D 496 -59.56 25.84 -3.02
N VAL D 497 -59.50 24.58 -2.62
CA VAL D 497 -60.07 23.46 -3.36
C VAL D 497 -61.16 22.84 -2.50
N PHE D 498 -62.41 23.00 -2.93
CA PHE D 498 -63.54 22.32 -2.30
C PHE D 498 -63.92 21.08 -3.11
N ALA D 499 -64.75 20.24 -2.50
CA ALA D 499 -65.31 19.11 -3.25
C ALA D 499 -65.95 19.58 -4.55
N THR D 500 -66.57 20.76 -4.53
CA THR D 500 -67.15 21.34 -5.73
C THR D 500 -66.11 21.88 -6.69
N GLY D 501 -64.85 21.98 -6.27
CA GLY D 501 -63.80 22.52 -7.09
C GLY D 501 -63.04 23.65 -6.43
N PRO D 502 -62.15 24.31 -7.17
CA PRO D 502 -61.38 25.42 -6.60
C PRO D 502 -62.28 26.60 -6.23
N GLY D 503 -61.93 27.22 -5.10
CA GLY D 503 -62.50 28.50 -4.72
C GLY D 503 -61.78 29.67 -5.37
N GLY D 504 -62.11 30.87 -4.90
CA GLY D 504 -61.48 32.07 -5.41
C GLY D 504 -60.02 32.14 -5.00
N SER D 505 -59.18 32.59 -5.93
CA SER D 505 -57.74 32.64 -5.73
C SER D 505 -57.33 34.06 -5.32
N GLU D 506 -56.89 34.22 -4.08
CA GLU D 506 -56.28 35.45 -3.62
C GLU D 506 -54.79 35.43 -3.94
N SER D 507 -54.25 36.61 -4.26
CA SER D 507 -52.85 36.75 -4.60
C SER D 507 -52.24 37.95 -3.89
N LEU D 508 -50.94 37.85 -3.61
CA LEU D 508 -50.17 38.96 -3.07
C LEU D 508 -48.73 38.83 -3.58
N LYS D 509 -47.91 39.81 -3.24
CA LYS D 509 -46.50 39.83 -3.65
C LYS D 509 -45.60 39.81 -2.41
N ALA D 510 -44.46 39.13 -2.54
CA ALA D 510 -43.53 39.02 -1.43
C ALA D 510 -42.13 38.75 -1.99
N TYR D 511 -41.13 38.95 -1.13
CA TYR D 511 -39.74 38.61 -1.43
C TYR D 511 -39.26 37.58 -0.42
N LEU D 512 -38.51 36.59 -0.91
CA LEU D 512 -37.78 35.71 0.01
C LEU D 512 -36.72 36.50 0.76
N LYS D 513 -35.96 37.32 0.06
CA LYS D 513 -34.95 38.17 0.66
C LYS D 513 -34.74 39.38 -0.24
N GLN D 514 -34.40 40.51 0.36
CA GLN D 514 -34.26 41.76 -0.36
C GLN D 514 -32.78 42.13 -0.51
N ALA D 515 -32.54 43.10 -1.38
CA ALA D 515 -31.23 43.74 -1.50
C ALA D 515 -31.42 45.16 -2.00
N ALA D 516 -30.34 45.93 -1.96
CA ALA D 516 -30.38 47.28 -2.51
C ALA D 516 -30.75 47.22 -4.00
N PRO D 517 -31.45 48.23 -4.52
CA PRO D 517 -31.85 48.19 -5.92
C PRO D 517 -30.66 48.09 -6.85
N ALA D 518 -30.83 47.35 -7.95
CA ALA D 518 -29.76 47.23 -8.94
C ALA D 518 -29.50 48.55 -9.65
N ARG D 519 -30.52 49.39 -9.79
CA ARG D 519 -30.36 50.73 -10.35
C ARG D 519 -31.21 51.70 -9.57
N GLY D 520 -30.73 52.94 -9.47
CA GLY D 520 -31.52 54.01 -8.90
C GLY D 520 -32.56 54.52 -9.86
N PRO D 521 -33.47 55.35 -9.34
CA PRO D 521 -34.52 55.91 -10.19
C PRO D 521 -33.98 56.98 -11.13
N THR D 522 -34.66 57.11 -12.27
CA THR D 522 -34.34 58.13 -13.27
C THR D 522 -35.27 59.32 -13.06
N VAL D 523 -34.68 60.50 -12.87
CA VAL D 523 -35.42 61.71 -12.54
C VAL D 523 -35.62 62.54 -13.81
N ARG D 524 -36.82 63.08 -13.97
CA ARG D 524 -37.13 63.98 -15.08
C ARG D 524 -38.03 65.09 -14.56
N THR D 525 -37.82 66.30 -15.06
CA THR D 525 -38.62 67.45 -14.64
C THR D 525 -39.94 67.47 -15.42
N LYS D 526 -41.04 67.55 -14.68
CA LYS D 526 -42.35 67.76 -15.29
C LYS D 526 -42.66 69.24 -15.50
N LYS D 527 -42.25 70.08 -14.57
CA LYS D 527 -42.46 71.52 -14.69
C LYS D 527 -41.31 72.24 -13.99
N VAL D 528 -40.97 73.42 -14.51
CA VAL D 528 -39.98 74.30 -13.89
C VAL D 528 -40.58 75.70 -13.79
N GLY D 529 -40.38 76.34 -12.64
CA GLY D 529 -40.88 77.68 -12.43
C GLY D 529 -39.80 78.63 -11.94
N LYS D 530 -40.18 79.87 -11.62
CA LYS D 530 -39.21 80.85 -11.16
C LYS D 530 -38.55 80.43 -9.86
N ASN D 531 -39.31 79.75 -8.98
CA ASN D 531 -38.76 79.31 -7.70
C ASN D 531 -39.16 77.88 -7.34
N GLU D 532 -39.60 77.10 -8.33
CA GLU D 532 -40.09 75.75 -8.07
C GLU D 532 -39.82 74.87 -9.28
N ALA D 533 -39.78 73.57 -9.05
CA ALA D 533 -39.64 72.59 -10.12
C ALA D 533 -40.36 71.31 -9.71
N VAL D 534 -41.27 70.85 -10.57
CA VAL D 534 -42.00 69.61 -10.34
C VAL D 534 -41.15 68.47 -10.93
N LEU D 535 -40.48 67.73 -10.06
CA LEU D 535 -39.75 66.55 -10.49
C LEU D 535 -40.71 65.40 -10.75
N ALA D 536 -40.33 64.54 -11.72
CA ALA D 536 -41.06 63.32 -12.01
C ALA D 536 -40.07 62.19 -12.21
N TRP D 537 -40.48 60.97 -11.89
CA TRP D 537 -39.64 59.81 -12.04
C TRP D 537 -40.50 58.60 -12.36
N ASP D 538 -39.91 57.64 -13.06
CA ASP D 538 -40.55 56.37 -13.39
C ASP D 538 -40.07 55.30 -12.42
N GLN D 539 -41.02 54.53 -11.88
CA GLN D 539 -40.68 53.52 -10.90
C GLN D 539 -39.66 52.54 -11.46
N ILE D 540 -38.71 52.15 -10.62
CA ILE D 540 -37.66 51.21 -11.07
C ILE D 540 -38.32 49.93 -11.56
N PRO D 541 -37.88 49.35 -12.67
CA PRO D 541 -38.47 48.08 -13.11
C PRO D 541 -38.36 47.02 -12.03
N VAL D 542 -39.40 46.18 -11.92
CA VAL D 542 -39.42 45.15 -10.90
C VAL D 542 -38.27 44.18 -11.10
N ASP D 543 -37.78 44.06 -12.35
CA ASP D 543 -36.58 43.26 -12.59
C ASP D 543 -35.34 43.86 -11.94
N ASP D 544 -35.40 45.12 -11.53
CA ASP D 544 -34.26 45.79 -10.92
C ASP D 544 -34.49 46.19 -9.47
N GLN D 545 -35.73 46.38 -9.03
CA GLN D 545 -36.04 46.43 -7.61
C GLN D 545 -35.72 45.09 -6.96
N ASN D 546 -34.70 45.07 -6.09
CA ASN D 546 -34.33 43.87 -5.36
C ASN D 546 -35.08 43.73 -4.05
N GLY D 547 -36.09 44.56 -3.81
CA GLY D 547 -36.84 44.51 -2.56
C GLY D 547 -38.00 45.47 -2.59
N PHE D 548 -38.68 45.56 -1.45
CA PHE D 548 -39.78 46.50 -1.30
C PHE D 548 -39.22 47.92 -1.21
N ILE D 549 -39.58 48.77 -2.17
CA ILE D 549 -39.18 50.17 -2.15
C ILE D 549 -39.98 50.87 -1.05
N ARG D 550 -39.29 51.30 0.01
CA ARG D 550 -39.94 51.94 1.13
C ARG D 550 -40.09 53.45 0.94
N ASN D 551 -39.04 54.11 0.44
CA ASN D 551 -39.08 55.55 0.22
C ASN D 551 -37.99 55.92 -0.77
N TYR D 552 -38.05 57.15 -1.26
CA TYR D 552 -36.97 57.75 -2.03
C TYR D 552 -36.45 58.98 -1.30
N SER D 553 -35.13 59.17 -1.35
CA SER D 553 -34.49 60.42 -0.97
C SER D 553 -34.18 61.22 -2.23
N ILE D 554 -34.60 62.48 -2.26
CA ILE D 554 -34.24 63.41 -3.32
C ILE D 554 -33.21 64.38 -2.76
N SER D 555 -32.04 64.42 -3.38
CA SER D 555 -31.00 65.38 -3.05
C SER D 555 -30.76 66.30 -4.24
N TYR D 556 -30.63 67.59 -3.96
CA TYR D 556 -30.43 68.57 -5.02
C TYR D 556 -29.56 69.70 -4.49
N ARG D 557 -28.73 70.25 -5.37
CA ARG D 557 -27.78 71.28 -4.98
C ARG D 557 -27.48 72.17 -6.17
N THR D 558 -27.06 73.39 -5.88
CA THR D 558 -26.53 74.29 -6.90
C THR D 558 -25.04 74.03 -7.09
N SER D 559 -24.41 74.81 -7.96
CA SER D 559 -22.97 74.67 -8.18
C SER D 559 -22.17 75.04 -6.94
N VAL D 560 -22.74 75.79 -6.01
CA VAL D 560 -22.04 76.20 -4.80
C VAL D 560 -22.85 75.97 -3.53
N GLY D 561 -24.17 75.89 -3.59
CA GLY D 561 -24.95 75.81 -2.37
C GLY D 561 -24.87 74.44 -1.71
N LYS D 562 -25.20 74.42 -0.41
CA LYS D 562 -25.24 73.18 0.32
C LYS D 562 -26.30 72.25 -0.24
N GLU D 563 -26.00 70.97 -0.29
CA GLU D 563 -26.93 69.98 -0.82
C GLU D 563 -28.06 69.73 0.17
N MET D 564 -29.29 69.99 -0.24
CA MET D 564 -30.47 69.67 0.55
C MET D 564 -30.94 68.26 0.22
N VAL D 565 -31.63 67.64 1.18
CA VAL D 565 -32.14 66.28 1.04
C VAL D 565 -33.60 66.26 1.46
N VAL D 566 -34.42 65.58 0.65
CA VAL D 566 -35.85 65.41 0.93
C VAL D 566 -36.17 63.92 0.83
N HIS D 567 -36.95 63.43 1.78
CA HIS D 567 -37.41 62.05 1.80
C HIS D 567 -38.87 61.98 1.34
N VAL D 568 -39.15 61.09 0.41
CA VAL D 568 -40.47 60.95 -0.19
C VAL D 568 -40.91 59.50 -0.07
N ASP D 569 -42.13 59.29 0.40
CA ASP D 569 -42.68 57.94 0.50
C ASP D 569 -42.76 57.30 -0.87
N SER D 570 -42.46 56.00 -0.93
CA SER D 570 -42.33 55.31 -2.22
C SER D 570 -43.64 55.31 -3.00
N SER D 571 -44.78 55.53 -2.34
CA SER D 571 -46.05 55.57 -3.06
C SER D 571 -46.08 56.72 -4.06
N HIS D 572 -45.37 57.81 -3.77
CA HIS D 572 -45.39 58.98 -4.63
C HIS D 572 -44.56 58.75 -5.88
N THR D 573 -44.98 59.38 -6.98
CA THR D 573 -44.22 59.37 -8.22
C THR D 573 -43.75 60.75 -8.66
N GLU D 574 -44.13 61.80 -7.94
CA GLU D 574 -43.74 63.16 -8.29
C GLU D 574 -43.53 63.96 -7.02
N TYR D 575 -42.64 64.95 -7.09
CA TYR D 575 -42.42 65.87 -5.98
C TYR D 575 -42.09 67.24 -6.55
N THR D 576 -42.56 68.29 -5.88
CA THR D 576 -42.34 69.67 -6.30
C THR D 576 -41.30 70.30 -5.39
N LEU D 577 -40.09 70.46 -5.91
CA LEU D 577 -39.08 71.26 -5.22
C LEU D 577 -39.56 72.70 -5.10
N SER D 578 -39.39 73.26 -3.90
CA SER D 578 -39.91 74.58 -3.58
C SER D 578 -38.82 75.47 -3.01
N SER D 579 -39.05 76.77 -3.07
CA SER D 579 -38.11 77.77 -2.56
C SER D 579 -36.77 77.71 -3.30
N LEU D 580 -36.80 77.32 -4.57
CA LEU D 580 -35.59 77.32 -5.38
C LEU D 580 -35.20 78.75 -5.76
N SER D 581 -33.90 78.96 -5.96
CA SER D 581 -33.42 80.23 -6.47
C SER D 581 -33.72 80.35 -7.96
N SER D 582 -34.17 81.52 -8.37
CA SER D 582 -34.41 81.79 -9.78
C SER D 582 -33.08 81.91 -10.53
N ASP D 583 -33.13 81.66 -11.84
CA ASP D 583 -31.98 81.84 -12.72
C ASP D 583 -30.75 81.10 -12.18
N THR D 584 -30.98 79.91 -11.63
CA THR D 584 -29.95 79.15 -10.96
C THR D 584 -29.95 77.73 -11.49
N LEU D 585 -28.78 77.23 -11.85
CA LEU D 585 -28.64 75.83 -12.28
C LEU D 585 -28.66 74.94 -11.05
N TYR D 586 -29.60 73.99 -11.04
CA TYR D 586 -29.72 73.01 -9.96
C TYR D 586 -29.36 71.62 -10.48
N MET D 587 -28.56 70.90 -9.68
CA MET D 587 -28.28 69.49 -9.93
C MET D 587 -29.12 68.67 -8.97
N VAL D 588 -29.77 67.63 -9.48
CA VAL D 588 -30.65 66.78 -8.69
C VAL D 588 -30.14 65.35 -8.76
N ARG D 589 -30.11 64.69 -7.60
CA ARG D 589 -29.88 63.26 -7.52
C ARG D 589 -31.00 62.63 -6.72
N MET D 590 -31.34 61.38 -7.08
CA MET D 590 -32.43 60.66 -6.43
C MET D 590 -32.01 59.21 -6.21
N ALA D 591 -32.33 58.68 -5.03
CA ALA D 591 -32.04 57.31 -4.67
C ALA D 591 -33.30 56.64 -4.14
N ALA D 592 -33.45 55.36 -4.43
CA ALA D 592 -34.54 54.54 -3.91
C ALA D 592 -33.98 53.52 -2.94
N TYR D 593 -34.70 53.30 -1.84
CA TYR D 593 -34.21 52.50 -0.73
C TYR D 593 -35.15 51.34 -0.44
N THR D 594 -34.58 50.19 -0.16
CA THR D 594 -35.28 49.01 0.34
C THR D 594 -34.96 48.83 1.83
N ASP D 595 -35.44 47.73 2.40
CA ASP D 595 -35.05 47.38 3.76
C ASP D 595 -33.55 47.10 3.88
N GLU D 596 -32.87 46.87 2.75
CA GLU D 596 -31.46 46.53 2.74
C GLU D 596 -30.59 47.65 2.17
N GLY D 597 -31.07 48.89 2.23
CA GLY D 597 -30.35 50.02 1.66
C GLY D 597 -30.90 50.40 0.30
N GLY D 598 -30.25 51.41 -0.29
CA GLY D 598 -30.73 52.00 -1.52
C GLY D 598 -29.61 52.23 -2.51
N LYS D 599 -29.99 52.64 -3.72
CA LYS D 599 -29.08 52.85 -4.82
C LYS D 599 -29.32 54.23 -5.41
N ASP D 600 -28.25 55.02 -5.53
CA ASP D 600 -28.34 56.32 -6.16
C ASP D 600 -28.65 56.17 -7.65
N GLY D 601 -29.57 56.99 -8.15
CA GLY D 601 -29.82 57.08 -9.56
C GLY D 601 -28.84 58.01 -10.25
N PRO D 602 -28.99 58.12 -11.57
CA PRO D 602 -28.19 59.09 -12.32
C PRO D 602 -28.49 60.52 -11.87
N GLU D 603 -27.45 61.35 -11.90
CA GLU D 603 -27.61 62.77 -11.61
C GLU D 603 -28.37 63.45 -12.74
N PHE D 604 -29.25 64.39 -12.38
CA PHE D 604 -30.01 65.17 -13.33
C PHE D 604 -29.82 66.65 -13.03
N THR D 605 -29.93 67.48 -14.07
CA THR D 605 -29.69 68.91 -13.96
C THR D 605 -30.80 69.67 -14.66
N PHE D 606 -31.20 70.79 -14.06
CA PHE D 606 -32.18 71.68 -14.65
C PHE D 606 -31.87 73.11 -14.26
N THR D 607 -32.36 74.05 -15.05
CA THR D 607 -32.16 75.47 -14.79
C THR D 607 -33.47 76.12 -14.34
N PRO E 112 66.77 16.94 36.45
CA PRO E 112 66.97 16.07 35.28
C PRO E 112 66.37 16.65 34.01
N PRO E 113 66.97 16.36 32.85
CA PRO E 113 66.36 16.81 31.60
C PRO E 113 65.00 16.17 31.39
N ALA E 114 64.06 16.97 30.86
CA ALA E 114 62.77 16.45 30.47
C ALA E 114 62.90 15.49 29.28
N ARG E 115 61.89 14.66 29.12
CA ARG E 115 61.82 13.73 27.99
C ARG E 115 61.92 14.50 26.67
N PRO E 116 62.94 14.26 25.85
CA PRO E 116 63.03 14.95 24.56
C PRO E 116 61.87 14.59 23.63
N VAL E 117 61.45 15.58 22.84
CA VAL E 117 60.47 15.36 21.78
C VAL E 117 61.17 14.72 20.59
N VAL E 118 60.60 13.64 20.07
CA VAL E 118 61.13 12.92 18.91
C VAL E 118 59.99 12.68 17.92
N SER E 119 60.30 12.88 16.64
CA SER E 119 59.37 12.59 15.56
C SER E 119 60.13 11.95 14.41
N CYS E 120 59.47 11.04 13.71
CA CYS E 120 60.06 10.38 12.55
C CYS E 120 59.13 10.52 11.35
N GLN E 121 59.74 10.65 10.17
CA GLN E 121 59.01 10.71 8.91
C GLN E 121 59.77 9.91 7.86
N ALA E 122 59.02 9.35 6.92
CA ALA E 122 59.58 8.56 5.83
C ALA E 122 59.11 9.14 4.50
N ALA E 123 60.05 9.67 3.72
CA ALA E 123 59.75 10.12 2.37
C ALA E 123 59.65 8.97 1.37
N ASP E 124 60.26 7.83 1.66
CA ASP E 124 60.36 6.73 0.71
C ASP E 124 60.16 5.41 1.45
N TYR E 125 59.93 4.37 0.67
CA TYR E 125 59.58 3.05 1.19
C TYR E 125 60.77 2.26 1.72
N GLU E 126 61.94 2.88 1.90
CA GLU E 126 63.12 2.15 2.34
C GLU E 126 64.02 2.92 3.28
N ASN E 127 63.82 4.22 3.47
CA ASN E 127 64.53 4.98 4.49
C ASN E 127 63.50 5.77 5.29
N PHE E 128 63.78 5.94 6.58
CA PHE E 128 63.07 6.92 7.38
C PHE E 128 64.06 7.69 8.23
N SER E 129 63.70 8.94 8.53
CA SER E 129 64.51 9.83 9.33
C SER E 129 63.76 10.25 10.58
N CYS E 130 64.50 10.48 11.65
CA CYS E 130 63.95 10.94 12.91
C CYS E 130 64.69 12.18 13.37
N THR E 131 63.93 13.16 13.85
CA THR E 131 64.48 14.41 14.36
C THR E 131 63.99 14.61 15.80
N TRP E 132 64.79 15.31 16.59
CA TRP E 132 64.47 15.49 18.00
C TRP E 132 64.90 16.87 18.45
N SER E 133 64.29 17.32 19.54
CA SER E 133 64.63 18.57 20.18
C SER E 133 64.24 18.48 21.65
N PRO E 134 64.87 19.26 22.52
CA PRO E 134 64.50 19.23 23.94
C PRO E 134 63.11 19.84 24.16
N SER E 135 62.36 19.25 25.09
CA SER E 135 61.21 19.94 25.66
C SER E 135 61.63 21.29 26.22
N GLN E 136 62.64 21.31 27.08
CA GLN E 136 63.21 22.54 27.61
C GLN E 136 64.72 22.40 27.66
N ILE E 137 65.42 23.47 27.28
CA ILE E 137 66.87 23.46 27.32
C ILE E 137 67.34 23.28 28.75
N SER E 138 68.24 22.32 28.97
CA SER E 138 68.83 22.14 30.29
C SER E 138 69.70 23.33 30.69
N GLY E 139 70.34 23.98 29.73
CA GLY E 139 71.35 24.98 30.03
C GLY E 139 72.73 24.43 30.33
N LEU E 140 73.00 23.18 29.99
CA LEU E 140 74.29 22.56 30.24
C LEU E 140 74.72 21.79 29.00
N PRO E 141 76.03 21.58 28.81
CA PRO E 141 76.48 20.71 27.72
C PRO E 141 75.76 19.36 27.72
N THR E 142 74.98 19.09 26.67
CA THR E 142 74.09 17.94 26.63
C THR E 142 74.39 17.13 25.37
N ARG E 143 74.65 15.84 25.55
CA ARG E 143 74.80 14.91 24.46
C ARG E 143 73.48 14.18 24.21
N TYR E 144 73.25 13.83 22.95
CA TYR E 144 72.17 12.93 22.57
C TYR E 144 72.76 11.58 22.19
N LEU E 145 72.32 10.54 22.88
CA LEU E 145 72.58 9.15 22.48
C LEU E 145 71.31 8.59 21.86
N THR E 146 71.42 8.13 20.61
CA THR E 146 70.25 7.72 19.83
C THR E 146 70.47 6.34 19.26
N SER E 147 69.48 5.47 19.43
CA SER E 147 69.58 4.08 19.04
C SER E 147 68.20 3.58 18.65
N TYR E 148 68.19 2.48 17.89
CA TYR E 148 66.95 1.81 17.53
C TYR E 148 67.17 0.31 17.53
N ARG E 149 66.10 -0.44 17.76
CA ARG E 149 66.14 -1.89 17.70
C ARG E 149 64.87 -2.41 17.05
N LYS E 150 64.99 -3.56 16.39
CA LYS E 150 63.82 -4.27 15.88
C LYS E 150 63.00 -4.82 17.03
N LYS E 151 61.70 -4.94 16.79
CA LYS E 151 60.76 -5.50 17.75
C LYS E 151 60.30 -6.87 17.26
N THR E 152 60.29 -7.84 18.17
CA THR E 152 59.80 -9.18 17.86
C THR E 152 58.86 -9.63 18.97
N VAL E 153 58.78 -10.93 19.23
CA VAL E 153 57.89 -11.47 20.25
C VAL E 153 58.76 -11.87 21.45
N LEU E 154 58.48 -11.26 22.60
CA LEU E 154 59.27 -11.48 23.80
C LEU E 154 60.76 -11.34 23.52
N SER E 164 70.09 -9.85 12.63
CA SER E 164 70.16 -9.47 14.03
C SER E 164 68.96 -8.63 14.43
N THR E 165 68.80 -8.42 15.74
CA THR E 165 67.71 -7.61 16.27
C THR E 165 68.16 -6.56 17.29
N GLY E 166 69.35 -6.68 17.86
CA GLY E 166 69.75 -5.85 18.96
C GLY E 166 69.86 -4.38 18.58
N PRO E 167 70.09 -3.52 19.57
CA PRO E 167 70.13 -2.08 19.31
C PRO E 167 71.30 -1.71 18.41
N TRP E 168 70.98 -0.99 17.34
CA TRP E 168 72.01 -0.40 16.49
C TRP E 168 72.08 1.10 16.72
N PRO E 169 73.26 1.67 16.90
CA PRO E 169 73.38 3.13 16.86
C PRO E 169 73.00 3.68 15.49
N CYS E 170 72.02 4.57 15.48
CA CYS E 170 71.63 5.19 14.23
C CYS E 170 72.70 6.16 13.76
N PRO E 171 72.96 6.25 12.45
CA PRO E 171 73.98 7.19 11.97
C PRO E 171 73.51 8.64 12.01
N GLN E 172 73.99 9.40 13.00
CA GLN E 172 73.69 10.82 13.06
C GLN E 172 74.36 11.54 11.89
N ASP E 173 73.71 12.60 11.43
CA ASP E 173 74.26 13.40 10.35
C ASP E 173 75.66 13.88 10.73
N PRO E 174 76.67 13.66 9.87
CA PRO E 174 78.01 14.17 10.20
C PRO E 174 78.05 15.67 10.44
N LEU E 175 77.04 16.41 10.00
CA LEU E 175 76.93 17.83 10.32
C LEU E 175 76.75 18.07 11.80
N GLY E 176 76.46 17.04 12.59
CA GLY E 176 76.11 17.21 13.98
C GLY E 176 74.67 17.63 14.22
N ALA E 177 73.83 17.60 13.20
CA ALA E 177 72.43 17.94 13.37
C ALA E 177 71.72 16.89 14.20
N ALA E 178 70.59 17.29 14.79
CA ALA E 178 69.74 16.39 15.56
C ALA E 178 68.86 15.56 14.62
N ARG E 179 69.53 14.70 13.86
CA ARG E 179 68.82 13.83 12.93
C ARG E 179 69.57 12.53 12.74
N CYS E 180 68.81 11.43 12.63
CA CYS E 180 69.32 10.14 12.20
C CYS E 180 68.54 9.67 10.99
N VAL E 181 69.24 8.98 10.08
CA VAL E 181 68.62 8.29 8.95
C VAL E 181 68.82 6.80 9.13
N VAL E 182 67.72 6.07 9.26
CA VAL E 182 67.72 4.60 9.25
C VAL E 182 67.71 4.14 7.80
N HIS E 183 68.87 3.81 7.26
CA HIS E 183 68.98 3.31 5.90
C HIS E 183 68.56 1.85 5.82
N GLY E 184 67.83 1.50 4.77
CA GLY E 184 67.42 0.13 4.55
C GLY E 184 66.51 -0.42 5.61
N ALA E 185 65.57 0.39 6.08
CA ALA E 185 64.65 -0.04 7.11
C ALA E 185 63.74 -1.16 6.62
N GLU E 186 63.44 -2.10 7.51
CA GLU E 186 62.47 -3.15 7.24
C GLU E 186 61.07 -2.53 7.11
N PHE E 187 60.39 -2.83 6.01
CA PHE E 187 59.17 -2.11 5.67
C PHE E 187 57.97 -2.60 6.47
N TRP E 188 57.77 -3.92 6.55
CA TRP E 188 56.66 -4.51 7.28
C TRP E 188 56.98 -4.81 8.74
N SER E 189 57.87 -4.04 9.36
CA SER E 189 58.39 -4.37 10.68
C SER E 189 58.39 -3.13 11.56
N GLN E 190 58.13 -3.34 12.85
CA GLN E 190 58.14 -2.29 13.85
C GLN E 190 59.53 -2.08 14.42
N TYR E 191 59.91 -0.82 14.54
CA TYR E 191 61.14 -0.41 15.20
C TYR E 191 60.82 0.45 16.41
N ARG E 192 61.65 0.33 17.45
CA ARG E 192 61.56 1.17 18.63
C ARG E 192 62.78 2.08 18.68
N ILE E 193 62.55 3.37 18.62
CA ILE E 193 63.60 4.38 18.68
C ILE E 193 63.90 4.69 20.14
N ASN E 194 65.16 4.99 20.43
CA ASN E 194 65.64 5.28 21.78
C ASN E 194 66.51 6.54 21.69
N VAL E 195 65.90 7.70 21.89
CA VAL E 195 66.63 8.95 22.03
C VAL E 195 66.88 9.19 23.51
N THR E 196 68.14 9.33 23.88
CA THR E 196 68.53 9.58 25.27
C THR E 196 69.40 10.82 25.34
N GLU E 197 68.89 11.88 25.98
CA GLU E 197 69.75 12.95 26.43
C GLU E 197 70.56 12.48 27.63
N VAL E 198 71.87 12.74 27.61
CA VAL E 198 72.74 12.44 28.73
C VAL E 198 73.54 13.69 29.09
N ASN E 199 73.51 14.06 30.35
CA ASN E 199 74.25 15.21 30.86
C ASN E 199 74.41 15.04 32.36
N PRO E 200 75.17 15.92 33.01
CA PRO E 200 75.45 15.72 34.45
C PRO E 200 74.20 15.60 35.32
N LEU E 201 73.02 15.98 34.83
CA LEU E 201 71.79 15.84 35.60
C LEU E 201 71.17 14.45 35.50
N GLY E 202 71.80 13.53 34.77
CA GLY E 202 71.23 12.22 34.53
C GLY E 202 70.51 12.12 33.19
N ALA E 203 70.39 10.88 32.73
CA ALA E 203 69.82 10.58 31.42
C ALA E 203 68.30 10.73 31.43
N SER E 204 67.75 11.04 30.26
CA SER E 204 66.31 11.08 30.03
C SER E 204 66.01 10.50 28.66
N THR E 205 65.14 9.50 28.61
CA THR E 205 64.97 8.66 27.43
C THR E 205 63.58 8.87 26.85
N ARG E 206 63.51 9.12 25.54
CA ARG E 206 62.28 9.06 24.77
C ARG E 206 62.29 7.78 23.93
N LEU E 207 61.25 6.96 24.11
CA LEU E 207 61.05 5.75 23.32
C LEU E 207 59.88 5.97 22.37
N LEU E 208 60.10 5.66 21.10
CA LEU E 208 59.10 5.89 20.06
C LEU E 208 59.04 4.67 19.14
N ASP E 209 57.82 4.19 18.90
CA ASP E 209 57.59 3.05 18.02
C ASP E 209 57.22 3.56 16.63
N VAL E 210 57.91 3.04 15.62
CA VAL E 210 57.78 3.53 14.25
C VAL E 210 57.69 2.34 13.31
N SER E 211 56.77 2.43 12.34
CA SER E 211 56.74 1.53 11.19
C SER E 211 56.52 2.36 9.94
N LEU E 212 57.35 2.11 8.92
CA LEU E 212 57.26 2.88 7.68
C LEU E 212 55.86 2.80 7.07
N GLN E 213 55.32 1.58 6.99
CA GLN E 213 53.99 1.37 6.42
C GLN E 213 52.94 2.35 6.95
N SER E 214 53.15 2.92 8.14
CA SER E 214 52.20 3.87 8.72
C SER E 214 52.69 5.31 8.68
N ILE E 215 53.98 5.55 8.93
CA ILE E 215 54.50 6.91 8.91
C ILE E 215 54.78 7.41 7.51
N LEU E 216 54.85 6.52 6.52
CA LEU E 216 55.16 6.92 5.15
C LEU E 216 54.22 8.01 4.66
N ARG E 217 54.80 9.02 4.01
CA ARG E 217 54.03 10.10 3.40
C ARG E 217 54.78 10.55 2.15
N PRO E 218 54.32 10.17 0.96
CA PRO E 218 55.02 10.56 -0.27
C PRO E 218 55.15 12.08 -0.38
N ASP E 219 56.23 12.50 -1.04
CA ASP E 219 56.35 13.89 -1.46
C ASP E 219 55.27 14.23 -2.48
N PRO E 220 54.91 15.50 -2.60
CA PRO E 220 53.96 15.92 -3.64
C PRO E 220 54.47 15.55 -5.02
N PRO E 221 53.57 15.15 -5.93
CA PRO E 221 53.96 15.01 -7.33
C PRO E 221 54.49 16.31 -7.91
N GLN E 222 55.44 16.16 -8.83
CA GLN E 222 56.18 17.27 -9.41
C GLN E 222 55.80 17.48 -10.87
N GLY E 223 55.86 18.74 -11.29
CA GLY E 223 55.65 19.10 -12.68
C GLY E 223 54.22 19.00 -13.18
N LEU E 224 53.24 19.37 -12.36
CA LEU E 224 51.86 19.40 -12.81
C LEU E 224 51.70 20.34 -13.99
N ARG E 225 51.19 19.82 -15.10
CA ARG E 225 50.87 20.61 -16.28
C ARG E 225 49.40 20.42 -16.63
N VAL E 226 48.76 21.50 -17.07
CA VAL E 226 47.38 21.47 -17.55
C VAL E 226 47.37 22.05 -18.95
N GLU E 227 46.88 21.28 -19.92
CA GLU E 227 46.83 21.68 -21.31
C GLU E 227 45.39 21.66 -21.83
N SER E 228 45.04 22.67 -22.61
CA SER E 228 43.80 22.66 -23.35
C SER E 228 43.73 21.46 -24.29
N VAL E 229 42.54 20.90 -24.44
CA VAL E 229 42.29 19.77 -25.33
C VAL E 229 41.75 20.33 -26.64
N PRO E 230 42.49 20.23 -27.76
CA PRO E 230 41.98 20.74 -29.03
C PRO E 230 40.64 20.12 -29.39
N GLY E 231 39.70 20.97 -29.81
CA GLY E 231 38.39 20.53 -30.23
C GLY E 231 37.47 20.06 -29.12
N TYR E 232 37.86 20.26 -27.86
CA TYR E 232 37.02 19.94 -26.71
C TYR E 232 37.07 21.13 -25.75
N PRO E 233 36.32 22.19 -26.04
CA PRO E 233 36.37 23.38 -25.18
C PRO E 233 36.02 23.11 -23.73
N ARG E 234 35.33 22.01 -23.44
CA ARG E 234 34.91 21.67 -22.09
C ARG E 234 35.84 20.68 -21.40
N ARG E 235 37.03 20.43 -21.97
CA ARG E 235 37.94 19.43 -21.45
C ARG E 235 39.34 20.00 -21.26
N LEU E 236 40.02 19.52 -20.22
CA LEU E 236 41.40 19.85 -19.94
C LEU E 236 42.21 18.56 -19.75
N ARG E 237 43.46 18.59 -20.19
CA ARG E 237 44.39 17.49 -19.98
C ARG E 237 45.39 17.86 -18.89
N ALA E 238 45.36 17.13 -17.79
CA ALA E 238 46.29 17.30 -16.68
C ALA E 238 47.30 16.17 -16.67
N SER E 239 48.58 16.51 -16.51
CA SER E 239 49.64 15.51 -16.45
C SER E 239 50.70 15.94 -15.45
N TRP E 240 51.38 14.94 -14.88
CA TRP E 240 52.38 15.17 -13.84
C TRP E 240 53.41 14.05 -13.90
N THR E 241 54.30 14.02 -12.89
CA THR E 241 55.33 13.00 -12.80
C THR E 241 55.47 12.54 -11.36
N TYR E 242 55.88 11.27 -11.21
CA TYR E 242 56.27 10.76 -9.91
C TYR E 242 57.25 11.72 -9.22
N PRO E 243 57.11 11.96 -7.92
CA PRO E 243 58.17 12.67 -7.19
C PRO E 243 59.51 11.96 -7.34
N ALA E 244 60.55 12.77 -7.59
CA ALA E 244 61.88 12.21 -7.80
C ALA E 244 62.33 11.35 -6.63
N SER E 245 61.90 11.67 -5.41
CA SER E 245 62.29 10.90 -4.25
C SER E 245 61.76 9.47 -4.29
N TRP E 246 60.73 9.21 -5.11
CA TRP E 246 60.07 7.91 -5.15
C TRP E 246 60.49 7.17 -6.40
N PRO E 247 61.33 6.13 -6.31
CA PRO E 247 61.84 5.48 -7.53
C PRO E 247 60.80 4.72 -8.34
N CYS E 248 59.56 4.66 -7.88
CA CYS E 248 58.42 4.18 -8.67
C CYS E 248 58.69 2.82 -9.30
N GLN E 249 59.34 1.94 -8.54
CA GLN E 249 59.43 0.53 -8.91
C GLN E 249 58.02 -0.02 -9.12
N PRO E 250 57.84 -0.99 -10.03
CA PRO E 250 56.49 -1.45 -10.35
C PRO E 250 55.73 -2.05 -9.19
N HIS E 251 56.42 -2.57 -8.17
CA HIS E 251 55.77 -3.07 -6.97
C HIS E 251 55.50 -1.98 -5.93
N PHE E 252 56.00 -0.75 -6.13
CA PHE E 252 55.78 0.37 -5.22
C PHE E 252 55.22 1.57 -5.99
N LEU E 253 54.21 1.33 -6.82
CA LEU E 253 53.50 2.40 -7.49
C LEU E 253 52.78 3.30 -6.49
N LEU E 254 52.60 4.57 -6.88
CA LEU E 254 51.71 5.47 -6.17
C LEU E 254 50.31 5.48 -6.81
N LYS E 255 49.32 5.84 -5.99
CA LYS E 255 48.02 6.27 -6.45
C LYS E 255 47.88 7.77 -6.22
N PHE E 256 47.40 8.49 -7.23
CA PHE E 256 47.29 9.94 -7.18
C PHE E 256 45.83 10.37 -7.08
N ARG E 257 45.61 11.45 -6.33
CA ARG E 257 44.30 12.09 -6.20
C ARG E 257 44.42 13.54 -6.67
N LEU E 258 43.49 13.97 -7.51
CA LEU E 258 43.56 15.26 -8.18
C LEU E 258 42.32 16.09 -7.89
N GLN E 259 42.52 17.39 -7.66
CA GLN E 259 41.46 18.34 -7.42
C GLN E 259 41.53 19.50 -8.42
N TYR E 260 40.37 19.89 -8.93
CA TYR E 260 40.26 20.97 -9.90
C TYR E 260 39.04 21.83 -9.59
N ARG E 261 39.18 23.13 -9.82
CA ARG E 261 38.10 24.09 -9.64
C ARG E 261 38.40 25.32 -10.49
N PRO E 262 37.37 26.06 -10.91
CA PRO E 262 37.61 27.37 -11.51
C PRO E 262 38.44 28.27 -10.61
N ALA E 263 39.08 29.28 -11.20
CA ALA E 263 39.97 30.17 -10.45
C ALA E 263 39.28 30.71 -9.20
N GLN E 264 38.16 31.41 -9.38
CA GLN E 264 37.52 32.07 -8.26
C GLN E 264 36.64 31.12 -7.45
N HIS E 265 35.96 30.19 -8.11
CA HIS E 265 35.06 29.29 -7.41
C HIS E 265 35.85 28.36 -6.48
N PRO E 266 35.63 28.41 -5.16
CA PRO E 266 36.55 27.72 -4.25
C PRO E 266 36.30 26.22 -4.11
N ALA E 267 35.12 25.73 -4.46
CA ALA E 267 34.81 24.32 -4.25
C ALA E 267 35.66 23.45 -5.16
N TRP E 268 36.37 22.50 -4.56
CA TRP E 268 37.20 21.56 -5.31
C TRP E 268 36.38 20.34 -5.72
N SER E 269 36.21 20.17 -7.04
CA SER E 269 35.91 18.85 -7.57
C SER E 269 37.10 17.91 -7.36
N THR E 270 36.81 16.68 -6.96
CA THR E 270 37.84 15.69 -6.62
C THR E 270 37.69 14.45 -7.49
N VAL E 271 38.80 14.03 -8.11
CA VAL E 271 38.87 12.80 -8.88
C VAL E 271 40.14 12.06 -8.47
N GLU E 272 40.15 10.75 -8.71
CA GLU E 272 41.25 9.86 -8.37
C GLU E 272 41.75 9.20 -9.63
N PRO E 273 42.51 9.93 -10.46
CA PRO E 273 42.93 9.38 -11.75
C PRO E 273 43.80 8.15 -11.62
N ALA E 274 43.77 7.32 -12.66
CA ALA E 274 44.70 6.22 -12.82
C ALA E 274 45.84 6.66 -13.73
N GLY E 275 47.07 6.47 -13.26
CA GLY E 275 48.23 6.91 -14.00
C GLY E 275 48.41 8.41 -14.00
N LEU E 276 49.50 8.84 -14.64
CA LEU E 276 50.00 10.22 -14.66
C LEU E 276 49.16 11.16 -15.51
N GLU E 277 47.97 10.81 -16.01
CA GLU E 277 47.24 11.68 -16.91
C GLU E 277 45.76 11.55 -16.64
N GLU E 278 45.05 12.68 -16.69
CA GLU E 278 43.61 12.70 -16.54
C GLU E 278 43.02 13.74 -17.50
N VAL E 279 41.89 13.41 -18.10
CA VAL E 279 41.11 14.34 -18.90
C VAL E 279 39.92 14.78 -18.06
N ILE E 280 39.91 16.05 -17.66
CA ILE E 280 38.77 16.64 -16.96
C ILE E 280 37.69 16.94 -17.99
N THR E 281 36.59 16.19 -17.92
CA THR E 281 35.54 16.24 -18.95
C THR E 281 34.50 17.33 -18.71
N ASP E 282 34.60 18.11 -17.64
CA ASP E 282 33.57 19.08 -17.30
C ASP E 282 34.12 20.47 -17.01
N ALA E 283 35.34 20.77 -17.46
CA ALA E 283 35.91 22.09 -17.26
C ALA E 283 35.02 23.17 -17.88
N VAL E 284 34.70 24.19 -17.10
CA VAL E 284 33.86 25.28 -17.58
C VAL E 284 34.59 26.03 -18.69
N ALA E 285 33.99 26.02 -19.88
CA ALA E 285 34.56 26.65 -21.07
C ALA E 285 35.12 28.03 -20.78
N GLY E 286 36.41 28.21 -21.05
CA GLY E 286 37.07 29.50 -20.94
C GLY E 286 37.36 30.01 -19.55
N LEU E 287 37.02 29.27 -18.50
CA LEU E 287 37.43 29.68 -17.16
C LEU E 287 38.74 29.02 -16.79
N PRO E 288 39.76 29.77 -16.38
CA PRO E 288 40.98 29.14 -15.84
C PRO E 288 40.66 28.30 -14.61
N HIS E 289 41.09 27.05 -14.64
CA HIS E 289 40.95 26.14 -13.51
C HIS E 289 42.30 25.91 -12.85
N ALA E 290 42.34 26.02 -11.53
CA ALA E 290 43.48 25.57 -10.75
C ALA E 290 43.38 24.07 -10.52
N VAL E 291 44.52 23.38 -10.65
CA VAL E 291 44.60 21.94 -10.43
C VAL E 291 45.69 21.64 -9.43
N ARG E 292 45.45 20.67 -8.57
CA ARG E 292 46.43 20.21 -7.59
C ARG E 292 46.28 18.70 -7.40
N VAL E 293 47.38 18.05 -6.99
CA VAL E 293 47.42 16.60 -6.86
C VAL E 293 48.05 16.20 -5.54
N SER E 294 47.69 15.00 -5.09
CA SER E 294 48.29 14.36 -3.91
C SER E 294 48.52 12.90 -4.24
N ALA E 295 49.53 12.31 -3.61
CA ALA E 295 49.92 10.93 -3.88
C ALA E 295 49.83 10.08 -2.62
N ARG E 296 49.60 8.78 -2.84
CA ARG E 296 49.65 7.78 -1.79
C ARG E 296 50.15 6.47 -2.39
N ASP E 297 50.74 5.63 -1.54
CA ASP E 297 51.00 4.25 -1.94
C ASP E 297 49.74 3.60 -2.47
N PHE E 298 49.86 2.95 -3.63
CA PHE E 298 48.72 2.33 -4.29
C PHE E 298 47.95 1.34 -3.40
N LEU E 299 48.58 0.77 -2.37
CA LEU E 299 47.85 -0.07 -1.42
C LEU E 299 47.27 0.72 -0.26
N ASP E 300 47.29 2.05 -0.32
CA ASP E 300 46.86 2.91 0.77
C ASP E 300 47.67 2.68 2.03
N ALA E 301 48.96 2.36 1.87
CA ALA E 301 49.92 2.51 2.95
C ALA E 301 50.14 3.99 3.27
N GLY E 302 50.55 4.25 4.50
CA GLY E 302 50.89 5.60 4.89
C GLY E 302 49.71 6.56 4.73
N THR E 303 50.03 7.80 4.35
CA THR E 303 49.02 8.84 4.25
C THR E 303 49.24 9.64 2.97
N TRP E 304 48.17 10.29 2.51
CA TRP E 304 48.25 11.14 1.34
C TRP E 304 49.30 12.24 1.52
N SER E 305 50.08 12.48 0.47
CA SER E 305 50.97 13.62 0.43
C SER E 305 50.19 14.92 0.59
N THR E 306 50.89 15.96 1.03
CA THR E 306 50.41 17.32 0.84
C THR E 306 50.12 17.58 -0.64
N TRP E 307 49.11 18.39 -0.90
CA TRP E 307 48.81 18.78 -2.27
C TRP E 307 49.96 19.53 -2.89
N SER E 308 50.24 19.22 -4.16
CA SER E 308 51.14 20.01 -4.97
C SER E 308 50.68 21.47 -5.02
N PRO E 309 51.58 22.39 -5.39
CA PRO E 309 51.13 23.74 -5.79
C PRO E 309 50.07 23.70 -6.88
N GLU E 310 49.26 24.75 -6.96
CA GLU E 310 48.21 24.83 -7.96
C GLU E 310 48.78 25.18 -9.33
N ALA E 311 48.23 24.56 -10.37
CA ALA E 311 48.58 24.84 -11.75
C ALA E 311 47.38 25.40 -12.49
N TRP E 312 47.66 26.32 -13.41
CA TRP E 312 46.63 27.06 -14.13
C TRP E 312 46.56 26.59 -15.58
N GLY E 313 45.35 26.30 -16.06
CA GLY E 313 45.15 25.96 -17.45
C GLY E 313 43.79 26.38 -17.96
N THR E 314 43.75 26.85 -19.22
CA THR E 314 42.54 27.41 -19.81
C THR E 314 41.98 26.46 -20.86
N PRO E 315 40.71 26.07 -20.78
CA PRO E 315 40.12 25.22 -21.83
C PRO E 315 40.26 25.85 -23.21
N SER E 316 40.38 24.99 -24.22
CA SER E 316 40.47 25.45 -25.60
C SER E 316 39.22 26.24 -25.99
N THR E 317 39.38 27.06 -27.02
CA THR E 317 38.23 27.69 -27.68
C THR E 317 37.20 26.66 -28.09
N PRO F 112 -33.75 -68.15 -16.93
CA PRO F 112 -33.50 -67.99 -15.49
C PRO F 112 -34.11 -66.69 -14.94
N PRO F 113 -34.52 -66.71 -13.67
CA PRO F 113 -35.00 -65.46 -13.06
C PRO F 113 -33.90 -64.41 -13.00
N ALA F 114 -34.28 -63.17 -13.25
CA ALA F 114 -33.36 -62.06 -13.08
C ALA F 114 -33.02 -61.85 -11.61
N ARG F 115 -31.90 -61.17 -11.37
CA ARG F 115 -31.48 -60.83 -10.02
C ARG F 115 -32.58 -60.06 -9.31
N PRO F 116 -33.13 -60.56 -8.20
CA PRO F 116 -34.15 -59.80 -7.47
C PRO F 116 -33.60 -58.50 -6.90
N VAL F 117 -34.46 -57.49 -6.88
CA VAL F 117 -34.16 -56.23 -6.21
C VAL F 117 -34.35 -56.39 -4.71
N VAL F 118 -33.35 -55.98 -3.94
CA VAL F 118 -33.39 -56.05 -2.48
C VAL F 118 -32.98 -54.70 -1.90
N SER F 119 -33.69 -54.26 -0.87
CA SER F 119 -33.34 -53.05 -0.14
C SER F 119 -33.57 -53.29 1.35
N CYS F 120 -32.73 -52.67 2.17
CA CYS F 120 -32.83 -52.77 3.62
C CYS F 120 -32.90 -51.38 4.22
N GLN F 121 -33.67 -51.27 5.31
CA GLN F 121 -33.77 -50.04 6.07
C GLN F 121 -33.82 -50.36 7.56
N ALA F 122 -33.30 -49.45 8.37
CA ALA F 122 -33.26 -49.61 9.82
C ALA F 122 -33.93 -48.40 10.47
N ALA F 123 -35.06 -48.64 11.12
CA ALA F 123 -35.73 -47.60 11.90
C ALA F 123 -35.07 -47.35 13.24
N ASP F 124 -34.32 -48.33 13.77
CA ASP F 124 -33.77 -48.27 15.11
C ASP F 124 -32.36 -48.83 15.11
N TYR F 125 -31.64 -48.56 16.19
CA TYR F 125 -30.23 -48.90 16.31
C TYR F 125 -29.98 -50.37 16.64
N GLU F 126 -30.99 -51.23 16.54
CA GLU F 126 -30.80 -52.63 16.92
C GLU F 126 -31.56 -53.62 16.06
N ASN F 127 -32.48 -53.18 15.21
CA ASN F 127 -33.11 -54.04 14.22
C ASN F 127 -33.01 -53.37 12.86
N PHE F 128 -32.87 -54.18 11.81
CA PHE F 128 -33.08 -53.70 10.45
C PHE F 128 -33.91 -54.72 9.69
N SER F 129 -34.67 -54.21 8.72
CA SER F 129 -35.53 -55.02 7.88
C SER F 129 -35.11 -54.89 6.43
N CYS F 130 -35.32 -55.97 5.67
CA CYS F 130 -35.02 -55.99 4.25
C CYS F 130 -36.25 -56.47 3.49
N THR F 131 -36.54 -55.81 2.38
CA THR F 131 -37.65 -56.15 1.51
C THR F 131 -37.12 -56.40 0.11
N TRP F 132 -37.83 -57.24 -0.64
CA TRP F 132 -37.38 -57.62 -1.97
C TRP F 132 -38.56 -57.81 -2.89
N SER F 133 -38.29 -57.71 -4.19
CA SER F 133 -39.29 -57.94 -5.23
C SER F 133 -38.54 -58.36 -6.48
N PRO F 134 -39.21 -59.10 -7.38
CA PRO F 134 -38.56 -59.48 -8.64
C PRO F 134 -38.33 -58.28 -9.55
N SER F 135 -37.18 -58.29 -10.24
CA SER F 135 -37.02 -57.43 -11.40
C SER F 135 -38.15 -57.66 -12.40
N GLN F 136 -38.37 -58.91 -12.79
CA GLN F 136 -39.48 -59.27 -13.65
C GLN F 136 -40.06 -60.59 -13.16
N ILE F 137 -41.40 -60.67 -13.16
CA ILE F 137 -42.07 -61.89 -12.73
C ILE F 137 -41.69 -63.04 -13.67
N SER F 138 -41.25 -64.16 -13.08
CA SER F 138 -40.96 -65.34 -13.88
C SER F 138 -42.23 -65.91 -14.52
N GLY F 139 -43.36 -65.79 -13.86
CA GLY F 139 -44.57 -66.48 -14.29
C GLY F 139 -44.68 -67.92 -13.85
N LEU F 140 -43.89 -68.33 -12.86
CA LEU F 140 -43.91 -69.70 -12.35
C LEU F 140 -43.88 -69.65 -10.84
N PRO F 141 -44.39 -70.70 -10.17
CA PRO F 141 -44.23 -70.78 -8.71
C PRO F 141 -42.79 -70.58 -8.27
N THR F 142 -42.54 -69.50 -7.53
CA THR F 142 -41.19 -69.08 -7.19
C THR F 142 -41.07 -68.94 -5.69
N ARG F 143 -40.07 -69.62 -5.11
CA ARG F 143 -39.73 -69.46 -3.71
C ARG F 143 -38.59 -68.47 -3.56
N TYR F 144 -38.59 -67.75 -2.43
CA TYR F 144 -37.46 -66.93 -2.02
C TYR F 144 -36.76 -67.61 -0.85
N LEU F 145 -35.46 -67.89 -1.03
CA LEU F 145 -34.59 -68.30 0.06
C LEU F 145 -33.73 -67.11 0.45
N THR F 146 -33.80 -66.72 1.72
CA THR F 146 -33.17 -65.50 2.19
C THR F 146 -32.31 -65.79 3.41
N SER F 147 -31.07 -65.30 3.39
CA SER F 147 -30.10 -65.60 4.43
C SER F 147 -29.16 -64.41 4.57
N TYR F 148 -28.51 -64.34 5.73
CA TYR F 148 -27.47 -63.33 5.97
C TYR F 148 -26.36 -63.95 6.78
N ARG F 149 -25.16 -63.40 6.63
CA ARG F 149 -24.01 -63.80 7.42
C ARG F 149 -23.18 -62.59 7.80
N LYS F 150 -22.52 -62.69 8.94
CA LYS F 150 -21.55 -61.69 9.35
C LYS F 150 -20.33 -61.73 8.43
N LYS F 151 -19.70 -60.57 8.27
CA LYS F 151 -18.48 -60.43 7.49
C LYS F 151 -17.29 -60.20 8.42
N THR F 152 -16.20 -60.92 8.17
CA THR F 152 -14.97 -60.75 8.93
C THR F 152 -13.80 -60.64 7.95
N VAL F 153 -12.61 -61.07 8.37
CA VAL F 153 -11.41 -61.00 7.54
C VAL F 153 -11.12 -62.40 7.03
N LEU F 154 -11.12 -62.56 5.71
CA LEU F 154 -10.93 -63.88 5.09
C LEU F 154 -11.84 -64.92 5.72
N SER F 164 -20.97 -66.83 16.70
CA SER F 164 -20.87 -67.48 15.40
C SER F 164 -20.87 -66.45 14.28
N THR F 165 -20.55 -66.89 13.07
CA THR F 165 -20.52 -66.04 11.89
C THR F 165 -21.26 -66.60 10.69
N GLY F 166 -21.56 -67.90 10.67
CA GLY F 166 -22.08 -68.52 9.47
C GLY F 166 -23.45 -68.01 9.10
N PRO F 167 -23.94 -68.44 7.93
CA PRO F 167 -25.23 -67.94 7.44
C PRO F 167 -26.37 -68.35 8.35
N TRP F 168 -27.16 -67.36 8.76
CA TRP F 168 -28.40 -67.62 9.49
C TRP F 168 -29.58 -67.37 8.57
N PRO F 169 -30.56 -68.27 8.50
CA PRO F 169 -31.84 -67.93 7.85
C PRO F 169 -32.53 -66.79 8.57
N CYS F 170 -32.81 -65.72 7.83
CA CYS F 170 -33.52 -64.60 8.42
C CYS F 170 -34.98 -64.98 8.65
N PRO F 171 -35.60 -64.52 9.74
CA PRO F 171 -37.01 -64.87 9.98
C PRO F 171 -37.95 -64.09 9.08
N GLN F 172 -38.49 -64.75 8.06
CA GLN F 172 -39.49 -64.12 7.22
C GLN F 172 -40.78 -63.90 8.01
N ASP F 173 -41.48 -62.83 7.66
CA ASP F 173 -42.75 -62.53 8.31
C ASP F 173 -43.69 -63.73 8.21
N PRO F 174 -44.26 -64.21 9.31
CA PRO F 174 -45.21 -65.33 9.21
C PRO F 174 -46.38 -65.05 8.28
N LEU F 175 -46.65 -63.79 7.96
CA LEU F 175 -47.67 -63.46 6.97
C LEU F 175 -47.30 -63.96 5.58
N GLY F 176 -46.06 -64.41 5.37
CA GLY F 176 -45.59 -64.75 4.04
C GLY F 176 -45.18 -63.57 3.20
N ALA F 177 -45.08 -62.37 3.78
CA ALA F 177 -44.64 -61.21 3.03
C ALA F 177 -43.17 -61.33 2.67
N ALA F 178 -42.78 -60.57 1.64
CA ALA F 178 -41.39 -60.51 1.19
C ALA F 178 -40.60 -59.56 2.09
N ARG F 179 -40.45 -59.98 3.35
CA ARG F 179 -39.70 -59.19 4.31
C ARG F 179 -39.04 -60.10 5.34
N CYS F 180 -37.82 -59.73 5.74
CA CYS F 180 -37.15 -60.30 6.89
C CYS F 180 -36.78 -59.19 7.87
N VAL F 181 -36.83 -59.52 9.16
CA VAL F 181 -36.34 -58.66 10.22
C VAL F 181 -35.14 -59.34 10.88
N VAL F 182 -33.98 -58.70 10.80
CA VAL F 182 -32.79 -59.12 11.53
C VAL F 182 -32.86 -58.52 12.93
N HIS F 183 -33.32 -59.31 13.90
CA HIS F 183 -33.40 -58.88 15.27
C HIS F 183 -32.02 -58.91 15.94
N GLY F 184 -31.74 -57.90 16.74
CA GLY F 184 -30.48 -57.84 17.48
C GLY F 184 -29.25 -57.77 16.59
N ALA F 185 -29.32 -56.99 15.52
CA ALA F 185 -28.20 -56.87 14.61
C ALA F 185 -27.01 -56.20 15.29
N GLU F 186 -25.80 -56.65 14.94
CA GLU F 186 -24.58 -56.01 15.38
C GLU F 186 -24.47 -54.63 14.74
N PHE F 187 -24.26 -53.60 15.57
CA PHE F 187 -24.37 -52.23 15.11
C PHE F 187 -23.13 -51.78 14.32
N TRP F 188 -21.95 -52.02 14.87
CA TRP F 188 -20.69 -51.64 14.21
C TRP F 188 -20.14 -52.70 13.28
N SER F 189 -20.99 -53.52 12.67
CA SER F 189 -20.56 -54.69 11.93
C SER F 189 -21.28 -54.76 10.59
N GLN F 190 -20.57 -55.25 9.58
CA GLN F 190 -21.12 -55.43 8.24
C GLN F 190 -21.76 -56.81 8.11
N TYR F 191 -22.95 -56.82 7.50
CA TYR F 191 -23.66 -58.05 7.15
C TYR F 191 -23.81 -58.13 5.64
N ARG F 192 -23.78 -59.35 5.13
CA ARG F 192 -24.05 -59.63 3.72
C ARG F 192 -25.36 -60.40 3.60
N ILE F 193 -26.33 -59.79 2.94
CA ILE F 193 -27.63 -60.41 2.72
C ILE F 193 -27.56 -61.28 1.47
N ASN F 194 -28.31 -62.38 1.49
CA ASN F 194 -28.35 -63.35 0.39
C ASN F 194 -29.82 -63.66 0.11
N VAL F 195 -30.42 -62.93 -0.81
CA VAL F 195 -31.75 -63.24 -1.32
C VAL F 195 -31.58 -64.09 -2.56
N THR F 196 -32.19 -65.28 -2.54
CA THR F 196 -32.13 -66.21 -3.67
C THR F 196 -33.53 -66.61 -4.08
N GLU F 197 -33.95 -66.21 -5.27
CA GLU F 197 -35.10 -66.83 -5.91
C GLU F 197 -34.71 -68.21 -6.39
N VAL F 198 -35.55 -69.20 -6.10
CA VAL F 198 -35.36 -70.57 -6.59
C VAL F 198 -36.65 -71.04 -7.24
N ASN F 199 -36.53 -71.53 -8.47
CA ASN F 199 -37.66 -72.05 -9.22
C ASN F 199 -37.12 -72.98 -10.30
N PRO F 200 -38.00 -73.67 -11.04
CA PRO F 200 -37.51 -74.65 -12.02
C PRO F 200 -36.54 -74.09 -13.05
N LEU F 201 -36.44 -72.77 -13.20
CA LEU F 201 -35.50 -72.17 -14.14
C LEU F 201 -34.10 -72.01 -13.56
N GLY F 202 -33.87 -72.43 -12.32
CA GLY F 202 -32.61 -72.23 -11.65
C GLY F 202 -32.61 -71.01 -10.75
N ALA F 203 -31.69 -71.03 -9.79
CA ALA F 203 -31.59 -69.99 -8.77
C ALA F 203 -30.98 -68.71 -9.31
N SER F 204 -31.35 -67.60 -8.68
CA SER F 204 -30.78 -66.29 -8.97
C SER F 204 -30.61 -65.54 -7.66
N THR F 205 -29.39 -65.08 -7.40
CA THR F 205 -29.00 -64.59 -6.07
C THR F 205 -28.69 -63.10 -6.14
N ARG F 206 -29.28 -62.35 -5.22
CA ARG F 206 -28.90 -60.97 -4.94
C ARG F 206 -28.11 -60.93 -3.63
N LEU F 207 -26.89 -60.40 -3.70
CA LEU F 207 -26.07 -60.18 -2.52
C LEU F 207 -25.99 -58.70 -2.22
N LEU F 208 -26.25 -58.33 -0.96
CA LEU F 208 -26.29 -56.94 -0.54
C LEU F 208 -25.56 -56.78 0.78
N ASP F 209 -24.66 -55.80 0.84
CA ASP F 209 -23.90 -55.51 2.04
C ASP F 209 -24.58 -54.38 2.80
N VAL F 210 -24.81 -54.60 4.10
CA VAL F 210 -25.59 -53.67 4.92
C VAL F 210 -24.87 -53.48 6.24
N SER F 211 -24.82 -52.23 6.70
CA SER F 211 -24.44 -51.90 8.06
C SER F 211 -25.41 -50.87 8.61
N LEU F 212 -25.93 -51.12 9.82
CA LEU F 212 -26.91 -50.21 10.41
C LEU F 212 -26.37 -48.79 10.50
N GLN F 213 -25.15 -48.65 11.01
CA GLN F 213 -24.54 -47.33 11.16
C GLN F 213 -24.67 -46.45 9.93
N SER F 214 -24.85 -47.04 8.75
CA SER F 214 -25.00 -46.28 7.51
C SER F 214 -26.42 -46.26 6.98
N ILE F 215 -27.15 -47.37 7.06
CA ILE F 215 -28.52 -47.41 6.55
C ILE F 215 -29.52 -46.79 7.53
N LEU F 216 -29.13 -46.62 8.79
CA LEU F 216 -30.03 -46.11 9.81
C LEU F 216 -30.64 -44.78 9.37
N ARG F 217 -31.96 -44.65 9.58
CA ARG F 217 -32.68 -43.40 9.30
C ARG F 217 -33.80 -43.28 10.32
N PRO F 218 -33.64 -42.42 11.33
CA PRO F 218 -34.70 -42.29 12.34
C PRO F 218 -36.03 -41.91 11.73
N ASP F 219 -37.11 -42.35 12.38
CA ASP F 219 -38.44 -41.86 12.08
C ASP F 219 -38.53 -40.36 12.41
N PRO F 220 -39.45 -39.65 11.75
CA PRO F 220 -39.67 -38.24 12.09
C PRO F 220 -40.04 -38.07 13.55
N PRO F 221 -39.58 -37.01 14.20
CA PRO F 221 -40.10 -36.68 15.54
C PRO F 221 -41.61 -36.48 15.53
N GLN F 222 -42.23 -36.84 16.65
CA GLN F 222 -43.68 -36.86 16.79
C GLN F 222 -44.13 -35.76 17.75
N GLY F 223 -45.33 -35.24 17.48
CA GLY F 223 -45.97 -34.28 18.36
C GLY F 223 -45.37 -32.89 18.38
N LEU F 224 -44.95 -32.39 17.23
CA LEU F 224 -44.45 -31.02 17.15
C LEU F 224 -45.53 -30.03 17.58
N ARG F 225 -45.23 -29.23 18.59
CA ARG F 225 -46.10 -28.16 19.05
C ARG F 225 -45.36 -26.83 18.97
N VAL F 226 -46.08 -25.78 18.60
CA VAL F 226 -45.55 -24.42 18.58
C VAL F 226 -46.47 -23.55 19.43
N GLU F 227 -45.91 -22.89 20.44
CA GLU F 227 -46.67 -22.06 21.35
C GLU F 227 -46.13 -20.63 21.33
N SER F 228 -47.05 -19.68 21.36
CA SER F 228 -46.68 -18.28 21.58
C SER F 228 -45.97 -18.11 22.92
N VAL F 229 -44.98 -17.21 22.93
CA VAL F 229 -44.23 -16.89 24.15
C VAL F 229 -44.86 -15.65 24.77
N PRO F 230 -45.48 -15.75 25.95
CA PRO F 230 -46.06 -14.55 26.57
C PRO F 230 -45.03 -13.44 26.74
N GLY F 231 -45.43 -12.23 26.38
CA GLY F 231 -44.57 -11.07 26.52
C GLY F 231 -43.40 -10.99 25.58
N TYR F 232 -43.34 -11.88 24.58
CA TYR F 232 -42.32 -11.83 23.54
C TYR F 232 -43.00 -12.00 22.19
N PRO F 233 -43.61 -10.93 21.66
CA PRO F 233 -44.33 -11.07 20.39
C PRO F 233 -43.48 -11.57 19.24
N ARG F 234 -42.16 -11.45 19.34
CA ARG F 234 -41.25 -11.86 18.28
C ARG F 234 -40.66 -13.25 18.52
N ARG F 235 -41.21 -14.02 19.46
CA ARG F 235 -40.65 -15.32 19.82
C ARG F 235 -41.72 -16.39 19.81
N LEU F 236 -41.31 -17.60 19.42
CA LEU F 236 -42.14 -18.79 19.46
C LEU F 236 -41.41 -19.91 20.18
N ARG F 237 -42.17 -20.71 20.92
CA ARG F 237 -41.65 -21.90 21.59
C ARG F 237 -42.08 -23.15 20.83
N ALA F 238 -41.11 -23.88 20.30
CA ALA F 238 -41.35 -25.13 19.60
C ALA F 238 -40.89 -26.29 20.47
N SER F 239 -41.72 -27.33 20.56
CA SER F 239 -41.39 -28.51 21.35
C SER F 239 -41.92 -29.76 20.65
N TRP F 240 -41.25 -30.88 20.89
CA TRP F 240 -41.57 -32.15 20.24
C TRP F 240 -41.15 -33.29 21.16
N THR F 241 -41.24 -34.51 20.65
CA THR F 241 -40.85 -35.71 21.40
C THR F 241 -40.08 -36.66 20.51
N TYR F 242 -39.19 -37.43 21.13
CA TYR F 242 -38.54 -38.54 20.45
C TYR F 242 -39.57 -39.40 19.73
N PRO F 243 -39.28 -39.87 18.50
CA PRO F 243 -40.14 -40.89 17.90
C PRO F 243 -40.25 -42.12 18.77
N ALA F 244 -41.47 -42.62 18.91
CA ALA F 244 -41.73 -43.78 19.77
C ALA F 244 -40.85 -44.97 19.39
N SER F 245 -40.52 -45.11 18.10
CA SER F 245 -39.70 -46.23 17.67
C SER F 245 -38.28 -46.18 18.25
N TRP F 246 -37.85 -45.01 18.72
CA TRP F 246 -36.48 -44.81 19.18
C TRP F 246 -36.47 -44.75 20.71
N PRO F 247 -35.99 -45.78 21.41
CA PRO F 247 -36.10 -45.79 22.88
C PRO F 247 -35.24 -44.76 23.59
N CYS F 248 -34.44 -43.98 22.85
CA CYS F 248 -33.77 -42.79 23.38
C CYS F 248 -32.98 -43.10 24.65
N GLN F 249 -32.32 -44.25 24.67
CA GLN F 249 -31.33 -44.55 25.70
C GLN F 249 -30.28 -43.44 25.71
N PRO F 250 -29.68 -43.13 26.87
CA PRO F 250 -28.77 -41.97 26.94
C PRO F 250 -27.54 -42.10 26.07
N HIS F 251 -27.13 -43.31 25.71
CA HIS F 251 -26.02 -43.52 24.78
C HIS F 251 -26.45 -43.48 23.30
N PHE F 252 -27.76 -43.44 23.02
CA PHE F 252 -28.29 -43.39 21.66
C PHE F 252 -29.25 -42.21 21.50
N LEU F 253 -28.84 -41.04 21.99
CA LEU F 253 -29.60 -39.82 21.78
C LEU F 253 -29.68 -39.47 20.31
N LEU F 254 -30.75 -38.77 19.92
CA LEU F 254 -30.84 -38.12 18.63
C LEU F 254 -30.40 -36.66 18.70
N LYS F 255 -29.95 -36.14 17.56
CA LYS F 255 -29.83 -34.71 17.31
C LYS F 255 -30.93 -34.29 16.35
N PHE F 256 -31.61 -33.19 16.65
CA PHE F 256 -32.73 -32.71 15.86
C PHE F 256 -32.37 -31.44 15.11
N ARG F 257 -32.90 -31.31 13.90
CA ARG F 257 -32.77 -30.12 13.07
C ARG F 257 -34.16 -29.58 12.77
N LEU F 258 -34.34 -28.27 12.94
CA LEU F 258 -35.65 -27.63 12.88
C LEU F 258 -35.65 -26.51 11.85
N GLN F 259 -36.73 -26.43 11.07
CA GLN F 259 -36.93 -25.39 10.07
C GLN F 259 -38.23 -24.64 10.34
N TYR F 260 -38.17 -23.32 10.20
CA TYR F 260 -39.32 -22.45 10.40
C TYR F 260 -39.34 -21.35 9.36
N ARG F 261 -40.55 -20.98 8.93
CA ARG F 261 -40.76 -19.90 7.98
C ARG F 261 -42.18 -19.37 8.15
N PRO F 262 -42.44 -18.12 7.80
CA PRO F 262 -43.82 -17.64 7.71
C PRO F 262 -44.67 -18.51 6.80
N ALA F 263 -45.99 -18.46 6.98
CA ALA F 263 -46.90 -19.31 6.20
C ALA F 263 -46.61 -19.21 4.71
N GLN F 264 -46.71 -17.99 4.16
CA GLN F 264 -46.59 -17.83 2.72
C GLN F 264 -45.14 -17.77 2.26
N HIS F 265 -44.26 -17.15 3.05
CA HIS F 265 -42.86 -17.00 2.65
C HIS F 265 -42.19 -18.38 2.60
N PRO F 266 -41.71 -18.83 1.44
CA PRO F 266 -41.28 -20.24 1.32
C PRO F 266 -39.90 -20.52 1.88
N ALA F 267 -39.04 -19.52 2.04
CA ALA F 267 -37.67 -19.77 2.47
C ALA F 267 -37.64 -20.27 3.91
N TRP F 268 -37.01 -21.42 4.12
CA TRP F 268 -36.88 -22.00 5.45
C TRP F 268 -35.63 -21.47 6.14
N SER F 269 -35.82 -20.74 7.23
CA SER F 269 -34.76 -20.61 8.23
C SER F 269 -34.50 -21.96 8.88
N THR F 270 -33.21 -22.27 9.08
CA THR F 270 -32.79 -23.55 9.62
C THR F 270 -31.98 -23.37 10.89
N VAL F 271 -32.37 -24.09 11.94
CA VAL F 271 -31.63 -24.13 13.20
C VAL F 271 -31.50 -25.58 13.63
N GLU F 272 -30.50 -25.84 14.49
CA GLU F 272 -30.18 -27.18 14.98
C GLU F 272 -30.28 -27.16 16.50
N PRO F 273 -31.50 -27.17 17.04
CA PRO F 273 -31.67 -27.03 18.49
C PRO F 273 -31.02 -28.17 19.27
N ALA F 274 -30.68 -27.87 20.51
CA ALA F 274 -30.26 -28.88 21.48
C ALA F 274 -31.45 -29.24 22.35
N GLY F 275 -31.73 -30.53 22.44
CA GLY F 275 -32.88 -31.00 23.19
C GLY F 275 -34.20 -30.73 22.49
N LEU F 276 -35.27 -31.20 23.14
CA LEU F 276 -36.63 -31.19 22.63
C LEU F 276 -37.28 -29.82 22.59
N GLU F 277 -36.60 -28.71 22.80
CA GLU F 277 -37.26 -27.41 22.87
C GLU F 277 -36.35 -26.35 22.25
N GLU F 278 -36.96 -25.42 21.52
CA GLU F 278 -36.25 -24.31 20.93
C GLU F 278 -37.13 -23.06 21.02
N VAL F 279 -36.51 -21.93 21.31
CA VAL F 279 -37.17 -20.62 21.25
C VAL F 279 -36.69 -19.91 19.99
N ILE F 280 -37.60 -19.75 19.03
CA ILE F 280 -37.32 -18.98 17.82
C ILE F 280 -37.37 -17.51 18.17
N THR F 281 -36.22 -16.84 18.15
CA THR F 281 -36.09 -15.48 18.62
C THR F 281 -36.42 -14.41 17.57
N ASP F 282 -36.76 -14.81 16.34
CA ASP F 282 -36.96 -13.84 15.26
C ASP F 282 -38.27 -14.05 14.51
N ALA F 283 -39.23 -14.74 15.11
CA ALA F 283 -40.52 -14.93 14.46
C ALA F 283 -41.18 -13.60 14.17
N VAL F 284 -41.62 -13.42 12.92
CA VAL F 284 -42.28 -12.18 12.51
C VAL F 284 -43.58 -12.02 13.27
N ALA F 285 -43.67 -10.95 14.05
CA ALA F 285 -44.84 -10.66 14.87
C ALA F 285 -46.15 -10.87 14.12
N GLY F 286 -47.00 -11.74 14.66
CA GLY F 286 -48.33 -11.97 14.15
C GLY F 286 -48.44 -12.74 12.85
N LEU F 287 -47.34 -13.19 12.27
CA LEU F 287 -47.44 -14.06 11.10
C LEU F 287 -47.40 -15.52 11.53
N PRO F 288 -48.38 -16.34 11.14
CA PRO F 288 -48.25 -17.79 11.40
C PRO F 288 -47.02 -18.37 10.72
N HIS F 289 -46.21 -19.07 11.49
CA HIS F 289 -45.04 -19.77 10.99
C HIS F 289 -45.28 -21.27 10.99
N ALA F 290 -44.97 -21.92 9.87
CA ALA F 290 -44.88 -23.37 9.82
C ALA F 290 -43.53 -23.83 10.35
N VAL F 291 -43.54 -24.90 11.15
CA VAL F 291 -42.33 -25.47 11.71
C VAL F 291 -42.29 -26.96 11.38
N ARG F 292 -41.10 -27.46 11.09
CA ARG F 292 -40.87 -28.88 10.83
C ARG F 292 -39.51 -29.28 11.38
N VAL F 293 -39.37 -30.56 11.71
CA VAL F 293 -38.16 -31.08 12.34
C VAL F 293 -37.69 -32.36 11.66
N SER F 294 -36.40 -32.63 11.77
CA SER F 294 -35.79 -33.87 11.33
C SER F 294 -34.79 -34.32 12.39
N ALA F 295 -34.59 -35.63 12.48
CA ALA F 295 -33.73 -36.21 13.51
C ALA F 295 -32.60 -37.00 12.89
N ARG F 296 -31.49 -37.07 13.63
CA ARG F 296 -30.35 -37.92 13.29
C ARG F 296 -29.71 -38.41 14.59
N ASP F 297 -29.02 -39.55 14.49
CA ASP F 297 -28.15 -39.96 15.58
C ASP F 297 -27.19 -38.84 15.95
N PHE F 298 -27.08 -38.56 17.25
CA PHE F 298 -26.24 -37.47 17.74
C PHE F 298 -24.78 -37.56 17.27
N LEU F 299 -24.28 -38.74 16.91
CA LEU F 299 -22.95 -38.85 16.33
C LEU F 299 -22.94 -38.72 14.81
N ASP F 300 -24.06 -38.32 14.22
CA ASP F 300 -24.22 -38.25 12.76
C ASP F 300 -24.01 -39.62 12.11
N ALA F 301 -24.40 -40.68 12.80
CA ALA F 301 -24.64 -41.96 12.15
C ALA F 301 -25.86 -41.87 11.23
N GLY F 302 -25.88 -42.75 10.23
CA GLY F 302 -27.02 -42.83 9.34
C GLY F 302 -27.30 -41.52 8.63
N THR F 303 -28.58 -41.23 8.42
CA THR F 303 -29.00 -40.06 7.68
C THR F 303 -30.17 -39.38 8.38
N TRP F 304 -30.34 -38.10 8.10
CA TRP F 304 -31.45 -37.34 8.66
C TRP F 304 -32.78 -37.98 8.29
N SER F 305 -33.68 -38.04 9.26
CA SER F 305 -35.06 -38.42 9.00
C SER F 305 -35.71 -37.49 8.00
N THR F 306 -36.75 -37.99 7.33
CA THR F 306 -37.70 -37.10 6.67
C THR F 306 -38.24 -36.08 7.65
N TRP F 307 -38.52 -34.88 7.14
CA TRP F 307 -39.13 -33.85 7.95
C TRP F 307 -40.50 -34.28 8.46
N SER F 308 -40.78 -33.97 9.72
CA SER F 308 -42.12 -34.09 10.26
C SER F 308 -43.11 -33.27 9.43
N PRO F 309 -44.40 -33.57 9.56
CA PRO F 309 -45.42 -32.62 9.09
C PRO F 309 -45.24 -31.23 9.65
N GLU F 310 -45.75 -30.21 8.95
CA GLU F 310 -45.63 -28.84 9.40
C GLU F 310 -46.63 -28.54 10.51
N ALA F 311 -46.19 -27.74 11.49
CA ALA F 311 -47.03 -27.30 12.58
C ALA F 311 -47.16 -25.77 12.52
N TRP F 312 -48.33 -25.29 12.90
CA TRP F 312 -48.68 -23.88 12.79
C TRP F 312 -48.73 -23.25 14.18
N GLY F 313 -48.08 -22.10 14.34
CA GLY F 313 -48.14 -21.35 15.57
C GLY F 313 -48.00 -19.85 15.36
N THR F 314 -48.78 -19.08 16.12
CA THR F 314 -48.84 -17.63 15.96
C THR F 314 -48.13 -16.92 17.11
N PRO F 315 -47.18 -16.02 16.84
CA PRO F 315 -46.56 -15.27 17.93
C PRO F 315 -47.58 -14.53 18.78
N SER F 316 -47.25 -14.37 20.06
CA SER F 316 -48.10 -13.65 20.98
C SER F 316 -48.28 -12.20 20.52
N THR F 317 -49.36 -11.59 21.00
CA THR F 317 -49.56 -10.14 20.86
C THR F 317 -48.36 -9.38 21.38
C1 NAG G . -3.03 -45.13 -31.08
C2 NAG G . -2.11 -44.83 -32.27
C3 NAG G . -2.93 -44.40 -33.48
C4 NAG G . -4.05 -45.40 -33.76
C5 NAG G . -4.87 -45.58 -32.48
C6 NAG G . -6.04 -46.53 -32.63
C7 NAG G . 0.14 -44.05 -31.65
C8 NAG G . 0.94 -42.81 -31.32
N2 NAG G . -1.15 -43.82 -31.93
O3 NAG G . -2.06 -44.27 -34.57
O4 NAG G . -4.84 -44.90 -34.82
O5 NAG G . -4.02 -46.06 -31.46
O6 NAG G . -5.57 -47.84 -32.84
O7 NAG G . 0.65 -45.16 -31.65
H1 NAG G . -3.46 -44.30 -30.81
H2 NAG G . -1.63 -45.65 -32.50
H3 NAG G . -3.35 -43.55 -33.27
H4 NAG G . -3.64 -46.25 -33.99
H5 NAG G . -5.25 -44.72 -32.24
H61 NAG G . -6.59 -46.47 -31.83
H62 NAG G . -6.59 -46.22 -33.36
H81 NAG G . 0.90 -42.20 -32.07
H82 NAG G . 0.54 -42.36 -30.56
H83 NAG G . 1.87 -42.99 -31.12
HN2 NAG G . -1.43 -43.01 -31.91
HO3 NAG G . -2.12 -44.98 -35.04
HO6 NAG G . -6.23 -48.38 -32.74
C1 NAG G . -4.87 -45.86 -35.89
C2 NAG G . -5.99 -45.45 -36.86
C3 NAG G . -5.99 -46.37 -38.08
C4 NAG G . -4.60 -46.44 -38.70
C5 NAG G . -3.60 -46.84 -37.62
C6 NAG G . -2.17 -46.96 -38.10
C7 NAG G . -8.00 -44.42 -35.85
C8 NAG G . -9.32 -44.74 -35.19
N2 NAG G . -7.28 -45.50 -36.21
O3 NAG G . -6.95 -45.89 -38.99
O4 NAG G . -4.64 -47.38 -39.75
O5 NAG G . -3.65 -45.88 -36.58
O6 NAG G . -1.73 -45.70 -38.57
O7 NAG G . -7.65 -43.27 -36.05
H1 NAG G . -5.07 -46.74 -35.54
H2 NAG G . -5.83 -44.54 -37.15
H3 NAG G . -6.21 -47.27 -37.78
H4 NAG G . -4.37 -45.56 -39.03
H5 NAG G . -3.85 -47.71 -37.28
H61 NAG G . -1.63 -47.29 -37.38
H62 NAG G . -2.15 -47.63 -38.81
H81 NAG G . -9.16 -45.33 -34.43
H82 NAG G . -9.70 -43.92 -34.83
H83 NAG G . -9.96 -45.16 -35.77
HN2 NAG G . -7.59 -46.28 -36.04
HO3 NAG G . -7.08 -46.50 -39.57
HO4 NAG G . -4.48 -46.99 -40.48
HO6 NAG G . -0.89 -45.77 -38.75
C1 NAG H . 29.01 4.96 46.39
C2 NAG H . 27.96 4.88 47.50
C3 NAG H . 27.61 6.28 48.01
C4 NAG H . 28.87 7.05 48.38
C5 NAG H . 29.80 7.05 47.16
C6 NAG H . 31.09 7.81 47.37
C7 NAG H . 26.45 2.94 47.33
C8 NAG H . 25.15 2.47 46.71
N2 NAG H . 26.78 4.21 47.04
O3 NAG H . 26.74 6.13 49.11
O4 NAG H . 28.48 8.35 48.74
O5 NAG H . 30.11 5.72 46.84
O6 NAG H . 31.88 7.17 48.33
O7 NAG H . 27.12 2.20 48.04
H1 NAG H . 28.61 5.43 45.63
H2 NAG H . 28.34 4.36 48.23
H3 NAG H . 27.17 6.76 47.29
H4 NAG H . 29.30 6.59 49.11
H5 NAG H . 29.34 7.48 46.42
H61 NAG H . 31.54 7.90 46.52
H62 NAG H . 30.85 8.72 47.66
H81 NAG H . 24.43 3.04 47.01
H82 NAG H . 25.21 2.55 45.75
H83 NAG H . 24.93 1.55 46.93
HN2 NAG H . 26.26 4.66 46.53
HO3 NAG H . 27.21 6.21 49.82
HO6 NAG H . 32.66 7.50 48.33
C1 NAG H . 28.95 8.64 50.07
C2 NAG H . 28.84 10.16 50.31
C3 NAG H . 29.22 10.50 51.75
C4 NAG H . 28.42 9.64 52.72
C5 NAG H . 28.63 8.16 52.36
C6 NAG H . 27.91 7.20 53.27
C7 NAG H . 29.25 11.61 48.35
C8 NAG H . 30.33 12.27 47.54
N2 NAG H . 29.69 10.88 49.40
O3 NAG H . 28.98 11.86 51.96
O4 NAG H . 28.90 9.92 54.02
O5 NAG H . 28.19 7.96 51.03
O6 NAG H . 26.51 7.40 53.17
O7 NAG H . 28.06 11.74 48.07
H1 NAG H . 29.88 8.39 50.16
H2 NAG H . 27.92 10.42 50.16
H3 NAG H . 30.16 10.29 51.87
H4 NAG H . 27.48 9.85 52.63
H5 NAG H . 29.57 7.95 52.43
H61 NAG H . 28.16 6.29 53.02
H62 NAG H . 28.23 7.33 54.18
H81 NAG H . 30.98 11.61 47.28
H82 NAG H . 29.95 12.65 46.74
H83 NAG H . 30.80 12.98 48.02
HN2 NAG H . 30.53 10.84 49.53
HO3 NAG H . 29.37 12.09 52.68
HO4 NAG H . 28.26 10.25 54.48
HO6 NAG H . 26.12 6.78 53.62
C1 NAG I . 67.88 5.43 0.95
C2 NAG I . 68.09 6.41 -0.21
C3 NAG I . 69.01 5.77 -1.25
C4 NAG I . 70.30 5.33 -0.58
C5 NAG I . 69.99 4.45 0.65
C6 NAG I . 71.22 4.02 1.41
C7 NAG I . 66.01 5.99 -1.45
C8 NAG I . 64.76 6.64 -1.99
N2 NAG I . 66.84 6.81 -0.80
O3 NAG I . 69.25 6.71 -2.26
O4 NAG I . 71.02 4.60 -1.55
O5 NAG I . 69.13 5.14 1.53
O6 NAG I . 72.15 5.08 1.45
O7 NAG I . 66.22 4.80 -1.62
H1 NAG I . 67.50 4.61 0.58
H2 NAG I . 68.53 7.20 0.14
H3 NAG I . 68.57 4.98 -1.60
H4 NAG I . 70.79 6.11 -0.29
H5 NAG I . 69.55 3.64 0.33
H61 NAG I . 70.95 3.73 2.29
H62 NAG I . 71.58 3.24 0.96
H81 NAG I . 64.56 7.43 -1.47
H82 NAG I . 64.90 6.91 -2.91
H83 NAG I . 63.97 6.05 -1.97
HN2 NAG I . 66.62 7.64 -0.73
HO3 NAG I . 69.91 7.19 -2.02
HO6 NAG I . 72.11 5.44 2.22
C1 NAG I . 72.12 5.39 -2.05
C2 NAG I . 72.82 4.59 -3.15
C3 NAG I . 73.95 5.42 -3.74
C4 NAG I . 73.43 6.76 -4.22
C5 NAG I . 72.70 7.45 -3.04
C6 NAG I . 72.14 8.81 -3.38
C7 NAG I . 74.19 3.20 -1.65
C8 NAG I . 74.53 1.77 -1.30
N2 NAG I . 73.30 3.33 -2.65
O3 NAG I . 74.55 4.68 -4.78
O4 NAG I . 74.52 7.52 -4.67
O5 NAG I . 71.65 6.61 -2.60
O6 NAG I . 71.37 8.73 -4.57
O7 NAG I . 74.71 4.14 -1.07
H1 NAG I . 72.74 5.58 -1.34
H2 NAG I . 72.18 4.41 -3.85
H3 NAG I . 74.60 5.60 -3.03
H4 NAG I . 72.78 6.60 -4.93
H5 NAG I . 73.35 7.59 -2.33
H61 NAG I . 71.62 9.13 -2.63
H62 NAG I . 72.88 9.43 -3.48
H81 NAG I . 75.13 1.77 -0.53
H82 NAG I . 73.72 1.31 -1.03
H83 NAG I . 74.95 1.27 -2.02
HN2 NAG I . 72.97 2.62 -3.01
HO3 NAG I . 74.92 5.24 -5.31
HO4 NAG I . 74.44 7.66 -5.50
HO6 NAG I . 70.71 9.26 -4.49
C1 NAG J . 68.04 3.55 25.71
C2 NAG J . 67.97 2.29 26.58
C3 NAG J . 68.63 2.58 27.92
C4 NAG J . 70.05 3.08 27.70
C5 NAG J . 70.02 4.28 26.75
C6 NAG J . 71.40 4.80 26.41
C7 NAG J . 66.03 0.91 25.97
C8 NAG J . 64.60 0.60 26.32
N2 NAG J . 66.62 1.84 26.73
O3 NAG J . 68.60 1.40 28.68
O4 NAG J . 70.56 3.44 28.96
O5 NAG J . 69.39 3.92 25.54
O6 NAG J . 71.43 5.22 25.08
O7 NAG J . 66.59 0.35 25.04
H1 NAG J . 67.57 4.27 26.16
H2 NAG J . 68.47 1.59 26.12
H3 NAG J . 68.12 3.29 28.35
H4 NAG J . 70.55 2.36 27.29
H5 NAG J . 69.54 5.01 27.18
H61 NAG J . 71.62 5.52 27.03
H62 NAG J . 72.04 4.09 26.59
H81 NAG J . 64.26 1.28 26.92
H82 NAG J . 64.06 0.62 25.52
H83 NAG J . 64.48 -0.26 26.75
HN2 NAG J . 66.16 2.19 27.37
HO3 NAG J . 69.38 1.27 28.98
HO6 NAG J . 70.92 4.72 24.62
C1 NAG J . 71.67 2.59 29.29
C2 NAG J . 72.44 3.21 30.47
C3 NAG J . 73.59 2.30 30.86
C4 NAG J . 73.07 0.89 31.14
C5 NAG J . 72.28 0.40 29.93
C6 NAG J . 71.68 -0.98 30.11
C7 NAG J . 72.30 5.67 30.48
C8 NAG J . 72.98 6.93 30.02
N2 NAG J . 72.92 4.52 30.13
O3 NAG J . 74.22 2.86 31.99
O4 NAG J . 74.20 0.07 31.40
O5 NAG J . 71.23 1.30 29.65
O6 NAG J . 70.62 -0.92 31.04
O7 NAG J . 71.25 5.70 31.13
H1 NAG J . 72.28 2.51 28.53
H2 NAG J . 71.82 3.29 31.21
H3 NAG J . 74.21 2.24 30.12
H4 NAG J . 72.49 0.93 31.91
H5 NAG J . 72.88 0.34 29.17
H61 NAG J . 71.38 -1.30 29.24
H62 NAG J . 72.39 -1.57 30.40
H81 NAG J . 72.35 7.47 29.54
H82 NAG J . 73.27 7.44 30.80
H83 NAG J . 73.75 6.77 29.45
HN2 NAG J . 73.64 4.57 29.67
HO3 NAG J . 74.69 3.51 31.73
HO4 NAG J . 74.58 0.35 32.11
HO6 NAG J . 70.26 -1.69 31.07
C1 NAG K . -36.20 -54.93 17.90
C2 NAG K . -37.47 -54.27 18.42
C3 NAG K . -37.72 -54.70 19.87
C4 NAG K . -37.74 -56.22 19.95
C5 NAG K . -36.49 -56.80 19.29
C6 NAG K . -36.49 -58.32 19.27
C7 NAG K . -36.53 -52.06 18.99
C8 NAG K . -36.64 -50.59 18.72
N2 NAG K . -37.39 -52.83 18.32
O3 NAG K . -38.93 -54.12 20.29
O4 NAG K . -37.81 -56.54 21.32
O5 NAG K . -36.37 -56.33 17.97
O6 NAG K . -37.77 -58.80 19.00
O7 NAG K . -35.71 -52.50 19.78
H1 NAG K . -35.46 -54.69 18.49
H2 NAG K . -38.22 -54.57 17.87
H3 NAG K . -36.98 -54.39 20.41
H4 NAG K . -38.53 -56.53 19.48
H5 NAG K . -35.72 -56.54 19.81
H61 NAG K . -35.84 -58.61 18.61
H62 NAG K . -36.15 -58.63 20.13
H81 NAG K . -37.04 -50.45 17.84
H82 NAG K . -37.23 -50.18 19.37
H83 NAG K . -35.79 -50.12 18.74
HN2 NAG K . -37.95 -52.45 17.77
HO3 NAG K . -39.56 -54.65 20.07
HO6 NAG K . -37.80 -59.04 18.19
C1 NAG K . -39.14 -56.96 21.67
C2 NAG K . -39.17 -57.23 23.18
C3 NAG K . -40.58 -57.66 23.60
C4 NAG K . -41.58 -56.60 23.14
C5 NAG K . -41.43 -56.39 21.64
C6 NAG K . -42.38 -55.36 21.07
C7 NAG K . -38.20 -59.50 23.08
C8 NAG K . -37.07 -60.37 23.60
N2 NAG K . -38.20 -58.23 23.54
O3 NAG K . -40.58 -57.84 24.99
O4 NAG K . -42.86 -57.06 23.49
O5 NAG K . -40.10 -55.98 21.36
O6 NAG K . -42.33 -54.18 21.82
O7 NAG K . -39.02 -59.95 22.30
H1 NAG K . -39.36 -57.78 21.19
H2 NAG K . -38.94 -56.41 23.64
H3 NAG K . -40.79 -58.48 23.14
H4 NAG K . -41.37 -55.78 23.61
H5 NAG K . -41.61 -57.22 21.19
H61 NAG K . -42.15 -55.21 20.13
H62 NAG K . -43.27 -55.76 21.07
H81 NAG K . -37.10 -61.24 23.18
H82 NAG K . -36.22 -59.96 23.37
H83 NAG K . -37.09 -60.50 24.57
HN2 NAG K . -37.59 -58.00 24.09
HO3 NAG K . -41.38 -57.73 25.25
HO4 NAG K . -43.20 -56.54 24.07
HO6 NAG K . -42.42 -53.52 21.29
C1 NAG L . -26.81 -67.74 -1.19
C2 NAG L . -25.47 -68.47 -1.29
C3 NAG L . -25.58 -69.59 -2.32
C4 NAG L . -26.74 -70.50 -1.95
C5 NAG L . -28.02 -69.68 -1.78
C6 NAG L . -29.20 -70.50 -1.35
C7 NAG L . -23.61 -66.97 -0.72
C8 NAG L . -22.56 -66.05 -1.29
N2 NAG L . -24.40 -67.56 -1.61
O3 NAG L . -24.36 -70.27 -2.36
O4 NAG L . -26.88 -71.45 -2.99
O5 NAG L . -27.81 -68.67 -0.83
O6 NAG L . -30.00 -69.75 -0.45
O7 NAG L . -23.71 -67.14 0.49
H1 NAG L . -27.02 -67.37 -2.06
H2 NAG L . -25.27 -68.86 -0.42
H3 NAG L . -25.78 -69.18 -3.18
H4 NAG L . -26.52 -70.93 -1.10
H5 NAG L . -28.25 -69.29 -2.64
H61 NAG L . -29.70 -70.77 -2.14
H62 NAG L . -28.87 -71.31 -0.93
H81 NAG L . -22.77 -65.88 -2.22
H82 NAG L . -22.58 -65.21 -0.82
H83 NAG L . -21.66 -66.41 -1.24
HN2 NAG L . -24.27 -67.40 -2.45
HO3 NAG L . -24.52 -71.10 -2.29
HO6 NAG L . -29.48 -69.26 0.00
C1 NAG L . -26.60 -72.78 -2.48
C2 NAG L . -27.09 -73.80 -3.52
C3 NAG L . -26.77 -75.20 -3.03
C4 NAG L . -25.28 -75.31 -2.71
C5 NAG L . -24.88 -74.21 -1.73
C6 NAG L . -23.41 -74.19 -1.38
C7 NAG L . -29.03 -72.99 -4.79
C8 NAG L . -30.55 -72.96 -4.83
N2 NAG L . -28.50 -73.65 -3.75
O3 NAG L . -27.16 -76.11 -4.02
O4 NAG L . -25.06 -76.60 -2.17
O5 NAG L . -25.21 -72.95 -2.29
O6 NAG L . -22.66 -73.75 -2.49
O7 NAG L . -28.37 -72.44 -5.65
H1 NAG L . -27.06 -72.92 -1.64
H2 NAG L . -26.62 -73.63 -4.36
H3 NAG L . -27.25 -75.36 -2.20
H4 NAG L . -24.78 -75.20 -3.54
H5 NAG L . -25.37 -74.34 -0.90
H61 NAG L . -23.28 -73.61 -0.61
H62 NAG L . -23.16 -75.08 -1.10
H81 NAG L . -30.85 -72.05 -4.90
H82 NAG L . -30.85 -73.44 -5.62
H83 NAG L . -30.96 -73.36 -4.04
HN2 NAG L . -29.03 -74.01 -3.18
HO3 NAG L . -28.00 -76.18 -3.98
HO4 NAG L . -25.23 -77.18 -2.76
HO6 NAG L . -21.85 -73.69 -2.26
C1 NAG M . -16.17 -66.37 -17.29
C2 NAG M . -15.87 -67.03 -18.64
C3 NAG M . -17.07 -66.92 -19.56
C4 NAG M . -18.31 -67.46 -18.87
C5 NAG M . -18.49 -66.76 -17.53
C6 NAG M . -19.69 -67.24 -16.73
C7 NAG M . -13.51 -67.04 -19.37
C8 NAG M . -12.44 -66.20 -20.03
N2 NAG M . -14.70 -66.43 -19.24
O3 NAG M . -16.79 -67.62 -20.75
O4 NAG M . -19.41 -67.25 -19.73
O5 NAG M . -17.33 -66.94 -16.74
O6 NAG M . -19.30 -68.32 -15.91
O7 NAG M . -13.29 -68.18 -19.00
H1 NAG M . -16.32 -65.42 -17.43
H2 NAG M . -15.67 -67.97 -18.48
H3 NAG M . -17.23 -65.98 -19.75
H4 NAG M . -18.17 -68.41 -18.71
H5 NAG M . -18.63 -65.82 -17.69
H61 NAG M . -20.03 -66.50 -16.21
H62 NAG M . -20.38 -67.49 -17.36
H81 NAG M . -12.23 -65.45 -19.45
H82 NAG M . -11.63 -66.73 -20.12
H83 NAG M . -12.69 -65.86 -20.91
HN2 NAG M . -14.78 -65.62 -19.52
HO3 NAG M . -16.11 -67.24 -21.11
HO4 NAG M . -19.70 -68.00 -19.99
HO6 NAG M . -19.00 -68.00 -15.18
C1 NAG N . -2.01 -64.66 -19.49
C2 NAG N . -0.89 -65.60 -19.09
C3 NAG N . 0.19 -64.80 -18.35
C4 NAG N . 0.65 -63.63 -19.21
C5 NAG N . -0.55 -62.81 -19.68
C6 NAG N . -0.19 -61.70 -20.63
C7 NAG N . -1.60 -67.93 -18.71
C8 NAG N . -2.12 -68.88 -17.66
N2 NAG N . -1.37 -66.67 -18.26
O3 NAG N . 1.25 -65.67 -18.04
O4 NAG N . 1.52 -62.84 -18.42
O5 NAG N . -1.49 -63.66 -20.33
O6 NAG N . 0.35 -62.23 -21.80
O7 NAG N . -1.42 -68.28 -19.86
H1 NAG N . -2.36 -64.24 -18.69
H2 NAG N . -0.50 -65.98 -19.89
H3 NAG N . -0.20 -64.43 -17.55
H4 NAG N . 1.11 -63.98 -19.99
H5 NAG N . -0.97 -62.40 -18.91
H61 NAG N . -0.99 -61.16 -20.80
H62 NAG N . 0.43 -61.10 -20.17
H81 NAG N . -1.51 -68.88 -16.91
H82 NAG N . -2.98 -68.58 -17.34
H83 NAG N . -2.20 -69.79 -17.98
HN2 NAG N . -1.52 -66.50 -17.43
HO3 NAG N . 1.87 -65.21 -17.69
HO4 NAG N . 2.03 -62.41 -18.92
HO6 NAG N . 0.76 -61.60 -22.22
C1 NAG O . 16.71 -13.60 -21.55
C2 NAG O . 15.85 -12.81 -22.55
C3 NAG O . 15.98 -11.32 -22.24
C4 NAG O . 15.59 -11.07 -20.79
C5 NAG O . 16.41 -11.98 -19.87
C6 NAG O . 16.06 -11.85 -18.41
C7 NAG O . 15.39 -13.45 -24.88
C8 NAG O . 16.04 -13.70 -26.23
N2 NAG O . 16.25 -13.09 -23.90
O3 NAG O . 15.16 -10.62 -23.13
O4 NAG O . 15.83 -9.70 -20.53
O5 NAG O . 16.25 -13.33 -20.25
O6 NAG O . 14.86 -12.55 -18.15
O7 NAG O . 14.19 -13.58 -24.71
H1 NAG O . 17.62 -13.31 -21.62
H2 NAG O . 14.94 -13.08 -22.44
H3 NAG O . 16.90 -11.07 -22.34
H4 NAG O . 14.65 -11.28 -20.68
H5 NAG O . 17.35 -11.73 -19.95
H61 NAG O . 16.79 -12.19 -17.88
H62 NAG O . 15.98 -10.91 -18.20
H81 NAG O . 16.66 -14.44 -26.16
H82 NAG O . 15.35 -13.96 -26.86
H83 NAG O . 16.50 -12.93 -26.59
HN2 NAG O . 17.09 -13.03 -24.09
HO3 NAG O . 14.63 -10.14 -22.68
HO4 NAG O . 15.13 -9.36 -20.18
HO6 NAG O . 14.86 -13.26 -18.62
C1 NAG P . 12.70 -34.08 -7.30
C2 NAG P . 12.40 -35.54 -7.70
C3 NAG P . 11.73 -36.30 -6.56
C4 NAG P . 12.49 -36.11 -5.26
C5 NAG P . 12.61 -34.61 -5.00
C6 NAG P . 13.29 -34.26 -3.69
C7 NAG P . 11.88 -36.18 -10.03
C8 NAG P . 10.82 -36.07 -11.10
N2 NAG P . 11.57 -35.58 -8.87
O3 NAG P . 11.66 -37.66 -6.94
O4 NAG P . 11.77 -36.77 -4.24
O5 NAG P . 13.35 -34.04 -6.05
O6 NAG P . 14.62 -34.75 -3.70
O7 NAG P . 12.93 -36.77 -10.23
H1 NAG P . 11.85 -33.62 -7.24
H2 NAG P . 13.25 -35.97 -7.91
H3 NAG P . 10.85 -35.93 -6.45
H4 NAG P . 13.38 -36.48 -5.37
H5 NAG P . 11.72 -34.23 -4.96
H61 NAG P . 13.26 -33.29 -3.59
H62 NAG P . 12.77 -34.63 -2.97
H81 NAG P . 10.96 -35.27 -11.61
H82 NAG P . 10.92 -36.82 -11.71
H83 NAG P . 9.92 -36.07 -10.75
HN2 NAG P . 10.81 -35.19 -8.81
HO3 NAG P . 11.97 -38.12 -6.30
HO4 NAG P . 12.32 -37.23 -3.78
HO6 NAG P . 15.07 -34.27 -4.23
C1 NAG Q . 23.81 10.36 3.58
C2 NAG Q . 25.09 10.25 4.43
C3 NAG Q . 24.74 9.89 5.86
C4 NAG Q . 23.69 10.84 6.41
C5 NAG Q . 22.47 10.83 5.47
C6 NAG Q . 21.34 11.72 5.92
C7 NAG Q . 27.08 9.59 3.15
C8 NAG Q . 27.88 8.39 2.67
N2 NAG Q . 25.99 9.29 3.87
O3 NAG Q . 25.92 9.93 6.61
O4 NAG Q . 23.33 10.39 7.70
O5 NAG Q . 22.90 11.24 4.19
O6 NAG Q . 21.83 13.04 6.12
O7 NAG Q . 27.42 10.73 2.87
H1 NAG Q . 23.40 9.47 3.52
H2 NAG Q . 25.52 11.12 4.41
H3 NAG Q . 24.37 8.99 5.87
H4 NAG Q . 24.06 11.73 6.44
H5 NAG Q . 22.12 9.93 5.43
H61 NAG Q . 20.65 11.70 5.24
H62 NAG Q . 20.97 11.35 6.73
H81 NAG Q . 27.32 7.85 2.09
H82 NAG Q . 28.64 8.70 2.16
H83 NAG Q . 28.20 7.83 3.39
HN2 NAG Q . 25.82 8.46 4.02
HO3 NAG Q . 25.73 9.74 7.42
HO4 NAG Q . 23.31 11.05 8.23
HO6 NAG Q . 21.44 13.55 5.57
C1 NAG R . 57.02 3.07 41.39
C2 NAG R . 57.01 3.30 42.90
C3 NAG R . 57.19 4.79 43.22
C4 NAG R . 58.44 5.31 42.53
C5 NAG R . 58.36 5.00 41.03
C6 NAG R . 59.57 5.46 40.25
C7 NAG R . 55.68 1.71 44.25
C8 NAG R . 54.28 1.39 44.72
N2 NAG R . 55.78 2.80 43.46
O3 NAG R . 57.26 4.93 44.61
O4 NAG R . 58.51 6.69 42.77
O5 NAG R . 58.22 3.60 40.86
O6 NAG R . 60.55 4.44 40.23
O7 NAG R . 56.64 1.03 44.58
H1 NAG R . 56.27 3.54 41.00
H2 NAG R . 57.74 2.80 43.30
H3 NAG R . 56.44 5.27 42.86
H4 NAG R . 59.21 4.85 42.91
H5 NAG R . 57.59 5.46 40.66
H61 NAG R . 59.29 5.70 39.36
H62 NAG R . 59.90 6.27 40.67
H81 NAG R . 53.74 1.15 43.95
H82 NAG R . 54.31 0.62 45.30
H83 NAG R . 53.85 2.12 45.19
HN2 NAG R . 55.06 3.24 43.28
HO3 NAG R . 56.53 4.66 44.94
HO4 NAG R . 59.18 6.86 43.26
HO6 NAG R . 60.37 3.92 39.59
C1 NAG S . 48.30 -7.04 46.82
C2 NAG S . 48.67 -8.44 47.31
C3 NAG S . 47.74 -9.46 46.66
C4 NAG S . 46.29 -9.09 46.94
C5 NAG S . 46.04 -7.63 46.54
C6 NAG S . 44.64 -7.15 46.88
C7 NAG S . 51.04 -8.68 47.91
C8 NAG S . 52.41 -9.05 47.37
N2 NAG S . 50.04 -8.74 47.01
O3 NAG S . 48.07 -10.73 47.17
O4 NAG S . 45.48 -9.97 46.19
O5 NAG S . 46.96 -6.79 47.19
O6 NAG S . 44.45 -7.17 48.27
O7 NAG S . 50.89 -8.36 49.08
H1 NAG S . 48.36 -7.02 45.86
H2 NAG S . 48.55 -8.46 48.27
H3 NAG S . 47.87 -9.43 45.71
H4 NAG S . 46.12 -9.19 47.88
H5 NAG S . 46.13 -7.55 45.58
H61 NAG S . 44.52 -6.26 46.51
H62 NAG S . 44.00 -7.73 46.41
H81 NAG S . 52.36 -9.92 46.94
H82 NAG S . 52.65 -8.40 46.68
H83 NAG S . 53.11 -9.07 48.04
HN2 NAG S . 50.23 -8.98 46.21
HO3 NAG S . 47.50 -11.29 46.86
HO4 NAG S . 44.72 -10.03 46.54
HO6 NAG S . 43.62 -7.13 48.43
C1 NAG T . -3.28 -7.12 29.49
C2 NAG T . -3.85 -5.70 29.64
C3 NAG T . -5.04 -5.53 28.70
C4 NAG T . -4.62 -5.86 27.28
C5 NAG T . -3.97 -7.24 27.24
C6 NAG T . -3.44 -7.62 25.87
C7 NAG T . -3.84 -4.36 31.70
C8 NAG T . -4.35 -4.30 33.12
N2 NAG T . -4.23 -5.44 31.01
O3 NAG T . -5.52 -4.22 28.83
O4 NAG T . -5.77 -5.79 26.47
O5 NAG T . -2.89 -7.30 28.16
O6 NAG T . -2.23 -6.96 25.63
O7 NAG T . -3.12 -3.48 31.25
H1 NAG T . -3.99 -7.75 29.70
H2 NAG T . -3.17 -5.07 29.39
H3 NAG T . -5.73 -6.18 28.96
H4 NAG T . -3.96 -5.19 27.00
H5 NAG T . -4.63 -7.90 27.47
H61 NAG T . -3.34 -8.58 25.83
H62 NAG T . -4.12 -7.40 25.21
H81 NAG T . -4.02 -5.05 33.62
H82 NAG T . -4.01 -3.49 33.55
H83 NAG T . -5.32 -4.28 33.18
HN2 NAG T . -4.73 -6.01 31.39
HO3 NAG T . -5.53 -3.88 28.05
HO4 NAG T . -5.62 -5.29 25.81
HO6 NAG T . -1.79 -6.93 26.35
C1 NAG U . 19.98 -16.55 26.63
C2 NAG U . 21.20 -16.52 27.57
C3 NAG U . 22.50 -16.74 26.82
C4 NAG U . 22.39 -17.96 25.90
C5 NAG U . 21.18 -17.76 24.99
C6 NAG U . 20.98 -18.86 23.97
C7 NAG U . 21.24 -15.13 29.62
C8 NAG U . 21.31 -13.70 30.10
N2 NAG U . 21.25 -15.27 28.28
O3 NAG U . 23.53 -16.88 27.75
O4 NAG U . 23.60 -18.04 25.17
O5 NAG U . 20.03 -17.69 25.80
O6 NAG U . 20.77 -20.08 24.64
O7 NAG U . 21.17 -16.07 30.40
H1 NAG U . 20.01 -15.76 26.09
H2 NAG U . 21.08 -17.23 28.23
H3 NAG U . 22.64 -15.96 26.25
H4 NAG U . 22.25 -18.73 26.45
H5 NAG U . 21.29 -16.94 24.49
H61 NAG U . 20.23 -18.62 23.41
H62 NAG U . 21.76 -18.89 23.40
H81 NAG U . 20.42 -13.34 30.16
H82 NAG U . 21.69 -13.69 31.00
H83 NAG U . 21.84 -13.13 29.53
HN2 NAG U . 21.30 -14.56 27.80
HO3 NAG U . 23.97 -17.58 27.56
HO4 NAG U . 23.86 -18.85 25.18
HO6 NAG U . 19.99 -20.06 24.98
C1 NAG V . -18.51 -18.54 -0.40
C2 NAG V . -18.76 -20.03 -0.64
C3 NAG V . -17.84 -20.56 -1.74
C4 NAG V . -17.96 -19.69 -2.99
C5 NAG V . -17.68 -18.24 -2.60
C6 NAG V . -17.75 -17.27 -3.76
C7 NAG V . -19.55 -21.25 1.36
C8 NAG V . -19.08 -22.01 2.58
N2 NAG V . -18.56 -20.78 0.57
O3 NAG V . -18.19 -21.90 -2.00
O4 NAG V . -17.02 -20.17 -3.93
O5 NAG V . -18.62 -17.84 -1.62
O6 NAG V . -19.00 -17.40 -4.40
O7 NAG V . -20.73 -21.08 1.13
H1 NAG V . -17.61 -18.42 -0.06
H2 NAG V . -19.68 -20.15 -0.92
H3 NAG V . -16.92 -20.50 -1.43
H4 NAG V . -18.86 -19.76 -3.32
H5 NAG V . -16.78 -18.18 -2.24
H61 NAG V . -17.61 -16.37 -3.42
H62 NAG V . -17.01 -17.47 -4.35
H81 NAG V . -18.56 -21.43 3.14
H82 NAG V . -19.85 -22.30 3.09
H83 NAG V . -18.54 -22.80 2.37
HN2 NAG V . -17.75 -20.95 0.80
HO3 NAG V . -17.70 -22.19 -2.61
HO4 NAG V . -17.40 -20.22 -4.68
HO6 NAG V . -19.41 -16.67 -4.33
#